data_4XP8
# 
_entry.id   4XP8 
# 
_audit_conform.dict_name       mmcif_pdbx.dic 
_audit_conform.dict_version    5.399 
_audit_conform.dict_location   http://mmcif.pdb.org/dictionaries/ascii/mmcif_pdbx.dic 
# 
loop_
_database_2.database_id 
_database_2.database_code 
_database_2.pdbx_database_accession 
_database_2.pdbx_DOI 
PDB   4XP8         pdb_00004xp8 10.2210/pdb4xp8/pdb 
WWPDB D_1000206061 ?            ?                   
# 
loop_
_pdbx_audit_revision_history.ordinal 
_pdbx_audit_revision_history.data_content_type 
_pdbx_audit_revision_history.major_revision 
_pdbx_audit_revision_history.minor_revision 
_pdbx_audit_revision_history.revision_date 
1 'Structure model' 1 0 2015-02-18 
2 'Structure model' 1 1 2015-03-04 
3 'Structure model' 1 2 2015-04-29 
4 'Structure model' 1 3 2017-09-06 
5 'Structure model' 1 4 2017-11-22 
6 'Structure model' 1 5 2020-01-08 
7 'Structure model' 1 6 2024-11-20 
# 
_pdbx_audit_revision_details.ordinal             1 
_pdbx_audit_revision_details.revision_ordinal    1 
_pdbx_audit_revision_details.data_content_type   'Structure model' 
_pdbx_audit_revision_details.provider            repository 
_pdbx_audit_revision_details.type                'Initial release' 
_pdbx_audit_revision_details.description         ? 
_pdbx_audit_revision_details.details             ? 
# 
loop_
_pdbx_audit_revision_group.ordinal 
_pdbx_audit_revision_group.revision_ordinal 
_pdbx_audit_revision_group.data_content_type 
_pdbx_audit_revision_group.group 
1  2 'Structure model' 'Database references'        
2  3 'Structure model' 'Database references'        
3  4 'Structure model' 'Author supporting evidence' 
4  4 'Structure model' 'Database references'        
5  4 'Structure model' 'Derived calculations'       
6  4 'Structure model' 'Source and taxonomy'        
7  5 'Structure model' 'Refinement description'     
8  6 'Structure model' 'Author supporting evidence' 
9  7 'Structure model' 'Data collection'            
10 7 'Structure model' 'Database references'        
11 7 'Structure model' 'Structure summary'          
# 
loop_
_pdbx_audit_revision_category.ordinal 
_pdbx_audit_revision_category.revision_ordinal 
_pdbx_audit_revision_category.data_content_type 
_pdbx_audit_revision_category.category 
1  4 'Structure model' citation                  
2  4 'Structure model' entity_src_gen            
3  4 'Structure model' pdbx_audit_support        
4  4 'Structure model' pdbx_struct_oper_list     
5  5 'Structure model' software                  
6  6 'Structure model' pdbx_audit_support        
7  7 'Structure model' chem_comp_atom            
8  7 'Structure model' chem_comp_bond            
9  7 'Structure model' database_2                
10 7 'Structure model' pdbx_entry_details        
11 7 'Structure model' pdbx_modification_feature 
# 
loop_
_pdbx_audit_revision_item.ordinal 
_pdbx_audit_revision_item.revision_ordinal 
_pdbx_audit_revision_item.data_content_type 
_pdbx_audit_revision_item.item 
1 4 'Structure model' '_citation.journal_id_CSD'                  
2 4 'Structure model' '_entity_src_gen.pdbx_alt_source_flag'      
3 4 'Structure model' '_pdbx_audit_support.funding_organization'  
4 4 'Structure model' '_pdbx_struct_oper_list.symmetry_operation' 
5 5 'Structure model' '_software.classification'                  
6 6 'Structure model' '_pdbx_audit_support.funding_organization'  
7 7 'Structure model' '_database_2.pdbx_DOI'                      
8 7 'Structure model' '_database_2.pdbx_database_accession'       
# 
_pdbx_database_status.status_code                     REL 
_pdbx_database_status.status_code_sf                  REL 
_pdbx_database_status.status_code_mr                  ? 
_pdbx_database_status.entry_id                        4XP8 
_pdbx_database_status.recvd_initial_deposition_date   2015-01-16 
_pdbx_database_status.SG_entry                        N 
_pdbx_database_status.deposit_site                    RCSB 
_pdbx_database_status.process_site                    RCSB 
_pdbx_database_status.status_code_cs                  ? 
_pdbx_database_status.methods_development_category    ? 
_pdbx_database_status.pdb_format_compatible           Y 
_pdbx_database_status.status_code_nmr_data            ? 
# 
loop_
_audit_author.name 
_audit_author.pdbx_ordinal 
'Burkinshaw, B.J.'  1 
'Worrall, L.J.'     2 
'Strynadka, N.C.J.' 3 
# 
_citation.id                        primary 
_citation.title                     'Structural Analysis of a Specialized Type III Secretion System Peptidoglycan-cleaving Enzyme.' 
_citation.journal_abbrev            J.Biol.Chem. 
_citation.journal_volume            290 
_citation.page_first                10406 
_citation.page_last                 10417 
_citation.year                      2015 
_citation.journal_id_ASTM           JBCHA3 
_citation.country                   US 
_citation.journal_id_ISSN           1083-351X 
_citation.journal_id_CSD            0071 
_citation.book_publisher            ? 
_citation.pdbx_database_id_PubMed   25678709 
_citation.pdbx_database_id_DOI      10.1074/jbc.M115.639013 
# 
loop_
_citation_author.citation_id 
_citation_author.name 
_citation_author.ordinal 
_citation_author.identifier_ORCID 
primary 'Burkinshaw, B.J.' 1 ? 
primary 'Deng, W.'         2 ? 
primary 'Lameignere, E.'   3 ? 
primary 'Wasney, G.A.'     4 ? 
primary 'Zhu, H.'          5 ? 
primary 'Worrall, L.J.'    6 ? 
primary 'Finlay, B.B.'     7 ? 
primary 'Strynadka, N.C.'  8 ? 
# 
loop_
_entity.id 
_entity.type 
_entity.src_method 
_entity.pdbx_description 
_entity.formula_weight 
_entity.pdbx_number_of_molecules 
_entity.pdbx_ec 
_entity.pdbx_mutation 
_entity.pdbx_fragment 
_entity.details 
1 polymer man 'EtgA protein' 9886.001 1  ? D60N 'UNP residues 19-104' ? 
2 water   nat water          18.015   17 ? ?    ?                     ? 
# 
_entity_poly.entity_id                      1 
_entity_poly.type                           'polypeptide(L)' 
_entity_poly.nstd_linkage                   no 
_entity_poly.nstd_monomer                   yes 
_entity_poly.pdbx_seq_one_letter_code       
;(MSE)DCFEITGKAYNIDPLILKAIAWNESKNKNGIKSKINKNGTYNIGI(MSE)QINSSHLDLLSKFNISEDDLLNDAC
INISVAGYILASNIKY
;
_entity_poly.pdbx_seq_one_letter_code_can   
;MDCFEITGKAYNIDPLILKAIAWNESKNKNGIKSKINKNGTYNIGIMQINSSHLDLLSKFNISEDDLLNDACINISVAGY
ILASNIKY
;
_entity_poly.pdbx_strand_id                 A 
_entity_poly.pdbx_target_identifier         ? 
# 
_pdbx_entity_nonpoly.entity_id   2 
_pdbx_entity_nonpoly.name        water 
_pdbx_entity_nonpoly.comp_id     HOH 
# 
loop_
_entity_poly_seq.entity_id 
_entity_poly_seq.num 
_entity_poly_seq.mon_id 
_entity_poly_seq.hetero 
1 1  MSE n 
1 2  ASP n 
1 3  CYS n 
1 4  PHE n 
1 5  GLU n 
1 6  ILE n 
1 7  THR n 
1 8  GLY n 
1 9  LYS n 
1 10 ALA n 
1 11 TYR n 
1 12 ASN n 
1 13 ILE n 
1 14 ASP n 
1 15 PRO n 
1 16 LEU n 
1 17 ILE n 
1 18 LEU n 
1 19 LYS n 
1 20 ALA n 
1 21 ILE n 
1 22 ALA n 
1 23 TRP n 
1 24 ASN n 
1 25 GLU n 
1 26 SER n 
1 27 LYS n 
1 28 ASN n 
1 29 LYS n 
1 30 ASN n 
1 31 GLY n 
1 32 ILE n 
1 33 LYS n 
1 34 SER n 
1 35 LYS n 
1 36 ILE n 
1 37 ASN n 
1 38 LYS n 
1 39 ASN n 
1 40 GLY n 
1 41 THR n 
1 42 TYR n 
1 43 ASN n 
1 44 ILE n 
1 45 GLY n 
1 46 ILE n 
1 47 MSE n 
1 48 GLN n 
1 49 ILE n 
1 50 ASN n 
1 51 SER n 
1 52 SER n 
1 53 HIS n 
1 54 LEU n 
1 55 ASP n 
1 56 LEU n 
1 57 LEU n 
1 58 SER n 
1 59 LYS n 
1 60 PHE n 
1 61 ASN n 
1 62 ILE n 
1 63 SER n 
1 64 GLU n 
1 65 ASP n 
1 66 ASP n 
1 67 LEU n 
1 68 LEU n 
1 69 ASN n 
1 70 ASP n 
1 71 ALA n 
1 72 CYS n 
1 73 ILE n 
1 74 ASN n 
1 75 ILE n 
1 76 SER n 
1 77 VAL n 
1 78 ALA n 
1 79 GLY n 
1 80 TYR n 
1 81 ILE n 
1 82 LEU n 
1 83 ALA n 
1 84 SER n 
1 85 ASN n 
1 86 ILE n 
1 87 LYS n 
1 88 TYR n 
# 
_entity_src_gen.entity_id                          1 
_entity_src_gen.pdbx_src_id                        1 
_entity_src_gen.pdbx_alt_source_flag               sample 
_entity_src_gen.pdbx_seq_type                      'Biological sequence' 
_entity_src_gen.pdbx_beg_seq_num                   1 
_entity_src_gen.pdbx_end_seq_num                   88 
_entity_src_gen.gene_src_common_name               ? 
_entity_src_gen.gene_src_genus                     ? 
_entity_src_gen.pdbx_gene_src_gene                 etgA 
_entity_src_gen.gene_src_species                   ? 
_entity_src_gen.gene_src_strain                    ? 
_entity_src_gen.gene_src_tissue                    ? 
_entity_src_gen.gene_src_tissue_fraction           ? 
_entity_src_gen.gene_src_details                   ? 
_entity_src_gen.pdbx_gene_src_fragment             ? 
_entity_src_gen.pdbx_gene_src_scientific_name      'Escherichia coli' 
_entity_src_gen.pdbx_gene_src_ncbi_taxonomy_id     562 
_entity_src_gen.pdbx_gene_src_variant              ? 
_entity_src_gen.pdbx_gene_src_cell_line            ? 
_entity_src_gen.pdbx_gene_src_atcc                 ? 
_entity_src_gen.pdbx_gene_src_organ                ? 
_entity_src_gen.pdbx_gene_src_organelle            ? 
_entity_src_gen.pdbx_gene_src_cell                 ? 
_entity_src_gen.pdbx_gene_src_cellular_location    ? 
_entity_src_gen.host_org_common_name               ? 
_entity_src_gen.pdbx_host_org_scientific_name      'Escherichia coli' 
_entity_src_gen.pdbx_host_org_ncbi_taxonomy_id     562 
_entity_src_gen.host_org_genus                     ? 
_entity_src_gen.pdbx_host_org_gene                 ? 
_entity_src_gen.pdbx_host_org_organ                ? 
_entity_src_gen.host_org_species                   ? 
_entity_src_gen.pdbx_host_org_tissue               ? 
_entity_src_gen.pdbx_host_org_tissue_fraction      ? 
_entity_src_gen.pdbx_host_org_strain               ? 
_entity_src_gen.pdbx_host_org_variant              ? 
_entity_src_gen.pdbx_host_org_cell_line            ? 
_entity_src_gen.pdbx_host_org_atcc                 ? 
_entity_src_gen.pdbx_host_org_culture_collection   ? 
_entity_src_gen.pdbx_host_org_cell                 ? 
_entity_src_gen.pdbx_host_org_organelle            ? 
_entity_src_gen.pdbx_host_org_cellular_location    ? 
_entity_src_gen.pdbx_host_org_vector_type          ? 
_entity_src_gen.pdbx_host_org_vector               ? 
_entity_src_gen.host_org_details                   ? 
_entity_src_gen.expression_system_id               ? 
_entity_src_gen.plasmid_name                       ? 
_entity_src_gen.plasmid_details                    ? 
_entity_src_gen.pdbx_description                   ? 
# 
loop_
_chem_comp.id 
_chem_comp.type 
_chem_comp.mon_nstd_flag 
_chem_comp.name 
_chem_comp.pdbx_synonyms 
_chem_comp.formula 
_chem_comp.formula_weight 
ALA 'L-peptide linking' y ALANINE          ? 'C3 H7 N O2'     89.093  
ASN 'L-peptide linking' y ASPARAGINE       ? 'C4 H8 N2 O3'    132.118 
ASP 'L-peptide linking' y 'ASPARTIC ACID'  ? 'C4 H7 N O4'     133.103 
CYS 'L-peptide linking' y CYSTEINE         ? 'C3 H7 N O2 S'   121.158 
GLN 'L-peptide linking' y GLUTAMINE        ? 'C5 H10 N2 O3'   146.144 
GLU 'L-peptide linking' y 'GLUTAMIC ACID'  ? 'C5 H9 N O4'     147.129 
GLY 'peptide linking'   y GLYCINE          ? 'C2 H5 N O2'     75.067  
HIS 'L-peptide linking' y HISTIDINE        ? 'C6 H10 N3 O2 1' 156.162 
HOH non-polymer         . WATER            ? 'H2 O'           18.015  
ILE 'L-peptide linking' y ISOLEUCINE       ? 'C6 H13 N O2'    131.173 
LEU 'L-peptide linking' y LEUCINE          ? 'C6 H13 N O2'    131.173 
LYS 'L-peptide linking' y LYSINE           ? 'C6 H15 N2 O2 1' 147.195 
MSE 'L-peptide linking' n SELENOMETHIONINE ? 'C5 H11 N O2 Se' 196.106 
PHE 'L-peptide linking' y PHENYLALANINE    ? 'C9 H11 N O2'    165.189 
PRO 'L-peptide linking' y PROLINE          ? 'C5 H9 N O2'     115.130 
SER 'L-peptide linking' y SERINE           ? 'C3 H7 N O3'     105.093 
THR 'L-peptide linking' y THREONINE        ? 'C4 H9 N O3'     119.119 
TRP 'L-peptide linking' y TRYPTOPHAN       ? 'C11 H12 N2 O2'  204.225 
TYR 'L-peptide linking' y TYROSINE         ? 'C9 H11 N O3'    181.189 
VAL 'L-peptide linking' y VALINE           ? 'C5 H11 N O2'    117.146 
# 
loop_
_pdbx_poly_seq_scheme.asym_id 
_pdbx_poly_seq_scheme.entity_id 
_pdbx_poly_seq_scheme.seq_id 
_pdbx_poly_seq_scheme.mon_id 
_pdbx_poly_seq_scheme.ndb_seq_num 
_pdbx_poly_seq_scheme.pdb_seq_num 
_pdbx_poly_seq_scheme.auth_seq_num 
_pdbx_poly_seq_scheme.pdb_mon_id 
_pdbx_poly_seq_scheme.auth_mon_id 
_pdbx_poly_seq_scheme.pdb_strand_id 
_pdbx_poly_seq_scheme.pdb_ins_code 
_pdbx_poly_seq_scheme.hetero 
A 1 1  MSE 1  18  18  MSE MSE A . n 
A 1 2  ASP 2  19  19  ASP ASP A . n 
A 1 3  CYS 3  20  20  CYS CYS A . n 
A 1 4  PHE 4  21  21  PHE PHE A . n 
A 1 5  GLU 5  22  22  GLU GLU A . n 
A 1 6  ILE 6  23  23  ILE ILE A . n 
A 1 7  THR 7  24  24  THR THR A . n 
A 1 8  GLY 8  25  25  GLY GLY A . n 
A 1 9  LYS 9  26  26  LYS LYS A . n 
A 1 10 ALA 10 27  27  ALA ALA A . n 
A 1 11 TYR 11 28  28  TYR TYR A . n 
A 1 12 ASN 12 29  29  ASN ASN A . n 
A 1 13 ILE 13 30  30  ILE ILE A . n 
A 1 14 ASP 14 31  31  ASP ASP A . n 
A 1 15 PRO 15 32  32  PRO PRO A . n 
A 1 16 LEU 16 33  33  LEU LEU A . n 
A 1 17 ILE 17 34  34  ILE ILE A . n 
A 1 18 LEU 18 35  35  LEU LEU A . n 
A 1 19 LYS 19 36  36  LYS LYS A . n 
A 1 20 ALA 20 37  37  ALA ALA A . n 
A 1 21 ILE 21 38  38  ILE ILE A . n 
A 1 22 ALA 22 39  39  ALA ALA A . n 
A 1 23 TRP 23 40  40  TRP TRP A . n 
A 1 24 ASN 24 41  41  ASN ASN A . n 
A 1 25 GLU 25 42  42  GLU GLU A . n 
A 1 26 SER 26 43  43  SER SER A . n 
A 1 27 LYS 27 44  44  LYS LYS A . n 
A 1 28 ASN 28 45  45  ASN ASN A . n 
A 1 29 LYS 29 46  46  LYS LYS A . n 
A 1 30 ASN 30 47  47  ASN ASN A . n 
A 1 31 GLY 31 48  48  GLY GLY A . n 
A 1 32 ILE 32 49  49  ILE ILE A . n 
A 1 33 LYS 33 50  50  LYS LYS A . n 
A 1 34 SER 34 51  51  SER SER A . n 
A 1 35 LYS 35 52  52  LYS LYS A . n 
A 1 36 ILE 36 53  53  ILE ILE A . n 
A 1 37 ASN 37 54  54  ASN ASN A . n 
A 1 38 LYS 38 55  55  LYS LYS A . n 
A 1 39 ASN 39 56  56  ASN ASN A . n 
A 1 40 GLY 40 57  57  GLY GLY A . n 
A 1 41 THR 41 58  58  THR THR A . n 
A 1 42 TYR 42 59  59  TYR TYR A . n 
A 1 43 ASN 43 60  60  ASN ASN A . n 
A 1 44 ILE 44 61  61  ILE ILE A . n 
A 1 45 GLY 45 62  62  GLY GLY A . n 
A 1 46 ILE 46 63  63  ILE ILE A . n 
A 1 47 MSE 47 64  64  MSE MSE A . n 
A 1 48 GLN 48 65  65  GLN GLN A . n 
A 1 49 ILE 49 66  66  ILE ILE A . n 
A 1 50 ASN 50 67  67  ASN ASN A . n 
A 1 51 SER 51 68  68  SER SER A . n 
A 1 52 SER 52 69  69  SER SER A . n 
A 1 53 HIS 53 70  70  HIS HIS A . n 
A 1 54 LEU 54 71  71  LEU LEU A . n 
A 1 55 ASP 55 72  72  ASP ASP A . n 
A 1 56 LEU 56 73  73  LEU LEU A . n 
A 1 57 LEU 57 74  74  LEU LEU A . n 
A 1 58 SER 58 75  75  SER SER A . n 
A 1 59 LYS 59 76  76  LYS LYS A . n 
A 1 60 PHE 60 77  77  PHE PHE A . n 
A 1 61 ASN 61 78  78  ASN ASN A . n 
A 1 62 ILE 62 79  79  ILE ILE A . n 
A 1 63 SER 63 80  80  SER SER A . n 
A 1 64 GLU 64 81  81  GLU GLU A . n 
A 1 65 ASP 65 82  82  ASP ASP A . n 
A 1 66 ASP 66 83  83  ASP ASP A . n 
A 1 67 LEU 67 84  84  LEU LEU A . n 
A 1 68 LEU 68 85  85  LEU LEU A . n 
A 1 69 ASN 69 86  86  ASN ASN A . n 
A 1 70 ASP 70 87  87  ASP ASP A . n 
A 1 71 ALA 71 88  88  ALA ALA A . n 
A 1 72 CYS 72 89  89  CYS CYS A . n 
A 1 73 ILE 73 90  90  ILE ILE A . n 
A 1 74 ASN 74 91  91  ASN ASN A . n 
A 1 75 ILE 75 92  92  ILE ILE A . n 
A 1 76 SER 76 93  93  SER SER A . n 
A 1 77 VAL 77 94  94  VAL VAL A . n 
A 1 78 ALA 78 95  95  ALA ALA A . n 
A 1 79 GLY 79 96  96  GLY GLY A . n 
A 1 80 TYR 80 97  97  TYR TYR A . n 
A 1 81 ILE 81 98  98  ILE ILE A . n 
A 1 82 LEU 82 99  99  LEU LEU A . n 
A 1 83 ALA 83 100 100 ALA ALA A . n 
A 1 84 SER 84 101 101 SER SER A . n 
A 1 85 ASN 85 102 102 ASN ASN A . n 
A 1 86 ILE 86 103 103 ILE ILE A . n 
A 1 87 LYS 87 104 104 LYS LYS A . n 
A 1 88 TYR 88 105 105 TYR TYR A . n 
# 
loop_
_pdbx_nonpoly_scheme.asym_id 
_pdbx_nonpoly_scheme.entity_id 
_pdbx_nonpoly_scheme.mon_id 
_pdbx_nonpoly_scheme.ndb_seq_num 
_pdbx_nonpoly_scheme.pdb_seq_num 
_pdbx_nonpoly_scheme.auth_seq_num 
_pdbx_nonpoly_scheme.pdb_mon_id 
_pdbx_nonpoly_scheme.auth_mon_id 
_pdbx_nonpoly_scheme.pdb_strand_id 
_pdbx_nonpoly_scheme.pdb_ins_code 
B 2 HOH 1  201 6  HOH HOH A . 
B 2 HOH 2  202 9  HOH HOH A . 
B 2 HOH 3  203 18 HOH HOH A . 
B 2 HOH 4  204 7  HOH HOH A . 
B 2 HOH 5  205 2  HOH HOH A . 
B 2 HOH 6  206 22 HOH HOH A . 
B 2 HOH 7  207 20 HOH HOH A . 
B 2 HOH 8  208 24 HOH HOH A . 
B 2 HOH 9  209 23 HOH HOH A . 
B 2 HOH 10 210 16 HOH HOH A . 
B 2 HOH 11 211 26 HOH HOH A . 
B 2 HOH 12 212 1  HOH HOH A . 
B 2 HOH 13 213 4  HOH HOH A . 
B 2 HOH 14 214 8  HOH HOH A . 
B 2 HOH 15 215 11 HOH HOH A . 
B 2 HOH 16 216 12 HOH HOH A . 
B 2 HOH 17 217 25 HOH HOH A . 
# 
loop_
_software.citation_id 
_software.classification 
_software.compiler_name 
_software.compiler_version 
_software.contact_author 
_software.contact_author_email 
_software.date 
_software.description 
_software.dependencies 
_software.hardware 
_software.language 
_software.location 
_software.mods 
_software.name 
_software.os 
_software.os_version 
_software.type 
_software.version 
_software.pdbx_ordinal 
? 'data scaling'    ? ? ? ? ? ? ? ? ? ? ? Aimless     ? ? ? 0.2.14   1 
? refinement        ? ? ? ? ? ? ? ? ? ? ? REFMAC      ? ? ? 5.8.0103 2 
? 'data extraction' ? ? ? ? ? ? ? ? ? ? ? PDB_EXTRACT ? ? ? 3.15     3 
? 'data scaling'    ? ? ? ? ? ? ? ? ? ? ? XSCALE      ? ? ? .        4 
? phasing           ? ? ? ? ? ? ? ? ? ? ? SHARP       ? ? ? .        5 
# 
_cell.angle_alpha                  90.000 
_cell.angle_alpha_esd              ? 
_cell.angle_beta                   90.000 
_cell.angle_beta_esd               ? 
_cell.angle_gamma                  120.000 
_cell.angle_gamma_esd              ? 
_cell.entry_id                     4XP8 
_cell.details                      ? 
_cell.formula_units_Z              ? 
_cell.length_a                     31.400 
_cell.length_a_esd                 ? 
_cell.length_b                     31.400 
_cell.length_b_esd                 ? 
_cell.length_c                     149.530 
_cell.length_c_esd                 ? 
_cell.volume                       ? 
_cell.volume_esd                   ? 
_cell.Z_PDB                        6 
_cell.reciprocal_angle_alpha       ? 
_cell.reciprocal_angle_beta        ? 
_cell.reciprocal_angle_gamma       ? 
_cell.reciprocal_angle_alpha_esd   ? 
_cell.reciprocal_angle_beta_esd    ? 
_cell.reciprocal_angle_gamma_esd   ? 
_cell.reciprocal_length_a          ? 
_cell.reciprocal_length_b          ? 
_cell.reciprocal_length_c          ? 
_cell.reciprocal_length_a_esd      ? 
_cell.reciprocal_length_b_esd      ? 
_cell.reciprocal_length_c_esd      ? 
_cell.pdbx_unique_axis             ? 
# 
_symmetry.entry_id                         4XP8 
_symmetry.cell_setting                     ? 
_symmetry.Int_Tables_number                152 
_symmetry.space_group_name_Hall            ? 
_symmetry.space_group_name_H-M             'P 31 2 1' 
_symmetry.pdbx_full_space_group_name_H-M   ? 
# 
_exptl.absorpt_coefficient_mu     ? 
_exptl.absorpt_correction_T_max   ? 
_exptl.absorpt_correction_T_min   ? 
_exptl.absorpt_correction_type    ? 
_exptl.absorpt_process_details    ? 
_exptl.entry_id                   4XP8 
_exptl.crystals_number            1 
_exptl.details                    ? 
_exptl.method                     'X-RAY DIFFRACTION' 
_exptl.method_details             ? 
# 
_exptl_crystal.colour                      ? 
_exptl_crystal.density_diffrn              ? 
_exptl_crystal.density_Matthews            2.15 
_exptl_crystal.density_method              ? 
_exptl_crystal.density_percent_sol         42.86 
_exptl_crystal.description                 diamond-shaped 
_exptl_crystal.F_000                       ? 
_exptl_crystal.id                          1 
_exptl_crystal.preparation                 ? 
_exptl_crystal.size_max                    ? 
_exptl_crystal.size_mid                    ? 
_exptl_crystal.size_min                    ? 
_exptl_crystal.size_rad                    ? 
_exptl_crystal.colour_lustre               ? 
_exptl_crystal.colour_modifier             ? 
_exptl_crystal.colour_primary              ? 
_exptl_crystal.density_meas                ? 
_exptl_crystal.density_meas_esd            ? 
_exptl_crystal.density_meas_gt             ? 
_exptl_crystal.density_meas_lt             ? 
_exptl_crystal.density_meas_temp           ? 
_exptl_crystal.density_meas_temp_esd       ? 
_exptl_crystal.density_meas_temp_gt        ? 
_exptl_crystal.density_meas_temp_lt        ? 
_exptl_crystal.pdbx_crystal_image_url      ? 
_exptl_crystal.pdbx_crystal_image_format   ? 
_exptl_crystal.pdbx_mosaicity              ? 
_exptl_crystal.pdbx_mosaicity_esd          ? 
# 
_exptl_crystal_grow.apparatus       ? 
_exptl_crystal_grow.atmosphere      ? 
_exptl_crystal_grow.crystal_id      1 
_exptl_crystal_grow.details         ? 
_exptl_crystal_grow.method          'VAPOR DIFFUSION, SITTING DROP' 
_exptl_crystal_grow.method_ref      ? 
_exptl_crystal_grow.pH              7.3 
_exptl_crystal_grow.pressure        ? 
_exptl_crystal_grow.pressure_esd    ? 
_exptl_crystal_grow.seeding         ? 
_exptl_crystal_grow.seeding_ref     ? 
_exptl_crystal_grow.temp            295 
_exptl_crystal_grow.temp_details    ? 
_exptl_crystal_grow.temp_esd        ? 
_exptl_crystal_grow.time            ? 
_exptl_crystal_grow.pdbx_details    '0.1M imidazole, pH 7.3, 20% 2-propanol' 
_exptl_crystal_grow.pdbx_pH_range   ? 
# 
_diffrn.ambient_environment    ? 
_diffrn.ambient_temp           200 
_diffrn.ambient_temp_details   ? 
_diffrn.ambient_temp_esd       ? 
_diffrn.crystal_id             1 
_diffrn.crystal_support        ? 
_diffrn.crystal_treatment      ? 
_diffrn.details                ? 
_diffrn.id                     1 
_diffrn.ambient_pressure       ? 
_diffrn.ambient_pressure_esd   ? 
_diffrn.ambient_pressure_gt    ? 
_diffrn.ambient_pressure_lt    ? 
_diffrn.ambient_temp_gt        ? 
_diffrn.ambient_temp_lt        ? 
# 
_diffrn_detector.details                      ? 
_diffrn_detector.detector                     CCD 
_diffrn_detector.diffrn_id                    1 
_diffrn_detector.type                         'ADSC QUANTUM 315r' 
_diffrn_detector.area_resol_mean              ? 
_diffrn_detector.dtime                        ? 
_diffrn_detector.pdbx_frames_total            ? 
_diffrn_detector.pdbx_collection_time_total   ? 
_diffrn_detector.pdbx_collection_date         2013-12-08 
# 
_diffrn_radiation.collimation                      ? 
_diffrn_radiation.diffrn_id                        1 
_diffrn_radiation.filter_edge                      ? 
_diffrn_radiation.inhomogeneity                    ? 
_diffrn_radiation.monochromator                    ? 
_diffrn_radiation.polarisn_norm                    ? 
_diffrn_radiation.polarisn_ratio                   ? 
_diffrn_radiation.probe                            ? 
_diffrn_radiation.type                             ? 
_diffrn_radiation.xray_symbol                      ? 
_diffrn_radiation.wavelength_id                    1 
_diffrn_radiation.pdbx_monochromatic_or_laue_m_l   M 
_diffrn_radiation.pdbx_wavelength_list             ? 
_diffrn_radiation.pdbx_wavelength                  ? 
_diffrn_radiation.pdbx_diffrn_protocol             MAD 
_diffrn_radiation.pdbx_analyzer                    ? 
_diffrn_radiation.pdbx_scattering_type             x-ray 
# 
loop_
_diffrn_radiation_wavelength.id 
_diffrn_radiation_wavelength.wavelength 
_diffrn_radiation_wavelength.wt 
1 0.9795 1.0 
2 0.9797 1.0 
3 0.9611 1.0 
# 
_diffrn_source.current                     ? 
_diffrn_source.details                     ? 
_diffrn_source.diffrn_id                   1 
_diffrn_source.power                       ? 
_diffrn_source.size                        ? 
_diffrn_source.source                      SYNCHROTRON 
_diffrn_source.target                      ? 
_diffrn_source.type                        'ALS BEAMLINE 8.2.1' 
_diffrn_source.voltage                     ? 
_diffrn_source.take-off_angle              ? 
_diffrn_source.pdbx_wavelength_list        '0.9795, 0.9797, 0.9611' 
_diffrn_source.pdbx_wavelength             ? 
_diffrn_source.pdbx_synchrotron_beamline   8.2.1 
_diffrn_source.pdbx_synchrotron_site       ALS 
# 
_reflns.B_iso_Wilson_estimate            ? 
_reflns.entry_id                         4XP8 
_reflns.data_reduction_details           ? 
_reflns.data_reduction_method            ? 
_reflns.d_resolution_high                2.030 
_reflns.d_resolution_low                 29.900 
_reflns.details                          ? 
_reflns.limit_h_max                      ? 
_reflns.limit_h_min                      ? 
_reflns.limit_k_max                      ? 
_reflns.limit_k_min                      ? 
_reflns.limit_l_max                      ? 
_reflns.limit_l_min                      ? 
_reflns.number_all                       ? 
_reflns.number_obs                       6064 
_reflns.observed_criterion               ? 
_reflns.observed_criterion_F_max         ? 
_reflns.observed_criterion_F_min         ? 
_reflns.observed_criterion_I_max         ? 
_reflns.observed_criterion_I_min         ? 
_reflns.observed_criterion_sigma_F       ? 
_reflns.observed_criterion_sigma_I       ? 
_reflns.percent_possible_obs             99.000 
_reflns.R_free_details                   ? 
_reflns.Rmerge_F_all                     ? 
_reflns.Rmerge_F_obs                     ? 
_reflns.Friedel_coverage                 ? 
_reflns.number_gt                        ? 
_reflns.threshold_expression             ? 
_reflns.pdbx_redundancy                  6.800 
_reflns.pdbx_Rmerge_I_obs                0.111 
_reflns.pdbx_Rmerge_I_all                ? 
_reflns.pdbx_Rsym_value                  ? 
_reflns.pdbx_netI_over_av_sigmaI         ? 
_reflns.pdbx_netI_over_sigmaI            14.000 
_reflns.pdbx_res_netI_over_av_sigmaI_2   ? 
_reflns.pdbx_res_netI_over_sigmaI_2      ? 
_reflns.pdbx_chi_squared                 ? 
_reflns.pdbx_scaling_rejects             ? 
_reflns.pdbx_d_res_high_opt              ? 
_reflns.pdbx_d_res_low_opt               ? 
_reflns.pdbx_d_res_opt_method            ? 
_reflns.phase_calculation_details        ? 
_reflns.pdbx_Rrim_I_all                  ? 
_reflns.pdbx_Rpim_I_all                  0.046 
_reflns.pdbx_d_opt                       ? 
_reflns.pdbx_number_measured_all         41538 
_reflns.pdbx_diffrn_id                   1 
_reflns.pdbx_ordinal                     1 
_reflns.pdbx_CC_half                     0.997 
_reflns.pdbx_R_split                     ? 
# 
loop_
_reflns_shell.d_res_high 
_reflns_shell.d_res_low 
_reflns_shell.meanI_over_sigI_all 
_reflns_shell.meanI_over_sigI_obs 
_reflns_shell.number_measured_all 
_reflns_shell.number_measured_obs 
_reflns_shell.number_possible 
_reflns_shell.number_unique_all 
_reflns_shell.number_unique_obs 
_reflns_shell.percent_possible_all 
_reflns_shell.percent_possible_obs 
_reflns_shell.Rmerge_F_all 
_reflns_shell.Rmerge_F_obs 
_reflns_shell.Rmerge_I_all 
_reflns_shell.Rmerge_I_obs 
_reflns_shell.meanI_over_sigI_gt 
_reflns_shell.meanI_over_uI_all 
_reflns_shell.meanI_over_uI_gt 
_reflns_shell.number_measured_gt 
_reflns_shell.number_unique_gt 
_reflns_shell.percent_possible_gt 
_reflns_shell.Rmerge_F_gt 
_reflns_shell.Rmerge_I_gt 
_reflns_shell.pdbx_redundancy 
_reflns_shell.pdbx_Rsym_value 
_reflns_shell.pdbx_chi_squared 
_reflns_shell.pdbx_netI_over_sigmaI_all 
_reflns_shell.pdbx_netI_over_sigmaI_obs 
_reflns_shell.pdbx_Rrim_I_all 
_reflns_shell.pdbx_Rpim_I_all 
_reflns_shell.pdbx_rejects 
_reflns_shell.pdbx_ordinal 
_reflns_shell.pdbx_diffrn_id 
_reflns_shell.pdbx_CC_half 
_reflns_shell.pdbx_R_split 
2.030 2.090  ? 3.200  3510 ? ? 481 ? 99.500 ? ? ? ? 0.758 ? ? ? ? ? ? ? ? 7.300 ? ? ? ? ? 0.298 0 1 1 0.856 ? 
8.850 29.900 ? 25.900 477  ? ? 100 ? 95.200 ? ? ? ? 0.047 ? ? ? ? ? ? ? ? 4.800 ? ? ? ? ? 0.023 0 2 1 0.997 ? 
# 
_refine.aniso_B[1][1]                            0.6300 
_refine.aniso_B[1][2]                            0.3100 
_refine.aniso_B[1][3]                            0.0000 
_refine.aniso_B[2][2]                            0.6300 
_refine.aniso_B[2][3]                            -0.0000 
_refine.aniso_B[3][3]                            -2.0400 
_refine.B_iso_max                                89.910 
_refine.B_iso_mean                               39.8460 
_refine.B_iso_min                                21.590 
_refine.correlation_coeff_Fo_to_Fc               0.9530 
_refine.correlation_coeff_Fo_to_Fc_free          0.9380 
_refine.details                                  'HYDROGENS HAVE BEEN ADDED IN THE RIDING POSITIONS' 
_refine.diff_density_max                         ? 
_refine.diff_density_max_esd                     ? 
_refine.diff_density_min                         ? 
_refine.diff_density_min_esd                     ? 
_refine.diff_density_rms                         ? 
_refine.diff_density_rms_esd                     ? 
_refine.entry_id                                 4XP8 
_refine.pdbx_refine_id                           'X-RAY DIFFRACTION' 
_refine.ls_abs_structure_details                 ? 
_refine.ls_abs_structure_Flack                   ? 
_refine.ls_abs_structure_Flack_esd               ? 
_refine.ls_abs_structure_Rogers                  ? 
_refine.ls_abs_structure_Rogers_esd              ? 
_refine.ls_d_res_high                            2.0300 
_refine.ls_d_res_low                             29.9 
_refine.ls_extinction_coef                       ? 
_refine.ls_extinction_coef_esd                   ? 
_refine.ls_extinction_expression                 ? 
_refine.ls_extinction_method                     ? 
_refine.ls_goodness_of_fit_all                   ? 
_refine.ls_goodness_of_fit_all_esd               ? 
_refine.ls_goodness_of_fit_obs                   ? 
_refine.ls_goodness_of_fit_obs_esd               ? 
_refine.ls_hydrogen_treatment                    ? 
_refine.ls_matrix_type                           ? 
_refine.ls_number_constraints                    ? 
_refine.ls_number_parameters                     ? 
_refine.ls_number_reflns_all                     ? 
_refine.ls_number_reflns_obs                     6064 
_refine.ls_number_reflns_R_free                  607 
_refine.ls_number_reflns_R_work                  5584 
_refine.ls_number_restraints                     ? 
_refine.ls_percent_reflns_obs                    98.9000 
_refine.ls_percent_reflns_R_free                 9.8000 
_refine.ls_R_factor_all                          ? 
_refine.ls_R_factor_obs                          0.2113 
_refine.ls_R_factor_R_free                       0.2441 
_refine.ls_R_factor_R_free_error                 ? 
_refine.ls_R_factor_R_free_error_details         ? 
_refine.ls_R_factor_R_work                       0.2075 
_refine.ls_R_Fsqd_factor_obs                     ? 
_refine.ls_R_I_factor_obs                        ? 
_refine.ls_redundancy_reflns_all                 ? 
_refine.ls_redundancy_reflns_obs                 ? 
_refine.ls_restrained_S_all                      ? 
_refine.ls_restrained_S_obs                      ? 
_refine.ls_shift_over_esd_max                    ? 
_refine.ls_shift_over_esd_mean                   ? 
_refine.ls_structure_factor_coef                 ? 
_refine.ls_weighting_details                     ? 
_refine.ls_weighting_scheme                      ? 
_refine.ls_wR_factor_all                         ? 
_refine.ls_wR_factor_obs                         ? 
_refine.ls_wR_factor_R_free                      ? 
_refine.ls_wR_factor_R_work                      ? 
_refine.occupancy_max                            ? 
_refine.occupancy_min                            ? 
_refine.solvent_model_details                    MASK 
_refine.solvent_model_param_bsol                 ? 
_refine.solvent_model_param_ksol                 ? 
_refine.ls_R_factor_gt                           ? 
_refine.ls_goodness_of_fit_gt                    ? 
_refine.ls_goodness_of_fit_ref                   ? 
_refine.ls_shift_over_su_max                     ? 
_refine.ls_shift_over_su_max_lt                  ? 
_refine.ls_shift_over_su_mean                    ? 
_refine.ls_shift_over_su_mean_lt                 ? 
_refine.pdbx_ls_sigma_I                          ? 
_refine.pdbx_ls_sigma_F                          0.000 
_refine.pdbx_ls_sigma_Fsqd                       ? 
_refine.pdbx_data_cutoff_high_absF               ? 
_refine.pdbx_data_cutoff_high_rms_absF           ? 
_refine.pdbx_data_cutoff_low_absF                ? 
_refine.pdbx_isotropic_thermal_model             ? 
_refine.pdbx_ls_cross_valid_method               THROUGHOUT 
_refine.pdbx_method_to_determine_struct          ? 
_refine.pdbx_starting_model                      ? 
_refine.pdbx_stereochemistry_target_values       'MAXIMUM LIKELIHOOD' 
_refine.pdbx_R_Free_selection_details            RANDOM 
_refine.pdbx_stereochem_target_val_spec_case     ? 
_refine.pdbx_overall_ESU_R                       0.2190 
_refine.pdbx_overall_ESU_R_Free                  0.1810 
_refine.pdbx_solvent_vdw_probe_radii             1.2000 
_refine.pdbx_solvent_ion_probe_radii             0.8000 
_refine.pdbx_solvent_shrinkage_radii             0.8000 
_refine.pdbx_real_space_R                        ? 
_refine.pdbx_density_correlation                 ? 
_refine.pdbx_pd_number_of_powder_patterns        ? 
_refine.pdbx_pd_number_of_points                 ? 
_refine.pdbx_pd_meas_number_of_points            ? 
_refine.pdbx_pd_proc_ls_prof_R_factor            ? 
_refine.pdbx_pd_proc_ls_prof_wR_factor           ? 
_refine.pdbx_pd_Marquardt_correlation_coeff      ? 
_refine.pdbx_pd_Fsqrd_R_factor                   ? 
_refine.pdbx_pd_ls_matrix_band_width             ? 
_refine.pdbx_overall_phase_error                 ? 
_refine.pdbx_overall_SU_R_free_Cruickshank_DPI   ? 
_refine.pdbx_overall_SU_R_free_Blow_DPI          ? 
_refine.pdbx_overall_SU_R_Blow_DPI               ? 
_refine.pdbx_TLS_residual_ADP_flag               ? 
_refine.pdbx_diffrn_id                           1 
_refine.overall_SU_B                             11.1740 
_refine.overall_SU_ML                            0.1420 
_refine.overall_SU_R_Cruickshank_DPI             ? 
_refine.overall_SU_R_free                        ? 
_refine.overall_FOM_free_R_set                   ? 
_refine.overall_FOM_work_R_set                   ? 
_refine.pdbx_average_fsc_overall                 ? 
_refine.pdbx_average_fsc_work                    ? 
_refine.pdbx_average_fsc_free                    ? 
# 
_refine_hist.cycle_id                         final 
_refine_hist.pdbx_refine_id                   'X-RAY DIFFRACTION' 
_refine_hist.d_res_high                       2.0300 
_refine_hist.d_res_low                        29.9 
_refine_hist.pdbx_number_atoms_ligand         0 
_refine_hist.number_atoms_solvent             17 
_refine_hist.number_atoms_total               702 
_refine_hist.pdbx_number_residues_total       88 
_refine_hist.pdbx_B_iso_mean_solvent          41.45 
_refine_hist.pdbx_number_atoms_protein        685 
_refine_hist.pdbx_number_atoms_nucleic_acid   0 
# 
loop_
_refine_ls_restr.pdbx_refine_id 
_refine_ls_restr.criterion 
_refine_ls_restr.dev_ideal 
_refine_ls_restr.dev_ideal_target 
_refine_ls_restr.number 
_refine_ls_restr.rejects 
_refine_ls_restr.type 
_refine_ls_restr.weight 
_refine_ls_restr.pdbx_restraint_function 
'X-RAY DIFFRACTION' ? 0.012  0.020  700  ? r_bond_refined_d       ? ? 
'X-RAY DIFFRACTION' ? 0.001  0.020  688  ? r_bond_other_d         ? ? 
'X-RAY DIFFRACTION' ? 1.454  1.967  946  ? r_angle_refined_deg    ? ? 
'X-RAY DIFFRACTION' ? 0.946  3.004  1585 ? r_angle_other_deg      ? ? 
'X-RAY DIFFRACTION' ? 12.021 5.278  90   ? r_dihedral_angle_1_deg ? ? 
'X-RAY DIFFRACTION' ? 42.850 27.241 29   ? r_dihedral_angle_2_deg ? ? 
'X-RAY DIFFRACTION' ? 14.608 15.000 128  ? r_dihedral_angle_3_deg ? ? 
'X-RAY DIFFRACTION' ? 0.092  0.200  109  ? r_chiral_restr         ? ? 
'X-RAY DIFFRACTION' ? 0.005  0.020  807  ? r_gen_planes_refined   ? ? 
'X-RAY DIFFRACTION' ? 0.001  0.020  151  ? r_gen_planes_other     ? ? 
'X-RAY DIFFRACTION' ? 2.294  2.530  353  ? r_mcbond_it            ? ? 
'X-RAY DIFFRACTION' ? 2.270  2.523  352  ? r_mcbond_other         ? ? 
'X-RAY DIFFRACTION' ? 3.182  3.778  440  ? r_mcangle_it           ? ? 
# 
_refine_ls_shell.pdbx_refine_id                   'X-RAY DIFFRACTION' 
_refine_ls_shell.d_res_high                       2.0300 
_refine_ls_shell.d_res_low                        2.0620 
_refine_ls_shell.number_reflns_all                438 
_refine_ls_shell.number_reflns_obs                ? 
_refine_ls_shell.number_reflns_R_free             34 
_refine_ls_shell.number_reflns_R_work             404 
_refine_ls_shell.percent_reflns_obs               99.5500 
_refine_ls_shell.percent_reflns_R_free            ? 
_refine_ls_shell.R_factor_all                     ? 
_refine_ls_shell.R_factor_obs                     ? 
_refine_ls_shell.R_factor_R_free                  0.2740 
_refine_ls_shell.R_factor_R_free_error            ? 
_refine_ls_shell.R_factor_R_work                  0.2550 
_refine_ls_shell.redundancy_reflns_all            ? 
_refine_ls_shell.redundancy_reflns_obs            ? 
_refine_ls_shell.wR_factor_all                    ? 
_refine_ls_shell.wR_factor_obs                    ? 
_refine_ls_shell.wR_factor_R_free                 ? 
_refine_ls_shell.wR_factor_R_work                 ? 
_refine_ls_shell.pdbx_total_number_of_bins_used   20 
_refine_ls_shell.pdbx_phase_error                 ? 
_refine_ls_shell.pdbx_fsc_work                    ? 
_refine_ls_shell.pdbx_fsc_free                    ? 
# 
_struct.entry_id                     4XP8 
_struct.title                        'Structure of EtgA D60N mutant' 
_struct.pdbx_model_details           ? 
_struct.pdbx_formula_weight          ? 
_struct.pdbx_formula_weight_method   ? 
_struct.pdbx_model_type_details      ? 
_struct.pdbx_CASP_flag               ? 
# 
_struct_keywords.entry_id        4XP8 
_struct_keywords.text            'peptidoglycan hydrolase, hydrolase' 
_struct_keywords.pdbx_keywords   HYDROLASE 
# 
loop_
_struct_asym.id 
_struct_asym.pdbx_blank_PDB_chainid_flag 
_struct_asym.pdbx_modified 
_struct_asym.entity_id 
_struct_asym.details 
A N N 1 ? 
B N N 2 ? 
# 
_struct_ref.id                         1 
_struct_ref.db_name                    UNP 
_struct_ref.db_code                    C7BUG6_ECOLX 
_struct_ref.pdbx_db_accession          C7BUG6 
_struct_ref.pdbx_db_isoform            ? 
_struct_ref.entity_id                  1 
_struct_ref.pdbx_seq_one_letter_code   
;DCFEITGKAYNIDPLILKAIAWNESKNKNGIKSKINKNGTYDIGIMQINSSHLDLLSKFNISEDDLLNDACINISVAGYI
LASNIK
;
_struct_ref.pdbx_align_begin           19 
# 
_struct_ref_seq.align_id                      1 
_struct_ref_seq.ref_id                        1 
_struct_ref_seq.pdbx_PDB_id_code              4XP8 
_struct_ref_seq.pdbx_strand_id                A 
_struct_ref_seq.seq_align_beg                 2 
_struct_ref_seq.pdbx_seq_align_beg_ins_code   ? 
_struct_ref_seq.seq_align_end                 87 
_struct_ref_seq.pdbx_seq_align_end_ins_code   ? 
_struct_ref_seq.pdbx_db_accession             C7BUG6 
_struct_ref_seq.db_align_beg                  19 
_struct_ref_seq.pdbx_db_align_beg_ins_code    ? 
_struct_ref_seq.db_align_end                  104 
_struct_ref_seq.pdbx_db_align_end_ins_code    ? 
_struct_ref_seq.pdbx_auth_seq_align_beg       19 
_struct_ref_seq.pdbx_auth_seq_align_end       104 
# 
loop_
_struct_ref_seq_dif.align_id 
_struct_ref_seq_dif.pdbx_pdb_id_code 
_struct_ref_seq_dif.mon_id 
_struct_ref_seq_dif.pdbx_pdb_strand_id 
_struct_ref_seq_dif.seq_num 
_struct_ref_seq_dif.pdbx_pdb_ins_code 
_struct_ref_seq_dif.pdbx_seq_db_name 
_struct_ref_seq_dif.pdbx_seq_db_accession_code 
_struct_ref_seq_dif.db_mon_id 
_struct_ref_seq_dif.pdbx_seq_db_seq_num 
_struct_ref_seq_dif.details 
_struct_ref_seq_dif.pdbx_auth_seq_num 
_struct_ref_seq_dif.pdbx_ordinal 
1 4XP8 MSE A 1  ? UNP C7BUG6 ?   ?  'initiating methionine' 18  1 
1 4XP8 ASN A 43 ? UNP C7BUG6 ASP 60 'engineered mutation'   60  2 
1 4XP8 TYR A 88 ? UNP C7BUG6 ?   ?  'expression tag'        105 3 
# 
_pdbx_struct_assembly.id                   1 
_pdbx_struct_assembly.details              author_and_software_defined_assembly 
_pdbx_struct_assembly.method_details       PISA 
_pdbx_struct_assembly.oligomeric_details   monomeric 
_pdbx_struct_assembly.oligomeric_count     1 
# 
_pdbx_struct_assembly_gen.assembly_id       1 
_pdbx_struct_assembly_gen.oper_expression   1 
_pdbx_struct_assembly_gen.asym_id_list      A,B 
# 
_pdbx_struct_oper_list.id                   1 
_pdbx_struct_oper_list.type                 'identity operation' 
_pdbx_struct_oper_list.name                 1_555 
_pdbx_struct_oper_list.symmetry_operation   x,y,z 
_pdbx_struct_oper_list.matrix[1][1]         1.0000000000 
_pdbx_struct_oper_list.matrix[1][2]         0.0000000000 
_pdbx_struct_oper_list.matrix[1][3]         0.0000000000 
_pdbx_struct_oper_list.vector[1]            0.0000000000 
_pdbx_struct_oper_list.matrix[2][1]         0.0000000000 
_pdbx_struct_oper_list.matrix[2][2]         1.0000000000 
_pdbx_struct_oper_list.matrix[2][3]         0.0000000000 
_pdbx_struct_oper_list.vector[2]            0.0000000000 
_pdbx_struct_oper_list.matrix[3][1]         0.0000000000 
_pdbx_struct_oper_list.matrix[3][2]         0.0000000000 
_pdbx_struct_oper_list.matrix[3][3]         1.0000000000 
_pdbx_struct_oper_list.vector[3]            0.0000000000 
# 
loop_
_struct_conf.conf_type_id 
_struct_conf.id 
_struct_conf.pdbx_PDB_helix_id 
_struct_conf.beg_label_comp_id 
_struct_conf.beg_label_asym_id 
_struct_conf.beg_label_seq_id 
_struct_conf.pdbx_beg_PDB_ins_code 
_struct_conf.end_label_comp_id 
_struct_conf.end_label_asym_id 
_struct_conf.end_label_seq_id 
_struct_conf.pdbx_end_PDB_ins_code 
_struct_conf.beg_auth_comp_id 
_struct_conf.beg_auth_asym_id 
_struct_conf.beg_auth_seq_id 
_struct_conf.end_auth_comp_id 
_struct_conf.end_auth_asym_id 
_struct_conf.end_auth_seq_id 
_struct_conf.pdbx_PDB_helix_class 
_struct_conf.details 
_struct_conf.pdbx_PDB_helix_length 
HELX_P HELX_P1 AA1 ASP A 2  ? ASN A 12 ? ASP A 19 ASN A 29  1 ? 11 
HELX_P HELX_P2 AA2 ASP A 14 ? LYS A 27 ? ASP A 31 LYS A 44  1 ? 14 
HELX_P HELX_P3 AA3 HIS A 53 ? PHE A 60 ? HIS A 70 PHE A 77  1 ? 8  
HELX_P HELX_P4 AA4 SER A 63 ? ASP A 70 ? SER A 80 ASP A 87  1 ? 8  
HELX_P HELX_P5 AA5 ASP A 70 ? SER A 84 ? ASP A 87 SER A 101 1 ? 15 
# 
_struct_conf_type.id          HELX_P 
_struct_conf_type.criteria    ? 
_struct_conf_type.reference   ? 
# 
loop_
_struct_conn.id 
_struct_conn.conn_type_id 
_struct_conn.pdbx_leaving_atom_flag 
_struct_conn.pdbx_PDB_id 
_struct_conn.ptnr1_label_asym_id 
_struct_conn.ptnr1_label_comp_id 
_struct_conn.ptnr1_label_seq_id 
_struct_conn.ptnr1_label_atom_id 
_struct_conn.pdbx_ptnr1_label_alt_id 
_struct_conn.pdbx_ptnr1_PDB_ins_code 
_struct_conn.pdbx_ptnr1_standard_comp_id 
_struct_conn.ptnr1_symmetry 
_struct_conn.ptnr2_label_asym_id 
_struct_conn.ptnr2_label_comp_id 
_struct_conn.ptnr2_label_seq_id 
_struct_conn.ptnr2_label_atom_id 
_struct_conn.pdbx_ptnr2_label_alt_id 
_struct_conn.pdbx_ptnr2_PDB_ins_code 
_struct_conn.ptnr1_auth_asym_id 
_struct_conn.ptnr1_auth_comp_id 
_struct_conn.ptnr1_auth_seq_id 
_struct_conn.ptnr2_auth_asym_id 
_struct_conn.ptnr2_auth_comp_id 
_struct_conn.ptnr2_auth_seq_id 
_struct_conn.ptnr2_symmetry 
_struct_conn.pdbx_ptnr3_label_atom_id 
_struct_conn.pdbx_ptnr3_label_seq_id 
_struct_conn.pdbx_ptnr3_label_comp_id 
_struct_conn.pdbx_ptnr3_label_asym_id 
_struct_conn.pdbx_ptnr3_label_alt_id 
_struct_conn.pdbx_ptnr3_PDB_ins_code 
_struct_conn.details 
_struct_conn.pdbx_dist_value 
_struct_conn.pdbx_value_order 
_struct_conn.pdbx_role 
disulf1 disulf ?    ? A CYS 3  SG A ? ? 1_555 A CYS 72 SG ? ? A CYS 20 A CYS 89 1_555 ? ? ? ? ? ? ? 2.037 ? ? 
disulf2 disulf ?    ? A CYS 3  SG B ? ? 1_555 A CYS 72 SG ? ? A CYS 20 A CYS 89 1_555 ? ? ? ? ? ? ? 2.035 ? ? 
covale1 covale both ? A MSE 1  C  ? ? ? 1_555 A ASP 2  N  ? ? A MSE 18 A ASP 19 1_555 ? ? ? ? ? ? ? 1.330 ? ? 
covale2 covale both ? A ILE 46 C  ? ? ? 1_555 A MSE 47 N  ? ? A ILE 63 A MSE 64 1_555 ? ? ? ? ? ? ? 1.326 ? ? 
covale3 covale both ? A MSE 47 C  ? ? ? 1_555 A GLN 48 N  ? ? A MSE 64 A GLN 65 1_555 ? ? ? ? ? ? ? 1.333 ? ? 
# 
loop_
_struct_conn_type.id 
_struct_conn_type.criteria 
_struct_conn_type.reference 
disulf ? ? 
covale ? ? 
# 
loop_
_pdbx_modification_feature.ordinal 
_pdbx_modification_feature.label_comp_id 
_pdbx_modification_feature.label_asym_id 
_pdbx_modification_feature.label_seq_id 
_pdbx_modification_feature.label_alt_id 
_pdbx_modification_feature.modified_residue_label_comp_id 
_pdbx_modification_feature.modified_residue_label_asym_id 
_pdbx_modification_feature.modified_residue_label_seq_id 
_pdbx_modification_feature.modified_residue_label_alt_id 
_pdbx_modification_feature.auth_comp_id 
_pdbx_modification_feature.auth_asym_id 
_pdbx_modification_feature.auth_seq_id 
_pdbx_modification_feature.PDB_ins_code 
_pdbx_modification_feature.symmetry 
_pdbx_modification_feature.modified_residue_auth_comp_id 
_pdbx_modification_feature.modified_residue_auth_asym_id 
_pdbx_modification_feature.modified_residue_auth_seq_id 
_pdbx_modification_feature.modified_residue_PDB_ins_code 
_pdbx_modification_feature.modified_residue_symmetry 
_pdbx_modification_feature.comp_id_linking_atom 
_pdbx_modification_feature.modified_residue_id_linking_atom 
_pdbx_modification_feature.modified_residue_id 
_pdbx_modification_feature.ref_pcm_id 
_pdbx_modification_feature.ref_comp_id 
_pdbx_modification_feature.type 
_pdbx_modification_feature.category 
1 MSE A 1  ? .   . .  . MSE A 18 ? 1_555 .   . .  . .     .  .  MET 1 MSE Selenomethionine 'Named protein modification' 
2 MSE A 47 ? .   . .  . MSE A 64 ? 1_555 .   . .  . .     .  .  MET 1 MSE Selenomethionine 'Named protein modification' 
3 CYS A 3  A CYS A 72 ? CYS A 20 ? 1_555 CYS A 89 ? 1_555 SG SG .   . .   None             'Disulfide bridge'           
4 CYS A 3  B CYS A 72 ? CYS A 20 ? 1_555 CYS A 89 ? 1_555 SG SG .   . .   None             'Disulfide bridge'           
# 
_struct_sheet.id               AA1 
_struct_sheet.type             ? 
_struct_sheet.number_strands   2 
_struct_sheet.details          ? 
# 
_struct_sheet_order.sheet_id     AA1 
_struct_sheet_order.range_id_1   1 
_struct_sheet_order.range_id_2   2 
_struct_sheet_order.offset       ? 
_struct_sheet_order.sense        anti-parallel 
# 
loop_
_struct_sheet_range.sheet_id 
_struct_sheet_range.id 
_struct_sheet_range.beg_label_comp_id 
_struct_sheet_range.beg_label_asym_id 
_struct_sheet_range.beg_label_seq_id 
_struct_sheet_range.pdbx_beg_PDB_ins_code 
_struct_sheet_range.end_label_comp_id 
_struct_sheet_range.end_label_asym_id 
_struct_sheet_range.end_label_seq_id 
_struct_sheet_range.pdbx_end_PDB_ins_code 
_struct_sheet_range.beg_auth_comp_id 
_struct_sheet_range.beg_auth_asym_id 
_struct_sheet_range.beg_auth_seq_id 
_struct_sheet_range.end_auth_comp_id 
_struct_sheet_range.end_auth_asym_id 
_struct_sheet_range.end_auth_seq_id 
AA1 1 ASN A 43 ? ILE A 44 ? ASN A 60 ILE A 61 
AA1 2 ILE A 49 ? ASN A 50 ? ILE A 66 ASN A 67 
# 
_pdbx_struct_sheet_hbond.sheet_id                AA1 
_pdbx_struct_sheet_hbond.range_id_1              1 
_pdbx_struct_sheet_hbond.range_id_2              2 
_pdbx_struct_sheet_hbond.range_1_label_atom_id   N 
_pdbx_struct_sheet_hbond.range_1_label_comp_id   ILE 
_pdbx_struct_sheet_hbond.range_1_label_asym_id   A 
_pdbx_struct_sheet_hbond.range_1_label_seq_id    44 
_pdbx_struct_sheet_hbond.range_1_PDB_ins_code    ? 
_pdbx_struct_sheet_hbond.range_1_auth_atom_id    N 
_pdbx_struct_sheet_hbond.range_1_auth_comp_id    ILE 
_pdbx_struct_sheet_hbond.range_1_auth_asym_id    A 
_pdbx_struct_sheet_hbond.range_1_auth_seq_id     61 
_pdbx_struct_sheet_hbond.range_2_label_atom_id   O 
_pdbx_struct_sheet_hbond.range_2_label_comp_id   ILE 
_pdbx_struct_sheet_hbond.range_2_label_asym_id   A 
_pdbx_struct_sheet_hbond.range_2_label_seq_id    49 
_pdbx_struct_sheet_hbond.range_2_PDB_ins_code    ? 
_pdbx_struct_sheet_hbond.range_2_auth_atom_id    O 
_pdbx_struct_sheet_hbond.range_2_auth_comp_id    ILE 
_pdbx_struct_sheet_hbond.range_2_auth_asym_id    A 
_pdbx_struct_sheet_hbond.range_2_auth_seq_id     66 
# 
_pdbx_entry_details.entry_id                   4XP8 
_pdbx_entry_details.compound_details           ? 
_pdbx_entry_details.source_details             ? 
_pdbx_entry_details.nonpolymer_details         ? 
_pdbx_entry_details.sequence_details           ? 
_pdbx_entry_details.has_ligand_of_interest     ? 
_pdbx_entry_details.has_protein_modification   Y 
# 
_pdbx_validate_torsion.id              1 
_pdbx_validate_torsion.PDB_model_num   1 
_pdbx_validate_torsion.auth_comp_id    ASN 
_pdbx_validate_torsion.auth_asym_id    A 
_pdbx_validate_torsion.auth_seq_id     102 
_pdbx_validate_torsion.PDB_ins_code    ? 
_pdbx_validate_torsion.label_alt_id    ? 
_pdbx_validate_torsion.phi             -99.26 
_pdbx_validate_torsion.psi             35.13 
# 
_pdbx_struct_mod_residue.id               1 
_pdbx_struct_mod_residue.label_asym_id    A 
_pdbx_struct_mod_residue.label_comp_id    MSE 
_pdbx_struct_mod_residue.label_seq_id     47 
_pdbx_struct_mod_residue.auth_asym_id     A 
_pdbx_struct_mod_residue.auth_comp_id     MSE 
_pdbx_struct_mod_residue.auth_seq_id      64 
_pdbx_struct_mod_residue.PDB_ins_code     ? 
_pdbx_struct_mod_residue.parent_comp_id   MET 
_pdbx_struct_mod_residue.details          'modified residue' 
# 
_pdbx_refine_tls.pdbx_refine_id   'X-RAY DIFFRACTION' 
_pdbx_refine_tls.id               1 
_pdbx_refine_tls.details          ? 
_pdbx_refine_tls.method           refined 
_pdbx_refine_tls.origin_x         -0.3274 
_pdbx_refine_tls.origin_y         -0.0075 
_pdbx_refine_tls.origin_z         0.1032 
_pdbx_refine_tls.T[1][1]          0.0475 
_pdbx_refine_tls.T[2][2]          0.0334 
_pdbx_refine_tls.T[3][3]          0.0278 
_pdbx_refine_tls.T[1][2]          -0.0060 
_pdbx_refine_tls.T[1][3]          -0.0240 
_pdbx_refine_tls.T[2][3]          0.0256 
_pdbx_refine_tls.L[1][1]          2.4559 
_pdbx_refine_tls.L[2][2]          3.6977 
_pdbx_refine_tls.L[3][3]          5.2488 
_pdbx_refine_tls.L[1][2]          -0.4148 
_pdbx_refine_tls.L[1][3]          -0.5188 
_pdbx_refine_tls.L[2][3]          -1.0214 
_pdbx_refine_tls.S[1][1]          0.0299 
_pdbx_refine_tls.S[2][2]          -0.0823 
_pdbx_refine_tls.S[3][3]          0.0524 
_pdbx_refine_tls.S[1][2]          -0.1214 
_pdbx_refine_tls.S[1][3]          -0.1049 
_pdbx_refine_tls.S[2][3]          -0.1159 
_pdbx_refine_tls.S[2][1]          0.1824 
_pdbx_refine_tls.S[3][1]          0.2259 
_pdbx_refine_tls.S[3][2]          0.2313 
# 
_pdbx_refine_tls_group.pdbx_refine_id      'X-RAY DIFFRACTION' 
_pdbx_refine_tls_group.id                  1 
_pdbx_refine_tls_group.refine_tls_id       1 
_pdbx_refine_tls_group.beg_auth_asym_id    A 
_pdbx_refine_tls_group.beg_auth_seq_id     19 
_pdbx_refine_tls_group.end_auth_asym_id    A 
_pdbx_refine_tls_group.end_auth_seq_id     105 
_pdbx_refine_tls_group.selection_details   ? 
_pdbx_refine_tls_group.beg_label_asym_id   ? 
_pdbx_refine_tls_group.beg_label_seq_id    ? 
_pdbx_refine_tls_group.end_label_asym_id   ? 
_pdbx_refine_tls_group.end_label_seq_id    ? 
_pdbx_refine_tls_group.selection           ? 
# 
loop_
_chem_comp_atom.comp_id 
_chem_comp_atom.atom_id 
_chem_comp_atom.type_symbol 
_chem_comp_atom.pdbx_aromatic_flag 
_chem_comp_atom.pdbx_stereo_config 
_chem_comp_atom.pdbx_ordinal 
ALA N    N  N N 1   
ALA CA   C  N S 2   
ALA C    C  N N 3   
ALA O    O  N N 4   
ALA CB   C  N N 5   
ALA OXT  O  N N 6   
ALA H    H  N N 7   
ALA H2   H  N N 8   
ALA HA   H  N N 9   
ALA HB1  H  N N 10  
ALA HB2  H  N N 11  
ALA HB3  H  N N 12  
ALA HXT  H  N N 13  
ASN N    N  N N 14  
ASN CA   C  N S 15  
ASN C    C  N N 16  
ASN O    O  N N 17  
ASN CB   C  N N 18  
ASN CG   C  N N 19  
ASN OD1  O  N N 20  
ASN ND2  N  N N 21  
ASN OXT  O  N N 22  
ASN H    H  N N 23  
ASN H2   H  N N 24  
ASN HA   H  N N 25  
ASN HB2  H  N N 26  
ASN HB3  H  N N 27  
ASN HD21 H  N N 28  
ASN HD22 H  N N 29  
ASN HXT  H  N N 30  
ASP N    N  N N 31  
ASP CA   C  N S 32  
ASP C    C  N N 33  
ASP O    O  N N 34  
ASP CB   C  N N 35  
ASP CG   C  N N 36  
ASP OD1  O  N N 37  
ASP OD2  O  N N 38  
ASP OXT  O  N N 39  
ASP H    H  N N 40  
ASP H2   H  N N 41  
ASP HA   H  N N 42  
ASP HB2  H  N N 43  
ASP HB3  H  N N 44  
ASP HD2  H  N N 45  
ASP HXT  H  N N 46  
CYS N    N  N N 47  
CYS CA   C  N R 48  
CYS C    C  N N 49  
CYS O    O  N N 50  
CYS CB   C  N N 51  
CYS SG   S  N N 52  
CYS OXT  O  N N 53  
CYS H    H  N N 54  
CYS H2   H  N N 55  
CYS HA   H  N N 56  
CYS HB2  H  N N 57  
CYS HB3  H  N N 58  
CYS HG   H  N N 59  
CYS HXT  H  N N 60  
GLN N    N  N N 61  
GLN CA   C  N S 62  
GLN C    C  N N 63  
GLN O    O  N N 64  
GLN CB   C  N N 65  
GLN CG   C  N N 66  
GLN CD   C  N N 67  
GLN OE1  O  N N 68  
GLN NE2  N  N N 69  
GLN OXT  O  N N 70  
GLN H    H  N N 71  
GLN H2   H  N N 72  
GLN HA   H  N N 73  
GLN HB2  H  N N 74  
GLN HB3  H  N N 75  
GLN HG2  H  N N 76  
GLN HG3  H  N N 77  
GLN HE21 H  N N 78  
GLN HE22 H  N N 79  
GLN HXT  H  N N 80  
GLU N    N  N N 81  
GLU CA   C  N S 82  
GLU C    C  N N 83  
GLU O    O  N N 84  
GLU CB   C  N N 85  
GLU CG   C  N N 86  
GLU CD   C  N N 87  
GLU OE1  O  N N 88  
GLU OE2  O  N N 89  
GLU OXT  O  N N 90  
GLU H    H  N N 91  
GLU H2   H  N N 92  
GLU HA   H  N N 93  
GLU HB2  H  N N 94  
GLU HB3  H  N N 95  
GLU HG2  H  N N 96  
GLU HG3  H  N N 97  
GLU HE2  H  N N 98  
GLU HXT  H  N N 99  
GLY N    N  N N 100 
GLY CA   C  N N 101 
GLY C    C  N N 102 
GLY O    O  N N 103 
GLY OXT  O  N N 104 
GLY H    H  N N 105 
GLY H2   H  N N 106 
GLY HA2  H  N N 107 
GLY HA3  H  N N 108 
GLY HXT  H  N N 109 
HIS N    N  N N 110 
HIS CA   C  N S 111 
HIS C    C  N N 112 
HIS O    O  N N 113 
HIS CB   C  N N 114 
HIS CG   C  Y N 115 
HIS ND1  N  Y N 116 
HIS CD2  C  Y N 117 
HIS CE1  C  Y N 118 
HIS NE2  N  Y N 119 
HIS OXT  O  N N 120 
HIS H    H  N N 121 
HIS H2   H  N N 122 
HIS HA   H  N N 123 
HIS HB2  H  N N 124 
HIS HB3  H  N N 125 
HIS HD1  H  N N 126 
HIS HD2  H  N N 127 
HIS HE1  H  N N 128 
HIS HE2  H  N N 129 
HIS HXT  H  N N 130 
HOH O    O  N N 131 
HOH H1   H  N N 132 
HOH H2   H  N N 133 
ILE N    N  N N 134 
ILE CA   C  N S 135 
ILE C    C  N N 136 
ILE O    O  N N 137 
ILE CB   C  N S 138 
ILE CG1  C  N N 139 
ILE CG2  C  N N 140 
ILE CD1  C  N N 141 
ILE OXT  O  N N 142 
ILE H    H  N N 143 
ILE H2   H  N N 144 
ILE HA   H  N N 145 
ILE HB   H  N N 146 
ILE HG12 H  N N 147 
ILE HG13 H  N N 148 
ILE HG21 H  N N 149 
ILE HG22 H  N N 150 
ILE HG23 H  N N 151 
ILE HD11 H  N N 152 
ILE HD12 H  N N 153 
ILE HD13 H  N N 154 
ILE HXT  H  N N 155 
LEU N    N  N N 156 
LEU CA   C  N S 157 
LEU C    C  N N 158 
LEU O    O  N N 159 
LEU CB   C  N N 160 
LEU CG   C  N N 161 
LEU CD1  C  N N 162 
LEU CD2  C  N N 163 
LEU OXT  O  N N 164 
LEU H    H  N N 165 
LEU H2   H  N N 166 
LEU HA   H  N N 167 
LEU HB2  H  N N 168 
LEU HB3  H  N N 169 
LEU HG   H  N N 170 
LEU HD11 H  N N 171 
LEU HD12 H  N N 172 
LEU HD13 H  N N 173 
LEU HD21 H  N N 174 
LEU HD22 H  N N 175 
LEU HD23 H  N N 176 
LEU HXT  H  N N 177 
LYS N    N  N N 178 
LYS CA   C  N S 179 
LYS C    C  N N 180 
LYS O    O  N N 181 
LYS CB   C  N N 182 
LYS CG   C  N N 183 
LYS CD   C  N N 184 
LYS CE   C  N N 185 
LYS NZ   N  N N 186 
LYS OXT  O  N N 187 
LYS H    H  N N 188 
LYS H2   H  N N 189 
LYS HA   H  N N 190 
LYS HB2  H  N N 191 
LYS HB3  H  N N 192 
LYS HG2  H  N N 193 
LYS HG3  H  N N 194 
LYS HD2  H  N N 195 
LYS HD3  H  N N 196 
LYS HE2  H  N N 197 
LYS HE3  H  N N 198 
LYS HZ1  H  N N 199 
LYS HZ2  H  N N 200 
LYS HZ3  H  N N 201 
LYS HXT  H  N N 202 
MSE N    N  N N 203 
MSE CA   C  N S 204 
MSE C    C  N N 205 
MSE O    O  N N 206 
MSE OXT  O  N N 207 
MSE CB   C  N N 208 
MSE CG   C  N N 209 
MSE SE   SE N N 210 
MSE CE   C  N N 211 
MSE H    H  N N 212 
MSE H2   H  N N 213 
MSE HA   H  N N 214 
MSE HXT  H  N N 215 
MSE HB2  H  N N 216 
MSE HB3  H  N N 217 
MSE HG2  H  N N 218 
MSE HG3  H  N N 219 
MSE HE1  H  N N 220 
MSE HE2  H  N N 221 
MSE HE3  H  N N 222 
PHE N    N  N N 223 
PHE CA   C  N S 224 
PHE C    C  N N 225 
PHE O    O  N N 226 
PHE CB   C  N N 227 
PHE CG   C  Y N 228 
PHE CD1  C  Y N 229 
PHE CD2  C  Y N 230 
PHE CE1  C  Y N 231 
PHE CE2  C  Y N 232 
PHE CZ   C  Y N 233 
PHE OXT  O  N N 234 
PHE H    H  N N 235 
PHE H2   H  N N 236 
PHE HA   H  N N 237 
PHE HB2  H  N N 238 
PHE HB3  H  N N 239 
PHE HD1  H  N N 240 
PHE HD2  H  N N 241 
PHE HE1  H  N N 242 
PHE HE2  H  N N 243 
PHE HZ   H  N N 244 
PHE HXT  H  N N 245 
PRO N    N  N N 246 
PRO CA   C  N S 247 
PRO C    C  N N 248 
PRO O    O  N N 249 
PRO CB   C  N N 250 
PRO CG   C  N N 251 
PRO CD   C  N N 252 
PRO OXT  O  N N 253 
PRO H    H  N N 254 
PRO HA   H  N N 255 
PRO HB2  H  N N 256 
PRO HB3  H  N N 257 
PRO HG2  H  N N 258 
PRO HG3  H  N N 259 
PRO HD2  H  N N 260 
PRO HD3  H  N N 261 
PRO HXT  H  N N 262 
SER N    N  N N 263 
SER CA   C  N S 264 
SER C    C  N N 265 
SER O    O  N N 266 
SER CB   C  N N 267 
SER OG   O  N N 268 
SER OXT  O  N N 269 
SER H    H  N N 270 
SER H2   H  N N 271 
SER HA   H  N N 272 
SER HB2  H  N N 273 
SER HB3  H  N N 274 
SER HG   H  N N 275 
SER HXT  H  N N 276 
THR N    N  N N 277 
THR CA   C  N S 278 
THR C    C  N N 279 
THR O    O  N N 280 
THR CB   C  N R 281 
THR OG1  O  N N 282 
THR CG2  C  N N 283 
THR OXT  O  N N 284 
THR H    H  N N 285 
THR H2   H  N N 286 
THR HA   H  N N 287 
THR HB   H  N N 288 
THR HG1  H  N N 289 
THR HG21 H  N N 290 
THR HG22 H  N N 291 
THR HG23 H  N N 292 
THR HXT  H  N N 293 
TRP N    N  N N 294 
TRP CA   C  N S 295 
TRP C    C  N N 296 
TRP O    O  N N 297 
TRP CB   C  N N 298 
TRP CG   C  Y N 299 
TRP CD1  C  Y N 300 
TRP CD2  C  Y N 301 
TRP NE1  N  Y N 302 
TRP CE2  C  Y N 303 
TRP CE3  C  Y N 304 
TRP CZ2  C  Y N 305 
TRP CZ3  C  Y N 306 
TRP CH2  C  Y N 307 
TRP OXT  O  N N 308 
TRP H    H  N N 309 
TRP H2   H  N N 310 
TRP HA   H  N N 311 
TRP HB2  H  N N 312 
TRP HB3  H  N N 313 
TRP HD1  H  N N 314 
TRP HE1  H  N N 315 
TRP HE3  H  N N 316 
TRP HZ2  H  N N 317 
TRP HZ3  H  N N 318 
TRP HH2  H  N N 319 
TRP HXT  H  N N 320 
TYR N    N  N N 321 
TYR CA   C  N S 322 
TYR C    C  N N 323 
TYR O    O  N N 324 
TYR CB   C  N N 325 
TYR CG   C  Y N 326 
TYR CD1  C  Y N 327 
TYR CD2  C  Y N 328 
TYR CE1  C  Y N 329 
TYR CE2  C  Y N 330 
TYR CZ   C  Y N 331 
TYR OH   O  N N 332 
TYR OXT  O  N N 333 
TYR H    H  N N 334 
TYR H2   H  N N 335 
TYR HA   H  N N 336 
TYR HB2  H  N N 337 
TYR HB3  H  N N 338 
TYR HD1  H  N N 339 
TYR HD2  H  N N 340 
TYR HE1  H  N N 341 
TYR HE2  H  N N 342 
TYR HH   H  N N 343 
TYR HXT  H  N N 344 
VAL N    N  N N 345 
VAL CA   C  N S 346 
VAL C    C  N N 347 
VAL O    O  N N 348 
VAL CB   C  N N 349 
VAL CG1  C  N N 350 
VAL CG2  C  N N 351 
VAL OXT  O  N N 352 
VAL H    H  N N 353 
VAL H2   H  N N 354 
VAL HA   H  N N 355 
VAL HB   H  N N 356 
VAL HG11 H  N N 357 
VAL HG12 H  N N 358 
VAL HG13 H  N N 359 
VAL HG21 H  N N 360 
VAL HG22 H  N N 361 
VAL HG23 H  N N 362 
VAL HXT  H  N N 363 
# 
loop_
_chem_comp_bond.comp_id 
_chem_comp_bond.atom_id_1 
_chem_comp_bond.atom_id_2 
_chem_comp_bond.value_order 
_chem_comp_bond.pdbx_aromatic_flag 
_chem_comp_bond.pdbx_stereo_config 
_chem_comp_bond.pdbx_ordinal 
ALA N   CA   sing N N 1   
ALA N   H    sing N N 2   
ALA N   H2   sing N N 3   
ALA CA  C    sing N N 4   
ALA CA  CB   sing N N 5   
ALA CA  HA   sing N N 6   
ALA C   O    doub N N 7   
ALA C   OXT  sing N N 8   
ALA CB  HB1  sing N N 9   
ALA CB  HB2  sing N N 10  
ALA CB  HB3  sing N N 11  
ALA OXT HXT  sing N N 12  
ASN N   CA   sing N N 13  
ASN N   H    sing N N 14  
ASN N   H2   sing N N 15  
ASN CA  C    sing N N 16  
ASN CA  CB   sing N N 17  
ASN CA  HA   sing N N 18  
ASN C   O    doub N N 19  
ASN C   OXT  sing N N 20  
ASN CB  CG   sing N N 21  
ASN CB  HB2  sing N N 22  
ASN CB  HB3  sing N N 23  
ASN CG  OD1  doub N N 24  
ASN CG  ND2  sing N N 25  
ASN ND2 HD21 sing N N 26  
ASN ND2 HD22 sing N N 27  
ASN OXT HXT  sing N N 28  
ASP N   CA   sing N N 29  
ASP N   H    sing N N 30  
ASP N   H2   sing N N 31  
ASP CA  C    sing N N 32  
ASP CA  CB   sing N N 33  
ASP CA  HA   sing N N 34  
ASP C   O    doub N N 35  
ASP C   OXT  sing N N 36  
ASP CB  CG   sing N N 37  
ASP CB  HB2  sing N N 38  
ASP CB  HB3  sing N N 39  
ASP CG  OD1  doub N N 40  
ASP CG  OD2  sing N N 41  
ASP OD2 HD2  sing N N 42  
ASP OXT HXT  sing N N 43  
CYS N   CA   sing N N 44  
CYS N   H    sing N N 45  
CYS N   H2   sing N N 46  
CYS CA  C    sing N N 47  
CYS CA  CB   sing N N 48  
CYS CA  HA   sing N N 49  
CYS C   O    doub N N 50  
CYS C   OXT  sing N N 51  
CYS CB  SG   sing N N 52  
CYS CB  HB2  sing N N 53  
CYS CB  HB3  sing N N 54  
CYS SG  HG   sing N N 55  
CYS OXT HXT  sing N N 56  
GLN N   CA   sing N N 57  
GLN N   H    sing N N 58  
GLN N   H2   sing N N 59  
GLN CA  C    sing N N 60  
GLN CA  CB   sing N N 61  
GLN CA  HA   sing N N 62  
GLN C   O    doub N N 63  
GLN C   OXT  sing N N 64  
GLN CB  CG   sing N N 65  
GLN CB  HB2  sing N N 66  
GLN CB  HB3  sing N N 67  
GLN CG  CD   sing N N 68  
GLN CG  HG2  sing N N 69  
GLN CG  HG3  sing N N 70  
GLN CD  OE1  doub N N 71  
GLN CD  NE2  sing N N 72  
GLN NE2 HE21 sing N N 73  
GLN NE2 HE22 sing N N 74  
GLN OXT HXT  sing N N 75  
GLU N   CA   sing N N 76  
GLU N   H    sing N N 77  
GLU N   H2   sing N N 78  
GLU CA  C    sing N N 79  
GLU CA  CB   sing N N 80  
GLU CA  HA   sing N N 81  
GLU C   O    doub N N 82  
GLU C   OXT  sing N N 83  
GLU CB  CG   sing N N 84  
GLU CB  HB2  sing N N 85  
GLU CB  HB3  sing N N 86  
GLU CG  CD   sing N N 87  
GLU CG  HG2  sing N N 88  
GLU CG  HG3  sing N N 89  
GLU CD  OE1  doub N N 90  
GLU CD  OE2  sing N N 91  
GLU OE2 HE2  sing N N 92  
GLU OXT HXT  sing N N 93  
GLY N   CA   sing N N 94  
GLY N   H    sing N N 95  
GLY N   H2   sing N N 96  
GLY CA  C    sing N N 97  
GLY CA  HA2  sing N N 98  
GLY CA  HA3  sing N N 99  
GLY C   O    doub N N 100 
GLY C   OXT  sing N N 101 
GLY OXT HXT  sing N N 102 
HIS N   CA   sing N N 103 
HIS N   H    sing N N 104 
HIS N   H2   sing N N 105 
HIS CA  C    sing N N 106 
HIS CA  CB   sing N N 107 
HIS CA  HA   sing N N 108 
HIS C   O    doub N N 109 
HIS C   OXT  sing N N 110 
HIS CB  CG   sing N N 111 
HIS CB  HB2  sing N N 112 
HIS CB  HB3  sing N N 113 
HIS CG  ND1  sing Y N 114 
HIS CG  CD2  doub Y N 115 
HIS ND1 CE1  doub Y N 116 
HIS ND1 HD1  sing N N 117 
HIS CD2 NE2  sing Y N 118 
HIS CD2 HD2  sing N N 119 
HIS CE1 NE2  sing Y N 120 
HIS CE1 HE1  sing N N 121 
HIS NE2 HE2  sing N N 122 
HIS OXT HXT  sing N N 123 
HOH O   H1   sing N N 124 
HOH O   H2   sing N N 125 
ILE N   CA   sing N N 126 
ILE N   H    sing N N 127 
ILE N   H2   sing N N 128 
ILE CA  C    sing N N 129 
ILE CA  CB   sing N N 130 
ILE CA  HA   sing N N 131 
ILE C   O    doub N N 132 
ILE C   OXT  sing N N 133 
ILE CB  CG1  sing N N 134 
ILE CB  CG2  sing N N 135 
ILE CB  HB   sing N N 136 
ILE CG1 CD1  sing N N 137 
ILE CG1 HG12 sing N N 138 
ILE CG1 HG13 sing N N 139 
ILE CG2 HG21 sing N N 140 
ILE CG2 HG22 sing N N 141 
ILE CG2 HG23 sing N N 142 
ILE CD1 HD11 sing N N 143 
ILE CD1 HD12 sing N N 144 
ILE CD1 HD13 sing N N 145 
ILE OXT HXT  sing N N 146 
LEU N   CA   sing N N 147 
LEU N   H    sing N N 148 
LEU N   H2   sing N N 149 
LEU CA  C    sing N N 150 
LEU CA  CB   sing N N 151 
LEU CA  HA   sing N N 152 
LEU C   O    doub N N 153 
LEU C   OXT  sing N N 154 
LEU CB  CG   sing N N 155 
LEU CB  HB2  sing N N 156 
LEU CB  HB3  sing N N 157 
LEU CG  CD1  sing N N 158 
LEU CG  CD2  sing N N 159 
LEU CG  HG   sing N N 160 
LEU CD1 HD11 sing N N 161 
LEU CD1 HD12 sing N N 162 
LEU CD1 HD13 sing N N 163 
LEU CD2 HD21 sing N N 164 
LEU CD2 HD22 sing N N 165 
LEU CD2 HD23 sing N N 166 
LEU OXT HXT  sing N N 167 
LYS N   CA   sing N N 168 
LYS N   H    sing N N 169 
LYS N   H2   sing N N 170 
LYS CA  C    sing N N 171 
LYS CA  CB   sing N N 172 
LYS CA  HA   sing N N 173 
LYS C   O    doub N N 174 
LYS C   OXT  sing N N 175 
LYS CB  CG   sing N N 176 
LYS CB  HB2  sing N N 177 
LYS CB  HB3  sing N N 178 
LYS CG  CD   sing N N 179 
LYS CG  HG2  sing N N 180 
LYS CG  HG3  sing N N 181 
LYS CD  CE   sing N N 182 
LYS CD  HD2  sing N N 183 
LYS CD  HD3  sing N N 184 
LYS CE  NZ   sing N N 185 
LYS CE  HE2  sing N N 186 
LYS CE  HE3  sing N N 187 
LYS NZ  HZ1  sing N N 188 
LYS NZ  HZ2  sing N N 189 
LYS NZ  HZ3  sing N N 190 
LYS OXT HXT  sing N N 191 
MSE N   CA   sing N N 192 
MSE N   H    sing N N 193 
MSE N   H2   sing N N 194 
MSE CA  C    sing N N 195 
MSE CA  CB   sing N N 196 
MSE CA  HA   sing N N 197 
MSE C   O    doub N N 198 
MSE C   OXT  sing N N 199 
MSE OXT HXT  sing N N 200 
MSE CB  CG   sing N N 201 
MSE CB  HB2  sing N N 202 
MSE CB  HB3  sing N N 203 
MSE CG  SE   sing N N 204 
MSE CG  HG2  sing N N 205 
MSE CG  HG3  sing N N 206 
MSE SE  CE   sing N N 207 
MSE CE  HE1  sing N N 208 
MSE CE  HE2  sing N N 209 
MSE CE  HE3  sing N N 210 
PHE N   CA   sing N N 211 
PHE N   H    sing N N 212 
PHE N   H2   sing N N 213 
PHE CA  C    sing N N 214 
PHE CA  CB   sing N N 215 
PHE CA  HA   sing N N 216 
PHE C   O    doub N N 217 
PHE C   OXT  sing N N 218 
PHE CB  CG   sing N N 219 
PHE CB  HB2  sing N N 220 
PHE CB  HB3  sing N N 221 
PHE CG  CD1  doub Y N 222 
PHE CG  CD2  sing Y N 223 
PHE CD1 CE1  sing Y N 224 
PHE CD1 HD1  sing N N 225 
PHE CD2 CE2  doub Y N 226 
PHE CD2 HD2  sing N N 227 
PHE CE1 CZ   doub Y N 228 
PHE CE1 HE1  sing N N 229 
PHE CE2 CZ   sing Y N 230 
PHE CE2 HE2  sing N N 231 
PHE CZ  HZ   sing N N 232 
PHE OXT HXT  sing N N 233 
PRO N   CA   sing N N 234 
PRO N   CD   sing N N 235 
PRO N   H    sing N N 236 
PRO CA  C    sing N N 237 
PRO CA  CB   sing N N 238 
PRO CA  HA   sing N N 239 
PRO C   O    doub N N 240 
PRO C   OXT  sing N N 241 
PRO CB  CG   sing N N 242 
PRO CB  HB2  sing N N 243 
PRO CB  HB3  sing N N 244 
PRO CG  CD   sing N N 245 
PRO CG  HG2  sing N N 246 
PRO CG  HG3  sing N N 247 
PRO CD  HD2  sing N N 248 
PRO CD  HD3  sing N N 249 
PRO OXT HXT  sing N N 250 
SER N   CA   sing N N 251 
SER N   H    sing N N 252 
SER N   H2   sing N N 253 
SER CA  C    sing N N 254 
SER CA  CB   sing N N 255 
SER CA  HA   sing N N 256 
SER C   O    doub N N 257 
SER C   OXT  sing N N 258 
SER CB  OG   sing N N 259 
SER CB  HB2  sing N N 260 
SER CB  HB3  sing N N 261 
SER OG  HG   sing N N 262 
SER OXT HXT  sing N N 263 
THR N   CA   sing N N 264 
THR N   H    sing N N 265 
THR N   H2   sing N N 266 
THR CA  C    sing N N 267 
THR CA  CB   sing N N 268 
THR CA  HA   sing N N 269 
THR C   O    doub N N 270 
THR C   OXT  sing N N 271 
THR CB  OG1  sing N N 272 
THR CB  CG2  sing N N 273 
THR CB  HB   sing N N 274 
THR OG1 HG1  sing N N 275 
THR CG2 HG21 sing N N 276 
THR CG2 HG22 sing N N 277 
THR CG2 HG23 sing N N 278 
THR OXT HXT  sing N N 279 
TRP N   CA   sing N N 280 
TRP N   H    sing N N 281 
TRP N   H2   sing N N 282 
TRP CA  C    sing N N 283 
TRP CA  CB   sing N N 284 
TRP CA  HA   sing N N 285 
TRP C   O    doub N N 286 
TRP C   OXT  sing N N 287 
TRP CB  CG   sing N N 288 
TRP CB  HB2  sing N N 289 
TRP CB  HB3  sing N N 290 
TRP CG  CD1  doub Y N 291 
TRP CG  CD2  sing Y N 292 
TRP CD1 NE1  sing Y N 293 
TRP CD1 HD1  sing N N 294 
TRP CD2 CE2  doub Y N 295 
TRP CD2 CE3  sing Y N 296 
TRP NE1 CE2  sing Y N 297 
TRP NE1 HE1  sing N N 298 
TRP CE2 CZ2  sing Y N 299 
TRP CE3 CZ3  doub Y N 300 
TRP CE3 HE3  sing N N 301 
TRP CZ2 CH2  doub Y N 302 
TRP CZ2 HZ2  sing N N 303 
TRP CZ3 CH2  sing Y N 304 
TRP CZ3 HZ3  sing N N 305 
TRP CH2 HH2  sing N N 306 
TRP OXT HXT  sing N N 307 
TYR N   CA   sing N N 308 
TYR N   H    sing N N 309 
TYR N   H2   sing N N 310 
TYR CA  C    sing N N 311 
TYR CA  CB   sing N N 312 
TYR CA  HA   sing N N 313 
TYR C   O    doub N N 314 
TYR C   OXT  sing N N 315 
TYR CB  CG   sing N N 316 
TYR CB  HB2  sing N N 317 
TYR CB  HB3  sing N N 318 
TYR CG  CD1  doub Y N 319 
TYR CG  CD2  sing Y N 320 
TYR CD1 CE1  sing Y N 321 
TYR CD1 HD1  sing N N 322 
TYR CD2 CE2  doub Y N 323 
TYR CD2 HD2  sing N N 324 
TYR CE1 CZ   doub Y N 325 
TYR CE1 HE1  sing N N 326 
TYR CE2 CZ   sing Y N 327 
TYR CE2 HE2  sing N N 328 
TYR CZ  OH   sing N N 329 
TYR OH  HH   sing N N 330 
TYR OXT HXT  sing N N 331 
VAL N   CA   sing N N 332 
VAL N   H    sing N N 333 
VAL N   H2   sing N N 334 
VAL CA  C    sing N N 335 
VAL CA  CB   sing N N 336 
VAL CA  HA   sing N N 337 
VAL C   O    doub N N 338 
VAL C   OXT  sing N N 339 
VAL CB  CG1  sing N N 340 
VAL CB  CG2  sing N N 341 
VAL CB  HB   sing N N 342 
VAL CG1 HG11 sing N N 343 
VAL CG1 HG12 sing N N 344 
VAL CG1 HG13 sing N N 345 
VAL CG2 HG21 sing N N 346 
VAL CG2 HG22 sing N N 347 
VAL CG2 HG23 sing N N 348 
VAL OXT HXT  sing N N 349 
# 
_pdbx_audit_support.funding_organization   'Canadian Institutes of Health Research (CIHR)' 
_pdbx_audit_support.country                Canada 
_pdbx_audit_support.grant_number           ? 
_pdbx_audit_support.ordinal                1 
# 
_atom_sites.entry_id                    4XP8 
_atom_sites.fract_transf_matrix[1][1]   -0.03375430 
_atom_sites.fract_transf_matrix[1][2]   -0.01209950 
_atom_sites.fract_transf_matrix[1][3]   -0.00815857 
_atom_sites.fract_transf_matrix[2][1]   -0.02948145 
_atom_sites.fract_transf_matrix[2][2]   0.01681760 
_atom_sites.fract_transf_matrix[2][3]   0.01415414 
_atom_sites.fract_transf_matrix[3][1]   -0.00019445 
_atom_sites.fract_transf_matrix[3][2]   0.00410191 
_atom_sites.fract_transf_matrix[3][3]   -0.00527881 
_atom_sites.fract_transf_vector[1]      1.229736 
_atom_sites.fract_transf_vector[2]      0.873871 
_atom_sites.fract_transf_vector[3]      -0.063385 
# 
loop_
_atom_type.symbol 
C  
N  
O  
S  
SE 
# 
loop_
_atom_site.group_PDB 
_atom_site.id 
_atom_site.type_symbol 
_atom_site.label_atom_id 
_atom_site.label_alt_id 
_atom_site.label_comp_id 
_atom_site.label_asym_id 
_atom_site.label_entity_id 
_atom_site.label_seq_id 
_atom_site.pdbx_PDB_ins_code 
_atom_site.Cartn_x 
_atom_site.Cartn_y 
_atom_site.Cartn_z 
_atom_site.occupancy 
_atom_site.B_iso_or_equiv 
_atom_site.pdbx_formal_charge 
_atom_site.auth_seq_id 
_atom_site.auth_comp_id 
_atom_site.auth_asym_id 
_atom_site.auth_atom_id 
_atom_site.pdbx_PDB_model_num 
HETATM 1   N  N   . MSE A 1 1  ? 9.051   12.243  -11.501 1.00 32.22 ? 18  MSE A N   1 
HETATM 2   C  CA  . MSE A 1 1  ? 7.632   11.879  -11.231 1.00 35.17 ? 18  MSE A CA  1 
HETATM 3   C  C   . MSE A 1 1  ? 7.491   11.359  -9.843  1.00 31.54 ? 18  MSE A C   1 
HETATM 4   O  O   . MSE A 1 1  ? 8.393   10.706  -9.334  1.00 35.39 ? 18  MSE A O   1 
HETATM 5   C  CB  . MSE A 1 1  ? 7.196   10.732  -12.124 1.00 44.03 ? 18  MSE A CB  1 
HETATM 6   C  CG  . MSE A 1 1  ? 6.429   11.224  -13.334 1.00 52.07 ? 18  MSE A CG  1 
HETATM 7   SE SE  . MSE A 1 1  ? 6.657   9.844   -14.720 1.00 71.09 ? 18  MSE A SE  1 
HETATM 8   C  CE  . MSE A 1 1  ? 5.573   8.425   -13.961 1.00 31.61 ? 18  MSE A CE  1 
ATOM   9   N  N   . ASP A 1 2  ? 6.337   11.604  -9.228  1.00 41.65 ? 19  ASP A N   1 
ATOM   10  C  CA  . ASP A 1 2  ? 6.083   11.061  -7.907  1.00 39.95 ? 19  ASP A CA  1 
ATOM   11  C  C   . ASP A 1 2  ? 5.753   9.572   -7.998  1.00 35.48 ? 19  ASP A C   1 
ATOM   12  O  O   . ASP A 1 2  ? 5.470   9.015   -9.087  1.00 30.12 ? 19  ASP A O   1 
ATOM   13  C  CB  . ASP A 1 2  ? 5.039   11.893  -7.122  1.00 42.21 ? 19  ASP A CB  1 
ATOM   14  C  CG  . ASP A 1 2  ? 3.616   11.799  -7.688  1.00 41.18 ? 19  ASP A CG  1 
ATOM   15  O  OD1 . ASP A 1 2  ? 3.101   10.703  -7.861  1.00 38.64 ? 19  ASP A OD1 1 
ATOM   16  O  OD2 . ASP A 1 2  ? 2.989   12.836  -7.922  1.00 48.02 ? 19  ASP A OD2 1 
ATOM   17  N  N   . CYS A 1 3  ? 5.781   8.948   -6.836  1.00 35.00 ? 20  CYS A N   1 
ATOM   18  C  CA  A CYS A 1 3  ? 5.595   7.508   -6.728  0.70 36.53 ? 20  CYS A CA  1 
ATOM   19  C  CA  B CYS A 1 3  ? 5.602   7.509   -6.730  0.30 36.05 ? 20  CYS A CA  1 
ATOM   20  C  C   . CYS A 1 3  ? 4.194   7.063   -7.138  1.00 33.22 ? 20  CYS A C   1 
ATOM   21  O  O   . CYS A 1 3  ? 4.022   5.934   -7.598  1.00 30.70 ? 20  CYS A O   1 
ATOM   22  C  CB  A CYS A 1 3  ? 5.959   7.038   -5.310  0.70 41.57 ? 20  CYS A CB  1 
ATOM   23  C  CB  B CYS A 1 3  ? 5.992   7.033   -5.320  0.30 40.00 ? 20  CYS A CB  1 
ATOM   24  S  SG  A CYS A 1 3  ? 7.697   7.443   -4.996  0.70 54.16 ? 20  CYS A SG  1 
ATOM   25  S  SG  B CYS A 1 3  ? 7.741   7.403   -5.007  0.30 48.34 ? 20  CYS A SG  1 
ATOM   26  N  N   . PHE A 1 4  ? 3.190   7.943   -6.992  1.00 27.90 ? 21  PHE A N   1 
ATOM   27  C  CA  . PHE A 1 4  ? 1.836   7.620   -7.492  1.00 27.77 ? 21  PHE A CA  1 
ATOM   28  C  C   . PHE A 1 4  ? 1.812   7.575   -9.012  1.00 26.79 ? 21  PHE A C   1 
ATOM   29  O  O   . PHE A 1 4  ? 1.216   6.687   -9.616  1.00 25.34 ? 21  PHE A O   1 
ATOM   30  C  CB  . PHE A 1 4  ? 0.768   8.631   -7.023  1.00 28.02 ? 21  PHE A CB  1 
ATOM   31  C  CG  . PHE A 1 4  ? 0.550   8.644   -5.545  1.00 25.65 ? 21  PHE A CG  1 
ATOM   32  C  CD1 . PHE A 1 4  ? -0.270  7.717   -4.954  1.00 23.60 ? 21  PHE A CD1 1 
ATOM   33  C  CD2 . PHE A 1 4  ? 1.119   9.640   -4.752  1.00 30.79 ? 21  PHE A CD2 1 
ATOM   34  C  CE1 . PHE A 1 4  ? -0.489  7.751   -3.580  1.00 27.47 ? 21  PHE A CE1 1 
ATOM   35  C  CE2 . PHE A 1 4  ? 0.910   9.678   -3.378  1.00 27.36 ? 21  PHE A CE2 1 
ATOM   36  C  CZ  . PHE A 1 4  ? 0.102   8.730   -2.795  1.00 24.69 ? 21  PHE A CZ  1 
ATOM   37  N  N   . GLU A 1 5  ? 2.473   8.536   -9.640  1.00 30.37 ? 22  GLU A N   1 
ATOM   38  C  CA  . GLU A 1 5  ? 2.558   8.560   -11.110 1.00 34.92 ? 22  GLU A CA  1 
ATOM   39  C  C   . GLU A 1 5  ? 3.341   7.354   -11.675 1.00 31.61 ? 22  GLU A C   1 
ATOM   40  O  O   . GLU A 1 5  ? 2.934   6.758   -12.683 1.00 31.56 ? 22  GLU A O   1 
ATOM   41  C  CB  . GLU A 1 5  ? 3.217   9.849   -11.605 1.00 39.84 ? 22  GLU A CB  1 
ATOM   42  C  CG  . GLU A 1 5  ? 2.633   11.120  -10.989 1.00 47.82 ? 22  GLU A CG  1 
ATOM   43  C  CD  . GLU A 1 5  ? 1.756   11.917  -11.909 1.00 56.81 ? 22  GLU A CD  1 
ATOM   44  O  OE1 . GLU A 1 5  ? 1.016   11.313  -12.721 1.00 67.50 ? 22  GLU A OE1 1 
ATOM   45  O  OE2 . GLU A 1 5  ? 1.780   13.161  -11.773 1.00 66.51 ? 22  GLU A OE2 1 
ATOM   46  N  N   . ILE A 1 6  ? 4.464   7.023   -11.038 1.00 31.14 ? 23  ILE A N   1 
ATOM   47  C  CA  . ILE A 1 6  ? 5.328   5.900   -11.461 1.00 31.09 ? 23  ILE A CA  1 
ATOM   48  C  C   . ILE A 1 6  ? 4.541   4.575   -11.331 1.00 27.74 ? 23  ILE A C   1 
ATOM   49  O  O   . ILE A 1 6  ? 4.576   3.712   -12.217 1.00 25.45 ? 23  ILE A O   1 
ATOM   50  C  CB  . ILE A 1 6  ? 6.638   5.842   -10.619 1.00 33.30 ? 23  ILE A CB  1 
ATOM   51  C  CG1 . ILE A 1 6  ? 7.557   7.025   -10.947 1.00 37.48 ? 23  ILE A CG1 1 
ATOM   52  C  CG2 . ILE A 1 6  ? 7.421   4.566   -10.890 1.00 37.48 ? 23  ILE A CG2 1 
ATOM   53  C  CD1 . ILE A 1 6  ? 8.724   7.211   -9.982  1.00 40.79 ? 23  ILE A CD1 1 
ATOM   54  N  N   . THR A 1 7  ? 3.823   4.438   -10.219 1.00 23.29 ? 24  THR A N   1 
ATOM   55  C  CA  . THR A 1 7  ? 3.156   3.203   -9.887  1.00 23.67 ? 24  THR A CA  1 
ATOM   56  C  C   . THR A 1 7  ? 1.967   3.063   -10.829 1.00 25.17 ? 24  THR A C   1 
ATOM   57  O  O   . THR A 1 7  ? 1.734   1.976   -11.375 1.00 25.22 ? 24  THR A O   1 
ATOM   58  C  CB  . THR A 1 7  ? 2.645   3.170   -8.430  1.00 22.99 ? 24  THR A CB  1 
ATOM   59  O  OG1 . THR A 1 7  ? 3.744   3.281   -7.545  1.00 23.08 ? 24  THR A OG1 1 
ATOM   60  C  CG2 . THR A 1 7  ? 1.928   1.862   -8.133  1.00 22.67 ? 24  THR A CG2 1 
ATOM   61  N  N   . GLY A 1 8  ? 1.242   4.166   -11.029 1.00 23.73 ? 25  GLY A N   1 
ATOM   62  C  CA  . GLY A 1 8  ? 0.091   4.155   -11.933 1.00 27.43 ? 25  GLY A CA  1 
ATOM   63  C  C   . GLY A 1 8  ? 0.451   3.793   -13.352 1.00 26.57 ? 25  GLY A C   1 
ATOM   64  O  O   . GLY A 1 8  ? -0.279  3.076   -14.040 1.00 26.65 ? 25  GLY A O   1 
ATOM   65  N  N   . LYS A 1 9  ? 1.589   4.309   -13.787 1.00 28.11 ? 26  LYS A N   1 
ATOM   66  C  CA  . LYS A 1 9  ? 2.104   4.037   -15.107 1.00 28.30 ? 26  LYS A CA  1 
ATOM   67  C  C   . LYS A 1 9  ? 2.413   2.560   -15.291 1.00 29.83 ? 26  LYS A C   1 
ATOM   68  O  O   . LYS A 1 9  ? 2.139   2.009   -16.340 1.00 30.25 ? 26  LYS A O   1 
ATOM   69  C  CB  . LYS A 1 9  ? 3.365   4.886   -15.369 1.00 30.16 ? 26  LYS A CB  1 
ATOM   70  C  CG  . LYS A 1 9  ? 3.957   4.766   -16.750 1.00 33.85 ? 26  LYS A CG  1 
ATOM   71  C  CD  . LYS A 1 9  ? 5.163   5.686   -16.899 1.00 37.95 ? 26  LYS A CD  1 
ATOM   72  C  CE  . LYS A 1 9  ? 5.944   5.404   -18.168 1.00 43.33 ? 26  LYS A CE  1 
ATOM   73  N  NZ  . LYS A 1 9  ? 5.097   5.413   -19.398 1.00 44.30 ? 26  LYS A NZ  1 
ATOM   74  N  N   . ALA A 1 10 ? 2.966   1.929   -14.262 1.00 28.77 ? 27  ALA A N   1 
ATOM   75  C  CA  . ALA A 1 10 ? 3.422   0.568   -14.337 1.00 30.30 ? 27  ALA A CA  1 
ATOM   76  C  C   . ALA A 1 10 ? 2.266   -0.404  -14.424 1.00 30.51 ? 27  ALA A C   1 
ATOM   77  O  O   . ALA A 1 10 ? 2.331   -1.347  -15.168 1.00 30.67 ? 27  ALA A O   1 
ATOM   78  C  CB  . ALA A 1 10 ? 4.289   0.241   -13.136 1.00 29.53 ? 27  ALA A CB  1 
ATOM   79  N  N   . TYR A 1 11 ? 1.218   -0.149  -13.657 1.00 28.93 ? 28  TYR A N   1 
ATOM   80  C  CA  . TYR A 1 11 ? 0.130   -1.077  -13.470 1.00 31.77 ? 28  TYR A CA  1 
ATOM   81  C  C   . TYR A 1 11 ? -1.147  -0.619  -14.162 1.00 33.68 ? 28  TYR A C   1 
ATOM   82  O  O   . TYR A 1 11 ? -2.210  -1.194  -13.923 1.00 36.45 ? 28  TYR A O   1 
ATOM   83  C  CB  . TYR A 1 11 ? -0.123  -1.262  -11.972 1.00 32.90 ? 28  TYR A CB  1 
ATOM   84  C  CG  . TYR A 1 11 ? 1.030   -1.937  -11.277 1.00 30.74 ? 28  TYR A CG  1 
ATOM   85  C  CD1 . TYR A 1 11 ? 1.440   -3.205  -11.661 1.00 39.39 ? 28  TYR A CD1 1 
ATOM   86  C  CD2 . TYR A 1 11 ? 1.732   -1.297  -10.273 1.00 32.77 ? 28  TYR A CD2 1 
ATOM   87  C  CE1 . TYR A 1 11 ? 2.514   -3.838  -11.042 1.00 42.01 ? 28  TYR A CE1 1 
ATOM   88  C  CE2 . TYR A 1 11 ? 2.805   -1.907  -9.638  1.00 35.15 ? 28  TYR A CE2 1 
ATOM   89  C  CZ  . TYR A 1 11 ? 3.192   -3.172  -10.022 1.00 42.63 ? 28  TYR A CZ  1 
ATOM   90  O  OH  . TYR A 1 11 ? 4.252   -3.777  -9.408  1.00 50.19 ? 28  TYR A OH  1 
ATOM   91  N  N   . ASN A 1 12 ? -1.032  0.402   -15.013 1.00 30.93 ? 29  ASN A N   1 
ATOM   92  C  CA  . ASN A 1 12 ? -2.138  0.940   -15.768 1.00 30.63 ? 29  ASN A CA  1 
ATOM   93  C  C   . ASN A 1 12 ? -3.266  1.377   -14.874 1.00 28.31 ? 29  ASN A C   1 
ATOM   94  O  O   . ASN A 1 12 ? -4.398  1.048   -15.112 1.00 28.08 ? 29  ASN A O   1 
ATOM   95  C  CB  . ASN A 1 12 ? -2.622  -0.100  -16.802 1.00 35.61 ? 29  ASN A CB  1 
ATOM   96  C  CG  . ASN A 1 12 ? -1.581  -0.379  -17.868 1.00 41.25 ? 29  ASN A CG  1 
ATOM   97  O  OD1 . ASN A 1 12 ? -1.196  -1.522  -18.102 1.00 47.67 ? 29  ASN A OD1 1 
ATOM   98  N  ND2 . ASN A 1 12 ? -1.109  0.674   -18.510 1.00 42.93 ? 29  ASN A ND2 1 
ATOM   99  N  N   . ILE A 1 13 ? -2.952  2.076   -13.805 1.00 29.40 ? 30  ILE A N   1 
ATOM   100 C  CA  . ILE A 1 13 ? -3.964  2.598   -12.915 1.00 31.77 ? 30  ILE A CA  1 
ATOM   101 C  C   . ILE A 1 13 ? -3.808  4.097   -13.001 1.00 32.41 ? 30  ILE A C   1 
ATOM   102 O  O   . ILE A 1 13 ? -2.696  4.586   -12.931 1.00 29.43 ? 30  ILE A O   1 
ATOM   103 C  CB  . ILE A 1 13 ? -3.734  2.097   -11.472 1.00 30.55 ? 30  ILE A CB  1 
ATOM   104 C  CG1 . ILE A 1 13 ? -3.974  0.580   -11.389 1.00 33.75 ? 30  ILE A CG1 1 
ATOM   105 C  CG2 . ILE A 1 13 ? -4.639  2.847   -10.496 1.00 34.79 ? 30  ILE A CG2 1 
ATOM   106 C  CD1 . ILE A 1 13 ? -3.607  -0.022  -10.041 1.00 34.20 ? 30  ILE A CD1 1 
ATOM   107 N  N   . ASP A 1 14 ? -4.918  4.816   -13.165 1.00 35.81 ? 31  ASP A N   1 
ATOM   108 C  CA  . ASP A 1 14 ? -4.919  6.279   -13.135 1.00 33.29 ? 31  ASP A CA  1 
ATOM   109 C  C   . ASP A 1 14 ? -4.236  6.720   -11.821 1.00 32.06 ? 31  ASP A C   1 
ATOM   110 O  O   . ASP A 1 14 ? -4.640  6.299   -10.732 1.00 30.47 ? 31  ASP A O   1 
ATOM   111 C  CB  . ASP A 1 14 ? -6.361  6.773   -13.201 1.00 41.85 ? 31  ASP A CB  1 
ATOM   112 C  CG  . ASP A 1 14 ? -6.491  8.280   -13.317 1.00 44.31 ? 31  ASP A CG  1 
ATOM   113 O  OD1 . ASP A 1 14 ? -5.532  9.023   -12.998 1.00 40.49 ? 31  ASP A OD1 1 
ATOM   114 O  OD2 . ASP A 1 14 ? -7.601  8.719   -13.720 1.00 48.39 ? 31  ASP A OD2 1 
ATOM   115 N  N   . PRO A 1 15 ? -3.190  7.542   -11.912 1.00 28.92 ? 32  PRO A N   1 
ATOM   116 C  CA  . PRO A 1 15 ? -2.516  7.949   -10.668 1.00 31.98 ? 32  PRO A CA  1 
ATOM   117 C  C   . PRO A 1 15 ? -3.449  8.636   -9.649  1.00 31.30 ? 32  PRO A C   1 
ATOM   118 O  O   . PRO A 1 15 ? -3.233  8.494   -8.450  1.00 30.50 ? 32  PRO A O   1 
ATOM   119 C  CB  . PRO A 1 15 ? -1.416  8.906   -11.137 1.00 29.96 ? 32  PRO A CB  1 
ATOM   120 C  CG  . PRO A 1 15 ? -1.212  8.608   -12.569 1.00 34.11 ? 32  PRO A CG  1 
ATOM   121 C  CD  . PRO A 1 15 ? -2.502  8.048   -13.112 1.00 34.31 ? 32  PRO A CD  1 
ATOM   122 N  N   . LEU A 1 16 ? -4.483  9.333   -10.138 1.00 31.91 ? 33  LEU A N   1 
ATOM   123 C  CA  . LEU A 1 16 ? -5.490  9.989   -9.285  1.00 34.66 ? 33  LEU A CA  1 
ATOM   124 C  C   . LEU A 1 16 ? -6.267  8.994   -8.450  1.00 33.32 ? 33  LEU A C   1 
ATOM   125 O  O   . LEU A 1 16 ? -6.724  9.330   -7.332  1.00 34.32 ? 33  LEU A O   1 
ATOM   126 C  CB  . LEU A 1 16 ? -6.467  10.797  -10.155 1.00 39.79 ? 33  LEU A CB  1 
ATOM   127 C  CG  . LEU A 1 16 ? -7.577  11.586  -9.487  1.00 43.96 ? 33  LEU A CG  1 
ATOM   128 C  CD1 . LEU A 1 16 ? -7.058  12.407  -8.314  1.00 45.59 ? 33  LEU A CD1 1 
ATOM   129 C  CD2 . LEU A 1 16 ? -8.268  12.487  -10.500 1.00 48.13 ? 33  LEU A CD2 1 
ATOM   130 N  N   . ILE A 1 17 ? -6.428  7.775   -8.982  1.00 30.56 ? 34  ILE A N   1 
ATOM   131 C  CA  . ILE A 1 17 ? -7.095  6.695   -8.268  1.00 27.04 ? 34  ILE A CA  1 
ATOM   132 C  C   . ILE A 1 17 ? -6.273  6.314   -7.038  1.00 28.14 ? 34  ILE A C   1 
ATOM   133 O  O   . ILE A 1 17 ? -6.821  6.153   -5.956  1.00 25.25 ? 34  ILE A O   1 
ATOM   134 C  CB  . ILE A 1 17 ? -7.320  5.469   -9.169  1.00 28.80 ? 34  ILE A CB  1 
ATOM   135 C  CG1 . ILE A 1 17 ? -8.354  5.766   -10.284 1.00 36.28 ? 34  ILE A CG1 1 
ATOM   136 C  CG2 . ILE A 1 17 ? -7.689  4.218   -8.369  1.00 28.43 ? 34  ILE A CG2 1 
ATOM   137 C  CD1 . ILE A 1 17 ? -9.813  5.675   -9.932  1.00 37.43 ? 34  ILE A CD1 1 
ATOM   138 N  N   . LEU A 1 18 ? -4.968  6.135   -7.237  1.00 24.93 ? 35  LEU A N   1 
ATOM   139 C  CA  . LEU A 1 18 ? -4.041  5.808   -6.142  1.00 25.19 ? 35  LEU A CA  1 
ATOM   140 C  C   . LEU A 1 18 ? -3.973  6.900   -5.069  1.00 24.71 ? 35  LEU A C   1 
ATOM   141 O  O   . LEU A 1 18 ? -3.976  6.619   -3.831  1.00 22.35 ? 35  LEU A O   1 
ATOM   142 C  CB  . LEU A 1 18 ? -2.654  5.484   -6.701  1.00 24.11 ? 35  LEU A CB  1 
ATOM   143 C  CG  . LEU A 1 18 ? -2.512  4.355   -7.738  1.00 23.73 ? 35  LEU A CG  1 
ATOM   144 C  CD1 . LEU A 1 18 ? -1.052  4.165   -8.075  1.00 27.59 ? 35  LEU A CD1 1 
ATOM   145 C  CD2 . LEU A 1 18 ? -3.070  3.031   -7.229  1.00 25.57 ? 35  LEU A CD2 1 
ATOM   146 N  N   . LYS A 1 19 ? -3.973  8.141   -5.535  1.00 25.84 ? 36  LYS A N   1 
ATOM   147 C  CA  . LYS A 1 19 ? -3.997  9.264   -4.660  1.00 24.45 ? 36  LYS A CA  1 
ATOM   148 C  C   . LYS A 1 19 ? -5.312  9.288   -3.942  1.00 25.15 ? 36  LYS A C   1 
ATOM   149 O  O   . LYS A 1 19 ? -5.324  9.562   -2.768  1.00 23.19 ? 36  LYS A O   1 
ATOM   150 C  CB  . LYS A 1 19 ? -3.751  10.599  -5.384  1.00 28.51 ? 36  LYS A CB  1 
ATOM   151 C  CG  . LYS A 1 19 ? -2.311  10.870  -5.855  1.00 28.38 ? 36  LYS A CG  1 
ATOM   152 C  CD  . LYS A 1 19 ? -2.223  12.014  -6.879  1.00 31.23 ? 36  LYS A CD  1 
ATOM   153 C  CE  . LYS A 1 19 ? -0.806  12.124  -7.431  1.00 38.60 ? 36  LYS A CE  1 
ATOM   154 N  NZ  . LYS A 1 19 ? -0.612  13.157  -8.504  1.00 42.77 ? 36  LYS A NZ  1 
ATOM   155 N  N   . ALA A 1 20 ? -6.433  9.056   -4.632  1.00 24.55 ? 37  ALA A N   1 
ATOM   156 C  CA  . ALA A 1 20 ? -7.716  9.102   -3.927  1.00 24.56 ? 37  ALA A CA  1 
ATOM   157 C  C   . ALA A 1 20 ? -7.794  7.994   -2.856  1.00 23.84 ? 37  ALA A C   1 
ATOM   158 O  O   . ALA A 1 20 ? -8.383  8.208   -1.769  1.00 27.59 ? 37  ALA A O   1 
ATOM   159 C  CB  . ALA A 1 20 ? -8.884  9.055   -4.908  1.00 24.15 ? 37  ALA A CB  1 
ATOM   160 N  N   . ILE A 1 21 ? -7.160  6.838   -3.107  1.00 23.20 ? 38  ILE A N   1 
ATOM   161 C  CA  . ILE A 1 21 ? -7.098  5.747   -2.076  1.00 23.09 ? 38  ILE A CA  1 
ATOM   162 C  C   . ILE A 1 21 ? -6.279  6.178   -0.883  1.00 24.55 ? 38  ILE A C   1 
ATOM   163 O  O   . ILE A 1 21 ? -6.750  6.046   0.273   1.00 27.14 ? 38  ILE A O   1 
ATOM   164 C  CB  . ILE A 1 21 ? -6.636  4.379   -2.644  1.00 23.06 ? 38  ILE A CB  1 
ATOM   165 C  CG1 . ILE A 1 21 ? -7.708  3.871   -3.605  1.00 24.47 ? 38  ILE A CG1 1 
ATOM   166 C  CG2 . ILE A 1 21 ? -6.425  3.367   -1.528  1.00 23.01 ? 38  ILE A CG2 1 
ATOM   167 C  CD1 . ILE A 1 21 ? -7.279  2.799   -4.568  1.00 27.39 ? 38  ILE A CD1 1 
ATOM   168 N  N   . ALA A 1 22 ? -5.102  6.744   -1.149  1.00 23.08 ? 39  ALA A N   1 
ATOM   169 C  CA  . ALA A 1 22 ? -4.231  7.248   -0.064  1.00 24.43 ? 39  ALA A CA  1 
ATOM   170 C  C   . ALA A 1 22 ? -4.940  8.304   0.783   1.00 25.91 ? 39  ALA A C   1 
ATOM   171 O  O   . ALA A 1 22 ? -4.881  8.288   2.012   1.00 23.19 ? 39  ALA A O   1 
ATOM   172 C  CB  . ALA A 1 22 ? -2.945  7.796   -0.633  1.00 23.83 ? 39  ALA A CB  1 
ATOM   173 N  N   . TRP A 1 23 ? -5.660  9.198   0.107   1.00 23.89 ? 40  TRP A N   1 
ATOM   174 C  CA  . TRP A 1 23 ? -6.406  10.205  0.805   1.00 26.72 ? 40  TRP A CA  1 
ATOM   175 C  C   . TRP A 1 23 ? -7.531  9.615   1.656   1.00 27.91 ? 40  TRP A C   1 
ATOM   176 O  O   . TRP A 1 23 ? -7.690  10.019  2.792   1.00 27.76 ? 40  TRP A O   1 
ATOM   177 C  CB  . TRP A 1 23 ? -6.937  11.244  -0.172  1.00 27.63 ? 40  TRP A CB  1 
ATOM   178 C  CG  . TRP A 1 23 ? -7.684  12.335  0.487   1.00 30.05 ? 40  TRP A CG  1 
ATOM   179 C  CD1 . TRP A 1 23 ? -9.016  12.577  0.387   1.00 31.74 ? 40  TRP A CD1 1 
ATOM   180 C  CD2 . TRP A 1 23 ? -7.150  13.354  1.349   1.00 31.53 ? 40  TRP A CD2 1 
ATOM   181 N  NE1 . TRP A 1 23 ? -9.347  13.667  1.140   1.00 35.97 ? 40  TRP A NE1 1 
ATOM   182 C  CE2 . TRP A 1 23 ? -8.223  14.175  1.731   1.00 33.13 ? 40  TRP A CE2 1 
ATOM   183 C  CE3 . TRP A 1 23 ? -5.866  13.651  1.829   1.00 32.06 ? 40  TRP A CE3 1 
ATOM   184 C  CZ2 . TRP A 1 23 ? -8.064  15.303  2.561   1.00 35.28 ? 40  TRP A CZ2 1 
ATOM   185 C  CZ3 . TRP A 1 23 ? -5.709  14.740  2.673   1.00 35.00 ? 40  TRP A CZ3 1 
ATOM   186 C  CH2 . TRP A 1 23 ? -6.808  15.563  3.034   1.00 33.92 ? 40  TRP A CH2 1 
ATOM   187 N  N   . ASN A 1 24 ? -8.283  8.666   1.111   1.00 30.03 ? 41  ASN A N   1 
ATOM   188 C  CA  . ASN A 1 24 ? -9.391  8.040   1.840   1.00 35.47 ? 41  ASN A CA  1 
ATOM   189 C  C   . ASN A 1 24 ? -8.946  7.240   3.045   1.00 36.55 ? 41  ASN A C   1 
ATOM   190 O  O   . ASN A 1 24 ? -9.567  7.267   4.085   1.00 40.76 ? 41  ASN A O   1 
ATOM   191 C  CB  . ASN A 1 24 ? -10.191 7.112   0.916   1.00 39.23 ? 41  ASN A CB  1 
ATOM   192 C  CG  . ASN A 1 24 ? -11.028 7.881   -0.089  1.00 44.27 ? 41  ASN A CG  1 
ATOM   193 O  OD1 . ASN A 1 24 ? -11.407 9.023   0.149   1.00 46.05 ? 41  ASN A OD1 1 
ATOM   194 N  ND2 . ASN A 1 24 ? -11.295 7.264   -1.233  1.00 49.34 ? 41  ASN A ND2 1 
ATOM   195 N  N   . GLU A 1 25 ? -7.841  6.557   2.882   1.00 36.67 ? 42  GLU A N   1 
ATOM   196 C  CA  . GLU A 1 25 ? -7.399  5.560   3.842   1.00 36.39 ? 42  GLU A CA  1 
ATOM   197 C  C   . GLU A 1 25 ? -6.574  6.150   4.978   1.00 34.61 ? 42  GLU A C   1 
ATOM   198 O  O   . GLU A 1 25 ? -6.708  5.725   6.089   1.00 31.68 ? 42  GLU A O   1 
ATOM   199 C  CB  . GLU A 1 25 ? -6.547  4.512   3.105   1.00 32.37 ? 42  GLU A CB  1 
ATOM   200 C  CG  . GLU A 1 25 ? -7.362  3.573   2.229   1.00 36.27 ? 42  GLU A CG  1 
ATOM   201 C  CD  . GLU A 1 25 ? -8.315  2.714   3.045   1.00 44.91 ? 42  GLU A CD  1 
ATOM   202 O  OE1 . GLU A 1 25 ? -8.057  2.491   4.250   1.00 47.27 ? 42  GLU A OE1 1 
ATOM   203 O  OE2 . GLU A 1 25 ? -9.346  2.288   2.486   1.00 58.50 ? 42  GLU A OE2 1 
ATOM   204 N  N   . SER A 1 26 ? -5.682  7.080   4.662   1.00 33.20 ? 43  SER A N   1 
ATOM   205 C  CA  . SER A 1 26 ? -4.738  7.625   5.639   1.00 33.33 ? 43  SER A CA  1 
ATOM   206 C  C   . SER A 1 26 ? -4.647  9.137   5.621   1.00 34.63 ? 43  SER A C   1 
ATOM   207 O  O   . SER A 1 26 ? -3.863  9.711   6.362   1.00 34.92 ? 43  SER A O   1 
ATOM   208 C  CB  . SER A 1 26 ? -3.354  7.073   5.315   1.00 33.31 ? 43  SER A CB  1 
ATOM   209 O  OG  . SER A 1 26 ? -2.941  7.528   4.024   1.00 32.77 ? 43  SER A OG  1 
ATOM   210 N  N   . LYS A 1 27 ? -5.433  9.788   4.770   1.00 34.11 ? 44  LYS A N   1 
ATOM   211 C  CA  . LYS A 1 27 ? -5.212  11.181  4.437   1.00 34.28 ? 44  LYS A CA  1 
ATOM   212 C  C   . LYS A 1 27 ? -3.740  11.452  4.050   1.00 30.48 ? 44  LYS A C   1 
ATOM   213 O  O   . LYS A 1 27 ? -3.161  12.436  4.475   1.00 29.87 ? 44  LYS A O   1 
ATOM   214 C  CB  . LYS A 1 27 ? -5.671  12.071  5.583   1.00 39.70 ? 44  LYS A CB  1 
ATOM   215 C  CG  . LYS A 1 27 ? -7.084  11.801  6.076   1.00 45.57 ? 44  LYS A CG  1 
ATOM   216 C  CD  . LYS A 1 27 ? -8.099  12.691  5.386   1.00 51.69 ? 44  LYS A CD  1 
ATOM   217 C  CE  . LYS A 1 27 ? -9.514  12.138  5.529   1.00 57.17 ? 44  LYS A CE  1 
ATOM   218 N  NZ  . LYS A 1 27 ? -9.821  11.060  4.535   1.00 52.82 ? 44  LYS A NZ  1 
ATOM   219 N  N   . ASN A 1 28 ? -3.169  10.571  3.221   1.00 28.32 ? 45  ASN A N   1 
ATOM   220 C  CA  . ASN A 1 28 ? -1.814  10.704  2.663   1.00 29.09 ? 45  ASN A CA  1 
ATOM   221 C  C   . ASN A 1 28 ? -0.811  10.860  3.759   1.00 32.05 ? 45  ASN A C   1 
ATOM   222 O  O   . ASN A 1 28 ? 0.016   11.790  3.721   1.00 30.87 ? 45  ASN A O   1 
ATOM   223 C  CB  . ASN A 1 28 ? -1.677  11.895  1.687   1.00 32.47 ? 45  ASN A CB  1 
ATOM   224 C  CG  . ASN A 1 28 ? -1.992  11.525  0.289   1.00 37.46 ? 45  ASN A CG  1 
ATOM   225 O  OD1 . ASN A 1 28 ? -1.110  11.386  -0.570  1.00 50.79 ? 45  ASN A OD1 1 
ATOM   226 N  ND2 . ASN A 1 28 ? -3.240  11.300  0.045   1.00 35.04 ? 45  ASN A ND2 1 
ATOM   227 N  N   . LYS A 1 29 ? -0.964  10.019  4.772   1.00 32.87 ? 46  LYS A N   1 
ATOM   228 C  CA  . LYS A 1 29 ? -0.124  10.054  5.943   1.00 38.07 ? 46  LYS A CA  1 
ATOM   229 C  C   . LYS A 1 29 ? 0.587   8.698   6.013   1.00 35.15 ? 46  LYS A C   1 
ATOM   230 O  O   . LYS A 1 29 ? -0.028  7.645   6.078   1.00 34.03 ? 46  LYS A O   1 
ATOM   231 C  CB  . LYS A 1 29 ? -0.964  10.336  7.199   1.00 42.12 ? 46  LYS A CB  1 
ATOM   232 C  CG  . LYS A 1 29 ? -0.232  10.388  8.525   1.00 44.32 ? 46  LYS A CG  1 
ATOM   233 C  CD  . LYS A 1 29 ? 0.918   11.366  8.541   1.00 51.57 ? 46  LYS A CD  1 
ATOM   234 C  CE  . LYS A 1 29 ? 1.602   11.402  9.906   1.00 58.37 ? 46  LYS A CE  1 
ATOM   235 N  NZ  . LYS A 1 29 ? 0.732   11.948  10.984  1.00 58.97 ? 46  LYS A NZ  1 
ATOM   236 N  N   . ASN A 1 30 ? 1.896   8.768   5.961   1.00 38.50 ? 47  ASN A N   1 
ATOM   237 C  CA  . ASN A 1 30 ? 2.784   7.644   6.130   1.00 42.18 ? 47  ASN A CA  1 
ATOM   238 C  C   . ASN A 1 30 ? 3.084   7.416   7.637   1.00 44.23 ? 47  ASN A C   1 
ATOM   239 O  O   . ASN A 1 30 ? 2.753   8.253   8.471   1.00 40.57 ? 47  ASN A O   1 
ATOM   240 C  CB  . ASN A 1 30 ? 4.044   7.981   5.344   1.00 44.11 ? 47  ASN A CB  1 
ATOM   241 C  CG  . ASN A 1 30 ? 4.902   6.798   5.062   1.00 44.39 ? 47  ASN A CG  1 
ATOM   242 O  OD1 . ASN A 1 30 ? 4.545   5.681   5.332   1.00 56.96 ? 47  ASN A OD1 1 
ATOM   243 N  ND2 . ASN A 1 30 ? 6.067   7.052   4.520   1.00 62.14 ? 47  ASN A ND2 1 
ATOM   244 N  N   . GLY A 1 31 ? 3.637   6.248   7.979   1.00 49.28 ? 48  GLY A N   1 
ATOM   245 C  CA  . GLY A 1 31 ? 4.125   5.973   9.331   1.00 51.04 ? 48  GLY A CA  1 
ATOM   246 C  C   . GLY A 1 31 ? 3.110   5.476   10.338  1.00 52.69 ? 48  GLY A C   1 
ATOM   247 O  O   . GLY A 1 31 ? 3.459   5.338   11.498  1.00 57.59 ? 48  GLY A O   1 
ATOM   248 N  N   . ILE A 1 32 ? 1.868   5.211   9.927   1.00 52.96 ? 49  ILE A N   1 
ATOM   249 C  CA  . ILE A 1 32 ? 0.788   4.843   10.877  1.00 56.64 ? 49  ILE A CA  1 
ATOM   250 C  C   . ILE A 1 32 ? 0.216   3.431   10.631  1.00 56.94 ? 49  ILE A C   1 
ATOM   251 O  O   . ILE A 1 32 ? 0.037   2.990   9.485   1.00 50.71 ? 49  ILE A O   1 
ATOM   252 C  CB  . ILE A 1 32 ? -0.327  5.935   10.912  1.00 61.98 ? 49  ILE A CB  1 
ATOM   253 C  CG1 . ILE A 1 32 ? 0.094   7.073   11.848  1.00 61.44 ? 49  ILE A CG1 1 
ATOM   254 C  CG2 . ILE A 1 32 ? -1.683  5.379   11.369  1.00 64.85 ? 49  ILE A CG2 1 
ATOM   255 C  CD1 . ILE A 1 32 ? -0.787  8.306   11.788  1.00 65.68 ? 49  ILE A CD1 1 
ATOM   256 N  N   . LYS A 1 33 ? -0.034  2.717   11.730  1.00 57.07 ? 50  LYS A N   1 
ATOM   257 C  CA  . LYS A 1 33 ? -0.798  1.468   11.698  1.00 55.42 ? 50  LYS A CA  1 
ATOM   258 C  C   . LYS A 1 33 ? -2.202  1.765   12.197  1.00 49.34 ? 50  LYS A C   1 
ATOM   259 O  O   . LYS A 1 33 ? -2.377  2.518   13.161  1.00 51.34 ? 50  LYS A O   1 
ATOM   260 C  CB  . LYS A 1 33 ? -0.162  0.393   12.576  1.00 59.93 ? 50  LYS A CB  1 
ATOM   261 C  CG  . LYS A 1 33 ? 1.105   -0.224  12.008  1.00 62.13 ? 50  LYS A CG  1 
ATOM   262 C  CD  . LYS A 1 33 ? 1.595   -1.359  12.899  1.00 64.46 ? 50  LYS A CD  1 
ATOM   263 C  CE  . LYS A 1 33 ? 2.161   -0.851  14.225  1.00 71.65 ? 50  LYS A CE  1 
ATOM   264 N  NZ  . LYS A 1 33 ? 1.479   -1.442  15.414  1.00 74.98 ? 50  LYS A NZ  1 
ATOM   265 N  N   . SER A 1 34 ? -3.193  1.171   11.537  1.00 43.38 ? 51  SER A N   1 
ATOM   266 C  CA  . SER A 1 34 ? -4.592  1.329   11.912  1.00 41.16 ? 51  SER A CA  1 
ATOM   267 C  C   . SER A 1 34 ? -4.801  0.614   13.237  1.00 41.65 ? 51  SER A C   1 
ATOM   268 O  O   . SER A 1 34 ? -3.957  -0.153  13.643  1.00 37.92 ? 51  SER A O   1 
ATOM   269 C  CB  . SER A 1 34 ? -5.485  0.662   10.867  1.00 40.19 ? 51  SER A CB  1 
ATOM   270 O  OG  . SER A 1 34 ? -5.437  -0.784  10.973  1.00 41.20 ? 51  SER A OG  1 
ATOM   271 N  N   . LYS A 1 35 ? -5.948  0.819   13.865  1.00 44.07 ? 52  LYS A N   1 
ATOM   272 C  CA  . LYS A 1 35 ? -6.364  -0.072  14.952  1.00 46.78 ? 52  LYS A CA  1 
ATOM   273 C  C   . LYS A 1 35 ? -6.623  -1.434  14.310  1.00 43.39 ? 52  LYS A C   1 
ATOM   274 O  O   . LYS A 1 35 ? -6.756  -1.568  13.092  1.00 39.17 ? 52  LYS A O   1 
ATOM   275 C  CB  . LYS A 1 35 ? -7.615  0.437   15.648  1.00 52.40 ? 52  LYS A CB  1 
ATOM   276 C  CG  . LYS A 1 35 ? -8.862  0.358   14.777  1.00 58.74 ? 52  LYS A CG  1 
ATOM   277 C  CD  . LYS A 1 35 ? -9.971  1.272   15.271  1.00 68.79 ? 52  LYS A CD  1 
ATOM   278 C  CE  . LYS A 1 35 ? -11.014 1.486   14.181  1.00 72.06 ? 52  LYS A CE  1 
ATOM   279 N  NZ  . LYS A 1 35 ? -12.356 1.764   14.759  1.00 78.14 ? 52  LYS A NZ  1 
ATOM   280 N  N   . ILE A 1 36 ? -6.708  -2.450  15.135  1.00 41.34 ? 53  ILE A N   1 
ATOM   281 C  CA  . ILE A 1 36 ? -6.708  -3.798  14.627  1.00 39.79 ? 53  ILE A CA  1 
ATOM   282 C  C   . ILE A 1 36 ? -8.106  -4.078  14.124  1.00 38.93 ? 53  ILE A C   1 
ATOM   283 O  O   . ILE A 1 36 ? -9.081  -3.798  14.817  1.00 38.81 ? 53  ILE A O   1 
ATOM   284 C  CB  . ILE A 1 36 ? -6.278  -4.771  15.728  1.00 42.06 ? 53  ILE A CB  1 
ATOM   285 C  CG1 . ILE A 1 36 ? -4.935  -4.331  16.316  1.00 42.70 ? 53  ILE A CG1 1 
ATOM   286 C  CG2 . ILE A 1 36 ? -6.261  -6.225  15.262  1.00 40.58 ? 53  ILE A CG2 1 
ATOM   287 C  CD1 . ILE A 1 36 ? -3.879  -3.749  15.401  1.00 45.49 ? 53  ILE A CD1 1 
ATOM   288 N  N   . ASN A 1 37 ? -8.181  -4.613  12.912  1.00 35.48 ? 54  ASN A N   1 
ATOM   289 C  CA  . ASN A 1 37 ? -9.455  -5.084  12.349  1.00 38.28 ? 54  ASN A CA  1 
ATOM   290 C  C   . ASN A 1 37 ? -10.179 -6.124  13.200  1.00 41.57 ? 54  ASN A C   1 
ATOM   291 O  O   . ASN A 1 37 ? -9.592  -6.805  14.074  1.00 42.14 ? 54  ASN A O   1 
ATOM   292 C  CB  . ASN A 1 37 ? -9.234  -5.625  10.950  1.00 37.55 ? 54  ASN A CB  1 
ATOM   293 C  CG  . ASN A 1 37 ? -8.743  -4.556  10.001  1.00 37.70 ? 54  ASN A CG  1 
ATOM   294 O  OD1 . ASN A 1 37 ? -9.124  -3.390  10.132  1.00 35.09 ? 54  ASN A OD1 1 
ATOM   295 N  ND2 . ASN A 1 37 ? -7.860  -4.924  9.081   1.00 36.54 ? 54  ASN A ND2 1 
ATOM   296 N  N   . LYS A 1 38 ? -11.476 -6.248  12.958  1.00 43.94 ? 55  LYS A N   1 
ATOM   297 C  CA  . LYS A 1 38 ? -12.272 -7.220  13.682  1.00 48.10 ? 55  LYS A CA  1 
ATOM   298 C  C   . LYS A 1 38 ? -11.731 -8.650  13.535  1.00 47.12 ? 55  LYS A C   1 
ATOM   299 O  O   . LYS A 1 38 ? -11.774 -9.428  14.490  1.00 48.49 ? 55  LYS A O   1 
ATOM   300 C  CB  . LYS A 1 38 ? -13.753 -7.118  13.282  1.00 53.53 ? 55  LYS A CB  1 
ATOM   301 C  CG  . LYS A 1 38 ? -14.436 -5.862  13.837  1.00 56.72 ? 55  LYS A CG  1 
ATOM   302 C  CD  . LYS A 1 38 ? -15.942 -6.031  14.008  1.00 62.54 ? 55  LYS A CD  1 
ATOM   303 C  CE  . LYS A 1 38 ? -16.609 -4.823  14.680  1.00 64.85 ? 55  LYS A CE  1 
ATOM   304 N  NZ  . LYS A 1 38 ? -17.629 -5.230  15.707  1.00 69.93 ? 55  LYS A NZ  1 
ATOM   305 N  N   . ASN A 1 39 ? -11.193 -8.976  12.364  1.00 42.69 ? 56  ASN A N   1 
ATOM   306 C  CA  . ASN A 1 39 ? -10.597 -10.290 12.126  1.00 43.37 ? 56  ASN A CA  1 
ATOM   307 C  C   . ASN A 1 39 ? -9.172  -10.442 12.713  1.00 41.55 ? 56  ASN A C   1 
ATOM   308 O  O   . ASN A 1 39 ? -8.549  -11.491 12.539  1.00 40.29 ? 56  ASN A O   1 
ATOM   309 C  CB  . ASN A 1 39 ? -10.610 -10.620 10.620  1.00 41.18 ? 56  ASN A CB  1 
ATOM   310 C  CG  . ASN A 1 39 ? -9.605  -9.812  9.806   1.00 39.70 ? 56  ASN A CG  1 
ATOM   311 O  OD1 . ASN A 1 39 ? -8.980  -8.870  10.275  1.00 37.87 ? 56  ASN A OD1 1 
ATOM   312 N  ND2 . ASN A 1 39 ? -9.464  -10.184 8.546   1.00 39.97 ? 56  ASN A ND2 1 
ATOM   313 N  N   . GLY A 1 40 ? -8.655  -9.377  13.357  1.00 38.53 ? 57  GLY A N   1 
ATOM   314 C  CA  . GLY A 1 40 ? -7.391  -9.417  14.088  1.00 38.98 ? 57  GLY A CA  1 
ATOM   315 C  C   . GLY A 1 40 ? -6.197  -9.005  13.237  1.00 36.03 ? 57  GLY A C   1 
ATOM   316 O  O   . GLY A 1 40 ? -5.086  -8.907  13.747  1.00 35.53 ? 57  GLY A O   1 
ATOM   317 N  N   . THR A 1 41 ? -6.422  -8.748  11.948  1.00 34.89 ? 58  THR A N   1 
ATOM   318 C  CA  . THR A 1 41 ? -5.393  -8.212  11.080  1.00 32.86 ? 58  THR A CA  1 
ATOM   319 C  C   . THR A 1 41 ? -5.338  -6.717  11.291  1.00 32.98 ? 58  THR A C   1 
ATOM   320 O  O   . THR A 1 41 ? -6.129  -6.151  12.066  1.00 34.07 ? 58  THR A O   1 
ATOM   321 C  CB  . THR A 1 41 ? -5.649  -8.537  9.589   1.00 33.49 ? 58  THR A CB  1 
ATOM   322 O  OG1 . THR A 1 41 ? -6.802  -7.807  9.123   1.00 31.07 ? 58  THR A OG1 1 
ATOM   323 C  CG2 . THR A 1 41 ? -5.845  -10.059 9.406   1.00 35.44 ? 58  THR A CG2 1 
ATOM   324 N  N   . TYR A 1 42 ? -4.393  -6.080  10.612  1.00 30.73 ? 59  TYR A N   1 
ATOM   325 C  CA  . TYR A 1 42 ? -4.199  -4.642  10.742  1.00 32.51 ? 59  TYR A CA  1 
ATOM   326 C  C   . TYR A 1 42 ? -3.646  -4.050  9.437   1.00 31.09 ? 59  TYR A C   1 
ATOM   327 O  O   . TYR A 1 42 ? -3.011  -4.747  8.653   1.00 30.97 ? 59  TYR A O   1 
ATOM   328 C  CB  . TYR A 1 42 ? -3.315  -4.312  11.952  1.00 34.47 ? 59  TYR A CB  1 
ATOM   329 C  CG  . TYR A 1 42 ? -1.921  -4.866  11.891  1.00 34.05 ? 59  TYR A CG  1 
ATOM   330 C  CD1 . TYR A 1 42 ? -1.638  -6.157  12.330  1.00 35.20 ? 59  TYR A CD1 1 
ATOM   331 C  CD2 . TYR A 1 42 ? -0.876  -4.109  11.368  1.00 33.79 ? 59  TYR A CD2 1 
ATOM   332 C  CE1 . TYR A 1 42 ? -0.353  -6.684  12.239  1.00 35.55 ? 59  TYR A CE1 1 
ATOM   333 C  CE2 . TYR A 1 42 ? 0.405   -4.623  11.285  1.00 33.78 ? 59  TYR A CE2 1 
ATOM   334 C  CZ  . TYR A 1 42 ? 0.668   -5.897  11.745  1.00 34.64 ? 59  TYR A CZ  1 
ATOM   335 O  OH  . TYR A 1 42 ? 1.938   -6.381  11.652  1.00 33.82 ? 59  TYR A OH  1 
ATOM   336 N  N   . ASN A 1 43 ? -3.888  -2.758  9.250   1.00 31.78 ? 60  ASN A N   1 
ATOM   337 C  CA  . ASN A 1 43 ? -3.578  -2.039  8.009   1.00 31.32 ? 60  ASN A CA  1 
ATOM   338 C  C   . ASN A 1 43 ? -2.399  -1.121  8.189   1.00 30.26 ? 60  ASN A C   1 
ATOM   339 O  O   . ASN A 1 43 ? -2.298  -0.430  9.216   1.00 29.75 ? 60  ASN A O   1 
ATOM   340 C  CB  . ASN A 1 43 ? -4.824  -1.260  7.590   1.00 31.40 ? 60  ASN A CB  1 
ATOM   341 C  CG  . ASN A 1 43 ? -5.996  -2.184  7.261   1.00 32.61 ? 60  ASN A CG  1 
ATOM   342 O  OD1 . ASN A 1 43 ? -5.811  -3.257  6.715   1.00 38.85 ? 60  ASN A OD1 1 
ATOM   343 N  ND2 . ASN A 1 43 ? -7.195  -1.771  7.598   1.00 42.76 ? 60  ASN A ND2 1 
ATOM   344 N  N   . ILE A 1 44 ? -1.523  -1.108  7.179   1.00 27.83 ? 61  ILE A N   1 
ATOM   345 C  CA  . ILE A 1 44 ? -0.160  -0.587  7.284   1.00 26.94 ? 61  ILE A CA  1 
ATOM   346 C  C   . ILE A 1 44 ? 0.135   0.499   6.252   1.00 28.18 ? 61  ILE A C   1 
ATOM   347 O  O   . ILE A 1 44 ? -0.035  0.273   5.050   1.00 27.07 ? 61  ILE A O   1 
ATOM   348 C  CB  . ILE A 1 44 ? 0.889   -1.694  7.087   1.00 30.83 ? 61  ILE A CB  1 
ATOM   349 C  CG1 . ILE A 1 44 ? 0.658   -2.828  8.121   1.00 29.54 ? 61  ILE A CG1 1 
ATOM   350 C  CG2 . ILE A 1 44 ? 2.310   -1.114  7.248   1.00 29.49 ? 61  ILE A CG2 1 
ATOM   351 C  CD1 . ILE A 1 44 ? 1.301   -4.122  7.736   1.00 31.60 ? 61  ILE A CD1 1 
ATOM   352 N  N   . GLY A 1 45 ? 0.521   1.674   6.752   1.00 28.43 ? 62  GLY A N   1 
ATOM   353 C  CA  . GLY A 1 45 ? 1.084   2.756   5.936   1.00 28.74 ? 62  GLY A CA  1 
ATOM   354 C  C   . GLY A 1 45 ? 0.108   3.555   5.115   1.00 24.59 ? 62  GLY A C   1 
ATOM   355 O  O   . GLY A 1 45 ? -1.110  3.509   5.353   1.00 24.68 ? 62  GLY A O   1 
ATOM   356 N  N   . ILE A 1 46 ? 0.647   4.265   4.126   1.00 25.73 ? 63  ILE A N   1 
ATOM   357 C  CA  . ILE A 1 46 ? -0.114  5.301   3.430   1.00 25.39 ? 63  ILE A CA  1 
ATOM   358 C  C   . ILE A 1 46 ? -1.360  4.734   2.701   1.00 22.17 ? 63  ILE A C   1 
ATOM   359 O  O   . ILE A 1 46 ? -2.436  5.331   2.746   1.00 26.75 ? 63  ILE A O   1 
ATOM   360 C  CB  . ILE A 1 46 ? 0.835   6.239   2.606   1.00 26.65 ? 63  ILE A CB  1 
ATOM   361 C  CG1 . ILE A 1 46 ? 0.159   7.558   2.253   1.00 28.03 ? 63  ILE A CG1 1 
ATOM   362 C  CG2 . ILE A 1 46 ? 1.404   5.555   1.358   1.00 26.90 ? 63  ILE A CG2 1 
ATOM   363 C  CD1 . ILE A 1 46 ? 1.007   8.440   1.358   1.00 28.20 ? 63  ILE A CD1 1 
HETATM 364 N  N   . MSE A 1 47 ? -1.230  3.579   2.062   1.00 24.01 ? 64  MSE A N   1 
HETATM 365 C  CA  . MSE A 1 47 ? -2.358  2.928   1.344   1.00 22.02 ? 64  MSE A CA  1 
HETATM 366 C  C   . MSE A 1 47 ? -3.051  1.890   2.202   1.00 22.61 ? 64  MSE A C   1 
HETATM 367 O  O   . MSE A 1 47 ? -3.989  1.201   1.744   1.00 24.60 ? 64  MSE A O   1 
HETATM 368 C  CB  . MSE A 1 47 ? -1.770  2.174   0.122   1.00 22.16 ? 64  MSE A CB  1 
HETATM 369 C  CG  . MSE A 1 47 ? -0.943  3.088   -0.808  1.00 25.96 ? 64  MSE A CG  1 
HETATM 370 SE SE  . MSE A 1 47 ? -2.182  4.360   -1.720  1.00 31.59 ? 64  MSE A SE  1 
HETATM 371 C  CE  . MSE A 1 47 ? -2.814  3.119   -3.074  1.00 25.85 ? 64  MSE A CE  1 
ATOM   372 N  N   . GLN A 1 48 ? -2.601  1.720   3.446   1.00 24.86 ? 65  GLN A N   1 
ATOM   373 C  CA  . GLN A 1 48 ? -3.253  0.808   4.420   1.00 24.09 ? 65  GLN A CA  1 
ATOM   374 C  C   . GLN A 1 48 ? -3.369  -0.595  3.872   1.00 25.11 ? 65  GLN A C   1 
ATOM   375 O  O   . GLN A 1 48 ? -4.454  -1.160  3.717   1.00 29.86 ? 65  GLN A O   1 
ATOM   376 C  CB  . GLN A 1 48 ? -4.632  1.355   4.870   1.00 27.39 ? 65  GLN A CB  1 
ATOM   377 C  CG  . GLN A 1 48 ? -4.534  2.595   5.702   1.00 29.24 ? 65  GLN A CG  1 
ATOM   378 C  CD  . GLN A 1 48 ? -4.037  2.322   7.093   1.00 29.07 ? 65  GLN A CD  1 
ATOM   379 O  OE1 . GLN A 1 48 ? -4.819  1.967   7.949   1.00 37.37 ? 65  GLN A OE1 1 
ATOM   380 N  NE2 . GLN A 1 48 ? -2.751  2.498   7.332   1.00 28.09 ? 65  GLN A NE2 1 
ATOM   381 N  N   . ILE A 1 49 ? -2.207  -1.156  3.569   1.00 25.34 ? 66  ILE A N   1 
ATOM   382 C  CA  . ILE A 1 49 ? -2.097  -2.517  3.119   1.00 26.91 ? 66  ILE A CA  1 
ATOM   383 C  C   . ILE A 1 49 ? -2.300  -3.455  4.329   1.00 28.15 ? 66  ILE A C   1 
ATOM   384 O  O   . ILE A 1 49 ? -1.709  -3.254  5.404   1.00 25.69 ? 66  ILE A O   1 
ATOM   385 C  CB  . ILE A 1 49 ? -0.721  -2.727  2.493   1.00 29.85 ? 66  ILE A CB  1 
ATOM   386 C  CG1 . ILE A 1 49 ? -0.590  -1.814  1.235   1.00 30.87 ? 66  ILE A CG1 1 
ATOM   387 C  CG2 . ILE A 1 49 ? -0.502  -4.188  2.138   1.00 32.45 ? 66  ILE A CG2 1 
ATOM   388 C  CD1 . ILE A 1 49 ? 0.856   -1.567  0.900   1.00 33.73 ? 66  ILE A CD1 1 
ATOM   389 N  N   . ASN A 1 50 ? -3.130  -4.467  4.131   1.00 27.73 ? 67  ASN A N   1 
ATOM   390 C  CA  . ASN A 1 50 ? -3.475  -5.389  5.189   1.00 28.70 ? 67  ASN A CA  1 
ATOM   391 C  C   . ASN A 1 50 ? -2.275  -6.260  5.520   1.00 29.03 ? 67  ASN A C   1 
ATOM   392 O  O   . ASN A 1 50 ? -1.532  -6.728  4.625   1.00 28.94 ? 67  ASN A O   1 
ATOM   393 C  CB  . ASN A 1 50 ? -4.651  -6.248  4.767   1.00 28.83 ? 67  ASN A CB  1 
ATOM   394 C  CG  . ASN A 1 50 ? -5.160  -7.144  5.872   1.00 28.99 ? 67  ASN A CG  1 
ATOM   395 O  OD1 . ASN A 1 50 ? -4.833  -8.320  5.918   1.00 31.89 ? 67  ASN A OD1 1 
ATOM   396 N  ND2 . ASN A 1 50 ? -5.975  -6.603  6.745   1.00 29.50 ? 67  ASN A ND2 1 
ATOM   397 N  N   . SER A 1 51 ? -2.136  -6.533  6.811   1.00 28.67 ? 68  SER A N   1 
ATOM   398 C  CA  . SER A 1 51 ? -1.079  -7.413  7.326   1.00 28.40 ? 68  SER A CA  1 
ATOM   399 C  C   . SER A 1 51 ? -1.077  -8.832  6.787   1.00 30.34 ? 68  SER A C   1 
ATOM   400 O  O   . SER A 1 51 ? -0.052  -9.504  6.868   1.00 30.78 ? 68  SER A O   1 
ATOM   401 C  CB  . SER A 1 51 ? -1.096  -7.438  8.843   1.00 28.87 ? 68  SER A CB  1 
ATOM   402 O  OG  . SER A 1 51 ? -2.360  -7.822  9.318   1.00 29.38 ? 68  SER A OG  1 
ATOM   403 N  N   . SER A 1 52 ? -2.205  -9.299  6.261   1.00 32.43 ? 69  SER A N   1 
ATOM   404 C  CA  . SER A 1 52 ? -2.264  -10.614 5.630   1.00 34.63 ? 69  SER A CA  1 
ATOM   405 C  C   . SER A 1 52 ? -1.313  -10.805 4.446   1.00 35.87 ? 69  SER A C   1 
ATOM   406 O  O   . SER A 1 52 ? -0.991  -11.958 4.099   1.00 34.56 ? 69  SER A O   1 
ATOM   407 C  CB  . SER A 1 52 ? -3.689  -10.939 5.199   1.00 36.73 ? 69  SER A CB  1 
ATOM   408 O  OG  . SER A 1 52 ? -4.111  -10.087 4.145   1.00 38.30 ? 69  SER A OG  1 
ATOM   409 N  N   . HIS A 1 53 ? -0.889  -9.695  3.825   1.00 35.24 ? 70  HIS A N   1 
ATOM   410 C  CA  . HIS A 1 53 ? 0.068   -9.698  2.697   1.00 35.12 ? 70  HIS A CA  1 
ATOM   411 C  C   . HIS A 1 53 ? 1.573   -9.738  3.064   1.00 37.34 ? 70  HIS A C   1 
ATOM   412 O  O   . HIS A 1 53 ? 2.401   -9.969  2.186   1.00 34.51 ? 70  HIS A O   1 
ATOM   413 C  CB  . HIS A 1 53 ? -0.177  -8.471  1.812   1.00 35.63 ? 70  HIS A CB  1 
ATOM   414 C  CG  . HIS A 1 53 ? -1.550  -8.414  1.233   1.00 34.47 ? 70  HIS A CG  1 
ATOM   415 N  ND1 . HIS A 1 53 ? -2.450  -7.425  1.551   1.00 34.44 ? 70  HIS A ND1 1 
ATOM   416 C  CD2 . HIS A 1 53 ? -2.180  -9.223  0.356   1.00 37.82 ? 70  HIS A CD2 1 
ATOM   417 C  CE1 . HIS A 1 53 ? -3.574  -7.627  0.901   1.00 32.42 ? 70  HIS A CE1 1 
ATOM   418 N  NE2 . HIS A 1 53 ? -3.436  -8.709  0.167   1.00 37.95 ? 70  HIS A NE2 1 
ATOM   419 N  N   . LEU A 1 54 ? 1.928   -9.548  4.342   1.00 36.22 ? 71  LEU A N   1 
ATOM   420 C  CA  . LEU A 1 54 ? 3.343   -9.540  4.761   1.00 36.65 ? 71  LEU A CA  1 
ATOM   421 C  C   . LEU A 1 54 ? 4.115   -10.814 4.393   1.00 40.90 ? 71  LEU A C   1 
ATOM   422 O  O   . LEU A 1 54 ? 5.276   -10.733 3.994   1.00 45.17 ? 71  LEU A O   1 
ATOM   423 C  CB  . LEU A 1 54 ? 3.464   -9.264  6.276   1.00 37.77 ? 71  LEU A CB  1 
ATOM   424 C  CG  . LEU A 1 54 ? 3.050   -7.852  6.728   1.00 32.93 ? 71  LEU A CG  1 
ATOM   425 C  CD1 . LEU A 1 54 ? 2.877   -7.693  8.235   1.00 33.62 ? 71  LEU A CD1 1 
ATOM   426 C  CD2 . LEU A 1 54 ? 4.065   -6.842  6.229   1.00 33.96 ? 71  LEU A CD2 1 
ATOM   427 N  N   . ASP A 1 55 ? 3.475   -11.974 4.496   1.00 41.96 ? 72  ASP A N   1 
ATOM   428 C  CA  . ASP A 1 55 ? 4.125   -13.238 4.143   1.00 46.77 ? 72  ASP A CA  1 
ATOM   429 C  C   . ASP A 1 55 ? 4.588   -13.244 2.676   1.00 48.35 ? 72  ASP A C   1 
ATOM   430 O  O   . ASP A 1 55 ? 5.786   -13.423 2.387   1.00 49.27 ? 72  ASP A O   1 
ATOM   431 C  CB  . ASP A 1 55 ? 3.175   -14.397 4.416   1.00 49.51 ? 72  ASP A CB  1 
ATOM   432 C  CG  . ASP A 1 55 ? 3.776   -15.749 4.083   1.00 54.69 ? 72  ASP A CG  1 
ATOM   433 O  OD1 . ASP A 1 55 ? 4.819   -16.120 4.676   1.00 60.30 ? 72  ASP A OD1 1 
ATOM   434 O  OD2 . ASP A 1 55 ? 3.183   -16.459 3.245   1.00 54.00 ? 72  ASP A OD2 1 
ATOM   435 N  N   . LEU A 1 56 ? 3.648   -13.031 1.756   1.00 48.85 ? 73  LEU A N   1 
ATOM   436 C  CA  . LEU A 1 56 ? 3.998   -12.889 0.338   1.00 51.86 ? 73  LEU A CA  1 
ATOM   437 C  C   . LEU A 1 56 ? 5.163   -11.902 0.167   1.00 50.21 ? 73  LEU A C   1 
ATOM   438 O  O   . LEU A 1 56 ? 6.158   -12.225 -0.483  1.00 56.16 ? 73  LEU A O   1 
ATOM   439 C  CB  . LEU A 1 56 ? 2.775   -12.471 -0.494  1.00 58.21 ? 73  LEU A CB  1 
ATOM   440 C  CG  . LEU A 1 56 ? 2.973   -12.097 -1.988  1.00 68.00 ? 73  LEU A CG  1 
ATOM   441 C  CD1 . LEU A 1 56 ? 1.842   -12.641 -2.862  1.00 72.88 ? 73  LEU A CD1 1 
ATOM   442 C  CD2 . LEU A 1 56 ? 3.114   -10.585 -2.221  1.00 64.14 ? 73  LEU A CD2 1 
ATOM   443 N  N   . LEU A 1 57 ? 5.068   -10.739 0.809   1.00 43.69 ? 74  LEU A N   1 
ATOM   444 C  CA  . LEU A 1 57 ? 6.015   -9.648  0.582   1.00 45.18 ? 74  LEU A CA  1 
ATOM   445 C  C   . LEU A 1 57 ? 7.436   -9.921  1.036   1.00 48.31 ? 74  LEU A C   1 
ATOM   446 O  O   . LEU A 1 57 ? 8.374   -9.409  0.408   1.00 47.30 ? 74  LEU A O   1 
ATOM   447 C  CB  . LEU A 1 57 ? 5.517   -8.351  1.231   1.00 43.03 ? 74  LEU A CB  1 
ATOM   448 C  CG  . LEU A 1 57 ? 4.269   -7.762  0.577   1.00 41.77 ? 74  LEU A CG  1 
ATOM   449 C  CD1 . LEU A 1 57 ? 3.591   -6.759  1.505   1.00 38.72 ? 74  LEU A CD1 1 
ATOM   450 C  CD2 . LEU A 1 57 ? 4.583   -7.120  -0.770  1.00 39.76 ? 74  LEU A CD2 1 
ATOM   451 N  N   . SER A 1 58 ? 7.594   -10.716 2.098   1.00 48.37 ? 75  SER A N   1 
ATOM   452 C  CA  . SER A 1 58 ? 8.915   -11.110 2.606   1.00 55.61 ? 75  SER A CA  1 
ATOM   453 C  C   . SER A 1 58 ? 9.782   -11.843 1.569   1.00 59.24 ? 75  SER A C   1 
ATOM   454 O  O   . SER A 1 58 ? 10.995  -11.632 1.540   1.00 56.17 ? 75  SER A O   1 
ATOM   455 C  CB  . SER A 1 58 ? 8.797   -11.986 3.868   1.00 58.13 ? 75  SER A CB  1 
ATOM   456 O  OG  . SER A 1 58 ? 8.248   -13.253 3.558   1.00 59.24 ? 75  SER A OG  1 
ATOM   457 N  N   . LYS A 1 59 ? 9.157   -12.679 0.731   1.00 63.36 ? 76  LYS A N   1 
ATOM   458 C  CA  . LYS A 1 59 ? 9.827   -13.293 -0.434  1.00 70.32 ? 76  LYS A CA  1 
ATOM   459 C  C   . LYS A 1 59 ? 10.544  -12.263 -1.303  1.00 69.30 ? 76  LYS A C   1 
ATOM   460 O  O   . LYS A 1 59 ? 11.592  -12.554 -1.864  1.00 72.32 ? 76  LYS A O   1 
ATOM   461 C  CB  . LYS A 1 59 ? 8.827   -14.007 -1.343  1.00 76.82 ? 76  LYS A CB  1 
ATOM   462 C  CG  . LYS A 1 59 ? 8.115   -15.212 -0.746  1.00 85.46 ? 76  LYS A CG  1 
ATOM   463 C  CD  . LYS A 1 59 ? 7.220   -15.887 -1.782  1.00 88.98 ? 76  LYS A CD  1 
ATOM   464 C  CE  . LYS A 1 59 ? 6.143   -14.946 -2.310  1.00 88.24 ? 76  LYS A CE  1 
ATOM   465 N  NZ  . LYS A 1 59 ? 4.957   -15.651 -2.863  1.00 89.91 ? 76  LYS A NZ  1 
ATOM   466 N  N   . PHE A 1 60 ? 9.953   -11.073 -1.423  1.00 61.33 ? 77  PHE A N   1 
ATOM   467 C  CA  . PHE A 1 60 ? 10.527  -9.987  -2.199  1.00 58.34 ? 77  PHE A CA  1 
ATOM   468 C  C   . PHE A 1 60 ? 11.324  -8.983  -1.378  1.00 53.69 ? 77  PHE A C   1 
ATOM   469 O  O   . PHE A 1 60 ? 11.617  -7.906  -1.861  1.00 53.37 ? 77  PHE A O   1 
ATOM   470 C  CB  . PHE A 1 60 ? 9.411   -9.264  -2.937  1.00 62.04 ? 77  PHE A CB  1 
ATOM   471 C  CG  . PHE A 1 60 ? 8.561   -10.168 -3.775  1.00 67.82 ? 77  PHE A CG  1 
ATOM   472 C  CD1 . PHE A 1 60 ? 9.126   -10.895 -4.817  1.00 76.00 ? 77  PHE A CD1 1 
ATOM   473 C  CD2 . PHE A 1 60 ? 7.201   -10.292 -3.533  1.00 67.65 ? 77  PHE A CD2 1 
ATOM   474 C  CE1 . PHE A 1 60 ? 8.352   -11.732 -5.602  1.00 79.97 ? 77  PHE A CE1 1 
ATOM   475 C  CE2 . PHE A 1 60 ? 6.417   -11.122 -4.320  1.00 75.54 ? 77  PHE A CE2 1 
ATOM   476 C  CZ  . PHE A 1 60 ? 6.992   -11.842 -5.355  1.00 78.46 ? 77  PHE A CZ  1 
ATOM   477 N  N   . ASN A 1 61 ? 11.687  -9.318  -0.149  1.00 54.82 ? 78  ASN A N   1 
ATOM   478 C  CA  . ASN A 1 61 ? 12.547  -8.457  0.663   1.00 59.53 ? 78  ASN A CA  1 
ATOM   479 C  C   . ASN A 1 61 ? 11.862  -7.138  1.030   1.00 53.14 ? 78  ASN A C   1 
ATOM   480 O  O   . ASN A 1 61 ? 12.505  -6.095  1.144   1.00 54.20 ? 78  ASN A O   1 
ATOM   481 C  CB  . ASN A 1 61 ? 13.878  -8.217  -0.072  1.00 67.15 ? 78  ASN A CB  1 
ATOM   482 C  CG  . ASN A 1 61 ? 14.990  -7.759  0.841   1.00 76.94 ? 78  ASN A CG  1 
ATOM   483 O  OD1 . ASN A 1 61 ? 15.489  -6.640  0.704   1.00 82.89 ? 78  ASN A OD1 1 
ATOM   484 N  ND2 . ASN A 1 61 ? 15.399  -8.623  1.770   1.00 82.61 ? 78  ASN A ND2 1 
ATOM   485 N  N   . ILE A 1 62 ? 10.546  -7.194  1.217   1.00 48.79 ? 79  ILE A N   1 
ATOM   486 C  CA  . ILE A 1 62 ? 9.790   -6.048  1.728   1.00 45.17 ? 79  ILE A CA  1 
ATOM   487 C  C   . ILE A 1 62 ? 9.245   -6.390  3.117   1.00 45.53 ? 79  ILE A C   1 
ATOM   488 O  O   . ILE A 1 62 ? 8.485   -7.343  3.283   1.00 46.85 ? 79  ILE A O   1 
ATOM   489 C  CB  . ILE A 1 62 ? 8.669   -5.630  0.767   1.00 40.66 ? 79  ILE A CB  1 
ATOM   490 C  CG1 . ILE A 1 62 ? 9.256   -5.192  -0.588  1.00 41.96 ? 79  ILE A CG1 1 
ATOM   491 C  CG2 . ILE A 1 62 ? 7.846   -4.506  1.392   1.00 39.99 ? 79  ILE A CG2 1 
ATOM   492 C  CD1 . ILE A 1 62 ? 8.355   -5.484  -1.778  1.00 40.25 ? 79  ILE A CD1 1 
ATOM   493 N  N   . SER A 1 63 ? 9.689   -5.627  4.111   1.00 46.09 ? 80  SER A N   1 
ATOM   494 C  CA  . SER A 1 63 ? 9.342   -5.865  5.492   1.00 44.81 ? 80  SER A CA  1 
ATOM   495 C  C   . SER A 1 63 ? 8.159   -5.004  5.916   1.00 40.85 ? 80  SER A C   1 
ATOM   496 O  O   . SER A 1 63 ? 7.697   -4.134  5.183   1.00 35.65 ? 80  SER A O   1 
ATOM   497 C  CB  . SER A 1 63 ? 10.531  -5.531  6.364   1.00 46.78 ? 80  SER A CB  1 
ATOM   498 O  OG  . SER A 1 63 ? 10.810  -4.148  6.280   1.00 48.88 ? 80  SER A OG  1 
ATOM   499 N  N   . GLU A 1 64 ? 7.703   -5.225  7.139   1.00 41.12 ? 81  GLU A N   1 
ATOM   500 C  CA  . GLU A 1 64 ? 6.662   -4.391  7.699   1.00 41.23 ? 81  GLU A CA  1 
ATOM   501 C  C   . GLU A 1 64 ? 7.155   -2.951  7.888   1.00 42.94 ? 81  GLU A C   1 
ATOM   502 O  O   . GLU A 1 64 ? 6.420   -2.016  7.612   1.00 39.44 ? 81  GLU A O   1 
ATOM   503 C  CB  . GLU A 1 64 ? 6.171   -4.962  9.016   1.00 43.28 ? 81  GLU A CB  1 
ATOM   504 C  CG  . GLU A 1 64 ? 4.884   -4.314  9.461   1.00 45.01 ? 81  GLU A CG  1 
ATOM   505 C  CD  . GLU A 1 64 ? 4.367   -4.822  10.784  1.00 47.70 ? 81  GLU A CD  1 
ATOM   506 O  OE1 . GLU A 1 64 ? 4.605   -6.008  11.125  1.00 54.00 ? 81  GLU A OE1 1 
ATOM   507 O  OE2 . GLU A 1 64 ? 3.700   -4.014  11.474  1.00 50.60 ? 81  GLU A OE2 1 
ATOM   508 N  N   . ASP A 1 65 ? 8.391   -2.777  8.358   1.00 43.21 ? 82  ASP A N   1 
ATOM   509 C  CA  . ASP A 1 65 ? 8.931   -1.438  8.543   1.00 46.41 ? 82  ASP A CA  1 
ATOM   510 C  C   . ASP A 1 65 ? 8.925   -0.635  7.250   1.00 45.97 ? 82  ASP A C   1 
ATOM   511 O  O   . ASP A 1 65 ? 8.536   0.544   7.249   1.00 41.72 ? 82  ASP A O   1 
ATOM   512 C  CB  . ASP A 1 65 ? 10.353  -1.477  9.081   1.00 53.62 ? 82  ASP A CB  1 
ATOM   513 C  CG  . ASP A 1 65 ? 10.812  -0.122  9.531   1.00 58.95 ? 82  ASP A CG  1 
ATOM   514 O  OD1 . ASP A 1 65 ? 10.375  0.308   10.614  1.00 64.50 ? 82  ASP A OD1 1 
ATOM   515 O  OD2 . ASP A 1 65 ? 11.585  0.527   8.796   1.00 67.76 ? 82  ASP A OD2 1 
ATOM   516 N  N   . ASP A 1 66 ? 9.373   -1.278  6.169   1.00 44.63 ? 83  ASP A N   1 
ATOM   517 C  CA  . ASP A 1 66 ? 9.323   -0.696  4.824   1.00 45.95 ? 83  ASP A CA  1 
ATOM   518 C  C   . ASP A 1 66 ? 7.921   -0.190  4.448   1.00 41.56 ? 83  ASP A C   1 
ATOM   519 O  O   . ASP A 1 66 ? 7.767   0.956   4.040   1.00 40.78 ? 83  ASP A O   1 
ATOM   520 C  CB  . ASP A 1 66 ? 9.731   -1.724  3.770   1.00 46.50 ? 83  ASP A CB  1 
ATOM   521 C  CG  . ASP A 1 66 ? 11.177  -2.069  3.820   1.00 51.59 ? 83  ASP A CG  1 
ATOM   522 O  OD1 . ASP A 1 66 ? 11.975  -1.162  4.116   1.00 61.45 ? 83  ASP A OD1 1 
ATOM   523 O  OD2 . ASP A 1 66 ? 11.520  -3.248  3.560   1.00 56.46 ? 83  ASP A OD2 1 
ATOM   524 N  N   . LEU A 1 67 ? 6.923   -1.065  4.547   1.00 37.16 ? 84  LEU A N   1 
ATOM   525 C  CA  . LEU A 1 67 ? 5.524   -0.687  4.268   1.00 34.94 ? 84  LEU A CA  1 
ATOM   526 C  C   . LEU A 1 67 ? 4.995   0.461   5.140   1.00 35.06 ? 84  LEU A C   1 
ATOM   527 O  O   . LEU A 1 67 ? 4.153   1.251   4.697   1.00 31.78 ? 84  LEU A O   1 
ATOM   528 C  CB  . LEU A 1 67 ? 4.594   -1.870  4.482   1.00 35.25 ? 84  LEU A CB  1 
ATOM   529 C  CG  . LEU A 1 67 ? 4.441   -2.981  3.459   1.00 38.34 ? 84  LEU A CG  1 
ATOM   530 C  CD1 . LEU A 1 67 ? 3.130   -3.700  3.768   1.00 37.51 ? 84  LEU A CD1 1 
ATOM   531 C  CD2 . LEU A 1 67 ? 4.399   -2.443  2.038   1.00 36.16 ? 84  LEU A CD2 1 
ATOM   532 N  N   . LEU A 1 68 ? 5.441   0.507   6.394   1.00 35.46 ? 85  LEU A N   1 
ATOM   533 C  CA  . LEU A 1 68 ? 4.899   1.457   7.349   1.00 36.30 ? 85  LEU A CA  1 
ATOM   534 C  C   . LEU A 1 68 ? 5.516   2.832   7.141   1.00 38.07 ? 85  LEU A C   1 
ATOM   535 O  O   . LEU A 1 68 ? 4.818   3.855   7.188   1.00 40.88 ? 85  LEU A O   1 
ATOM   536 C  CB  . LEU A 1 68 ? 5.145   0.955   8.783   1.00 36.40 ? 85  LEU A CB  1 
ATOM   537 C  CG  . LEU A 1 68 ? 4.626   1.833   9.922   1.00 38.69 ? 85  LEU A CG  1 
ATOM   538 C  CD1 . LEU A 1 68 ? 3.113   1.807   9.897   1.00 36.77 ? 85  LEU A CD1 1 
ATOM   539 C  CD2 . LEU A 1 68 ? 5.172   1.391   11.290  1.00 38.07 ? 85  LEU A CD2 1 
ATOM   540 N  N   . ASN A 1 69 ? 6.824   2.858   6.928   1.00 37.73 ? 86  ASN A N   1 
ATOM   541 C  CA  . ASN A 1 69 ? 7.578   4.099   6.945   1.00 40.83 ? 86  ASN A CA  1 
ATOM   542 C  C   . ASN A 1 69 ? 8.139   4.514   5.602   1.00 41.98 ? 86  ASN A C   1 
ATOM   543 O  O   . ASN A 1 69 ? 8.741   5.582   5.501   1.00 45.25 ? 86  ASN A O   1 
ATOM   544 C  CB  . ASN A 1 69 ? 8.744   3.963   7.938   1.00 43.23 ? 86  ASN A CB  1 
ATOM   545 C  CG  . ASN A 1 69 ? 8.274   3.781   9.353   1.00 43.55 ? 86  ASN A CG  1 
ATOM   546 O  OD1 . ASN A 1 69 ? 7.415   4.517   9.841   1.00 49.28 ? 86  ASN A OD1 1 
ATOM   547 N  ND2 . ASN A 1 69 ? 8.819   2.800   10.019  1.00 47.01 ? 86  ASN A ND2 1 
ATOM   548 N  N   . ASP A 1 70 ? 7.984   3.690   4.567   1.00 38.54 ? 87  ASP A N   1 
ATOM   549 C  CA  . ASP A 1 70 ? 8.449   4.087   3.257   1.00 38.21 ? 87  ASP A CA  1 
ATOM   550 C  C   . ASP A 1 70 ? 7.301   4.184   2.267   1.00 37.11 ? 87  ASP A C   1 
ATOM   551 O  O   . ASP A 1 70 ? 6.808   3.190   1.723   1.00 36.02 ? 87  ASP A O   1 
ATOM   552 C  CB  . ASP A 1 70 ? 9.564   3.174   2.761   1.00 40.03 ? 87  ASP A CB  1 
ATOM   553 C  CG  . ASP A 1 70 ? 10.279  3.751   1.580   1.00 39.71 ? 87  ASP A CG  1 
ATOM   554 O  OD1 . ASP A 1 70 ? 9.599   4.258   0.665   1.00 35.96 ? 87  ASP A OD1 1 
ATOM   555 O  OD2 . ASP A 1 70 ? 11.511  3.687   1.554   1.00 44.29 ? 87  ASP A OD2 1 
ATOM   556 N  N   . ALA A 1 71 ? 6.904   5.425   2.020   1.00 41.00 ? 88  ALA A N   1 
ATOM   557 C  CA  . ALA A 1 71 ? 5.671   5.730   1.311   1.00 34.49 ? 88  ALA A CA  1 
ATOM   558 C  C   . ALA A 1 71 ? 5.712   5.183   -0.106  1.00 35.40 ? 88  ALA A C   1 
ATOM   559 O  O   . ALA A 1 71 ? 4.690   4.678   -0.608  1.00 32.59 ? 88  ALA A O   1 
ATOM   560 C  CB  . ALA A 1 71 ? 5.416   7.231   1.294   1.00 35.57 ? 88  ALA A CB  1 
ATOM   561 N  N   . CYS A 1 72 ? 6.857   5.309   -0.766  1.00 33.10 ? 89  CYS A N   1 
ATOM   562 C  CA  . CYS A 1 72 ? 6.973   4.846   -2.157  1.00 35.93 ? 89  CYS A CA  1 
ATOM   563 C  C   . CYS A 1 72 ? 6.901   3.341   -2.277  1.00 31.09 ? 89  CYS A C   1 
ATOM   564 O  O   . CYS A 1 72 ? 6.313   2.812   -3.222  1.00 33.09 ? 89  CYS A O   1 
ATOM   565 C  CB  . CYS A 1 72 ? 8.239   5.377   -2.812  1.00 44.78 ? 89  CYS A CB  1 
ATOM   566 S  SG  . CYS A 1 72 ? 8.058   7.156   -3.012  1.00 57.59 ? 89  CYS A SG  1 
ATOM   567 N  N   . ILE A 1 73 ? 7.454   2.643   -1.300  1.00 29.24 ? 90  ILE A N   1 
ATOM   568 C  CA  . ILE A 1 73 ? 7.324   1.195   -1.258  1.00 33.80 ? 90  ILE A CA  1 
ATOM   569 C  C   . ILE A 1 73 ? 5.866   0.839   -1.019  1.00 29.30 ? 90  ILE A C   1 
ATOM   570 O  O   . ILE A 1 73 ? 5.258   0.058   -1.757  1.00 28.07 ? 90  ILE A O   1 
ATOM   571 C  CB  . ILE A 1 73 ? 8.290   0.581   -0.212  1.00 35.58 ? 90  ILE A CB  1 
ATOM   572 C  CG1 . ILE A 1 73 ? 9.721   0.723   -0.739  1.00 38.58 ? 90  ILE A CG1 1 
ATOM   573 C  CG2 . ILE A 1 73 ? 7.983   -0.884  0.033   1.00 37.49 ? 90  ILE A CG2 1 
ATOM   574 C  CD1 . ILE A 1 73 ? 10.799  0.534   0.322   1.00 43.61 ? 90  ILE A CD1 1 
ATOM   575 N  N   . ASN A 1 74 ? 5.267   1.492   -0.039  1.00 28.77 ? 91  ASN A N   1 
ATOM   576 C  CA  . ASN A 1 74 ? 3.880   1.226   0.247   1.00 26.32 ? 91  ASN A CA  1 
ATOM   577 C  C   . ASN A 1 74 ? 3.010   1.372   -1.014  1.00 27.74 ? 91  ASN A C   1 
ATOM   578 O  O   . ASN A 1 74 ? 2.278   0.443   -1.416  1.00 25.02 ? 91  ASN A O   1 
ATOM   579 C  CB  . ASN A 1 74 ? 3.390   2.140   1.366   1.00 25.87 ? 91  ASN A CB  1 
ATOM   580 C  CG  . ASN A 1 74 ? 2.067   1.710   1.900   1.00 27.52 ? 91  ASN A CG  1 
ATOM   581 O  OD1 . ASN A 1 74 ? 1.035   2.075   1.358   1.00 25.07 ? 91  ASN A OD1 1 
ATOM   582 N  ND2 . ASN A 1 74 ? 2.078   0.944   2.995   1.00 27.86 ? 91  ASN A ND2 1 
ATOM   583 N  N   . ILE A 1 75 ? 3.162   2.521   -1.661  1.00 25.78 ? 92  ILE A N   1 
ATOM   584 C  CA  . ILE A 1 75 ? 2.392   2.848   -2.857  1.00 22.92 ? 92  ILE A CA  1 
ATOM   585 C  C   . ILE A 1 75 ? 2.617   1.805   -3.966  1.00 21.59 ? 92  ILE A C   1 
ATOM   586 O  O   . ILE A 1 75 ? 1.653   1.351   -4.601  1.00 24.06 ? 92  ILE A O   1 
ATOM   587 C  CB  . ILE A 1 75 ? 2.687   4.281   -3.333  1.00 25.14 ? 92  ILE A CB  1 
ATOM   588 C  CG1 . ILE A 1 75 ? 2.181   5.277   -2.310  1.00 28.64 ? 92  ILE A CG1 1 
ATOM   589 C  CG2 . ILE A 1 75 ? 2.046   4.555   -4.705  1.00 28.26 ? 92  ILE A CG2 1 
ATOM   590 C  CD1 . ILE A 1 75 ? 2.877   6.632   -2.418  1.00 29.94 ? 92  ILE A CD1 1 
ATOM   591 N  N   . SER A 1 76 ? 3.852   1.416   -4.216  1.00 27.12 ? 93  SER A N   1 
ATOM   592 C  CA  . SER A 1 76 ? 4.116   0.438   -5.270  1.00 27.85 ? 93  SER A CA  1 
ATOM   593 C  C   . SER A 1 76 ? 3.577   -0.952  -4.957  1.00 27.51 ? 93  SER A C   1 
ATOM   594 O  O   . SER A 1 76 ? 3.102   -1.667  -5.860  1.00 24.88 ? 93  SER A O   1 
ATOM   595 C  CB  . SER A 1 76 ? 5.617   0.410   -5.650  1.00 32.89 ? 93  SER A CB  1 
ATOM   596 O  OG  . SER A 1 76 ? 6.418   0.142   -4.552  1.00 44.79 ? 93  SER A OG  1 
ATOM   597 N  N   . VAL A 1 77 ? 3.614   -1.340  -3.681  1.00 26.52 ? 94  VAL A N   1 
ATOM   598 C  CA  . VAL A 1 77 ? 3.035   -2.610  -3.282  1.00 25.64 ? 94  VAL A CA  1 
ATOM   599 C  C   . VAL A 1 77 ? 1.496   -2.616  -3.460  1.00 25.78 ? 94  VAL A C   1 
ATOM   600 O  O   . VAL A 1 77 ? 0.902   -3.613  -3.919  1.00 23.50 ? 94  VAL A O   1 
ATOM   601 C  CB  . VAL A 1 77 ? 3.453   -2.967  -1.829  1.00 28.14 ? 94  VAL A CB  1 
ATOM   602 C  CG1 . VAL A 1 77 ? 2.725   -4.220  -1.349  1.00 29.41 ? 94  VAL A CG1 1 
ATOM   603 C  CG2 . VAL A 1 77 ? 4.956   -3.175  -1.760  1.00 30.74 ? 94  VAL A CG2 1 
ATOM   604 N  N   . ALA A 1 78 ? 0.853   -1.511  -3.105  1.00 26.18 ? 95  ALA A N   1 
ATOM   605 C  CA  . ALA A 1 78 ? -0.606  -1.372  -3.263  1.00 26.28 ? 95  ALA A CA  1 
ATOM   606 C  C   . ALA A 1 78 ? -1.001  -1.507  -4.722  1.00 27.20 ? 95  ALA A C   1 
ATOM   607 O  O   . ALA A 1 78 ? -1.997  -2.167  -5.054  1.00 30.80 ? 95  ALA A O   1 
ATOM   608 C  CB  . ALA A 1 78 ? -1.069  -0.013  -2.735  1.00 28.55 ? 95  ALA A CB  1 
ATOM   609 N  N   . GLY A 1 79 ? -0.211  -0.880  -5.596  1.00 28.65 ? 96  GLY A N   1 
ATOM   610 C  CA  . GLY A 1 79 ? -0.427  -0.971  -7.048  1.00 26.01 ? 96  GLY A CA  1 
ATOM   611 C  C   . GLY A 1 79 ? -0.411  -2.392  -7.524  1.00 25.57 ? 96  GLY A C   1 
ATOM   612 O  O   . GLY A 1 79 ? -1.291  -2.825  -8.249  1.00 30.12 ? 96  GLY A O   1 
ATOM   613 N  N   . TYR A 1 80 ? 0.605   -3.143  -7.098  1.00 29.55 ? 97  TYR A N   1 
ATOM   614 C  CA  . TYR A 1 80 ? 0.726   -4.546  -7.462  1.00 29.07 ? 97  TYR A CA  1 
ATOM   615 C  C   . TYR A 1 80 ? -0.460  -5.370  -6.978  1.00 30.06 ? 97  TYR A C   1 
ATOM   616 O  O   . TYR A 1 80 ? -0.948  -6.267  -7.676  1.00 31.30 ? 97  TYR A O   1 
ATOM   617 C  CB  . TYR A 1 80 ? 2.046   -5.116  -6.886  1.00 33.56 ? 97  TYR A CB  1 
ATOM   618 C  CG  . TYR A 1 80 ? 2.245   -6.616  -7.065  1.00 37.27 ? 97  TYR A CG  1 
ATOM   619 C  CD1 . TYR A 1 80 ? 2.830   -7.134  -8.216  1.00 44.47 ? 97  TYR A CD1 1 
ATOM   620 C  CD2 . TYR A 1 80 ? 1.868   -7.516  -6.062  1.00 43.58 ? 97  TYR A CD2 1 
ATOM   621 C  CE1 . TYR A 1 80 ? 3.022   -8.509  -8.375  1.00 49.80 ? 97  TYR A CE1 1 
ATOM   622 C  CE2 . TYR A 1 80 ? 2.046   -8.892  -6.213  1.00 49.61 ? 97  TYR A CE2 1 
ATOM   623 C  CZ  . TYR A 1 80 ? 2.627   -9.381  -7.368  1.00 52.50 ? 97  TYR A CZ  1 
ATOM   624 O  OH  . TYR A 1 80 ? 2.820   -10.733 -7.510  1.00 59.29 ? 97  TYR A OH  1 
ATOM   625 N  N   . ILE A 1 81 ? -0.901  -5.098  -5.758  1.00 27.53 ? 98  ILE A N   1 
ATOM   626 C  CA  . ILE A 1 81 ? -1.988  -5.866  -5.181  1.00 30.26 ? 98  ILE A CA  1 
ATOM   627 C  C   . ILE A 1 81 ? -3.303  -5.564  -5.913  1.00 28.52 ? 98  ILE A C   1 
ATOM   628 O  O   . ILE A 1 81 ? -4.006  -6.483  -6.312  1.00 32.10 ? 98  ILE A O   1 
ATOM   629 C  CB  . ILE A 1 81 ? -2.144  -5.581  -3.682  1.00 32.15 ? 98  ILE A CB  1 
ATOM   630 C  CG1 . ILE A 1 81 ? -0.902  -6.079  -2.916  1.00 35.26 ? 98  ILE A CG1 1 
ATOM   631 C  CG2 . ILE A 1 81 ? -3.375  -6.316  -3.153  1.00 34.45 ? 98  ILE A CG2 1 
ATOM   632 C  CD1 . ILE A 1 81 ? -0.776  -5.507  -1.519  1.00 36.66 ? 98  ILE A CD1 1 
ATOM   633 N  N   . LEU A 1 82 ? -3.601  -4.282  -6.103  1.00 26.14 ? 99  LEU A N   1 
ATOM   634 C  CA  . LEU A 1 82 ? -4.821  -3.837  -6.827  1.00 29.96 ? 99  LEU A CA  1 
ATOM   635 C  C   . LEU A 1 82 ? -4.860  -4.324  -8.250  1.00 31.12 ? 99  LEU A C   1 
ATOM   636 O  O   . LEU A 1 82 ? -5.917  -4.702  -8.747  1.00 36.60 ? 99  LEU A O   1 
ATOM   637 C  CB  . LEU A 1 82 ? -4.909  -2.293  -6.872  1.00 30.59 ? 99  LEU A CB  1 
ATOM   638 C  CG  . LEU A 1 82 ? -5.082  -1.570  -5.546  1.00 34.51 ? 99  LEU A CG  1 
ATOM   639 C  CD1 . LEU A 1 82 ? -4.580  -0.136  -5.671  1.00 37.34 ? 99  LEU A CD1 1 
ATOM   640 C  CD2 . LEU A 1 82 ? -6.545  -1.603  -5.101  1.00 37.36 ? 99  LEU A CD2 1 
ATOM   641 N  N   . ALA A 1 83 ? -3.707  -4.309  -8.911  1.00 33.97 ? 100 ALA A N   1 
ATOM   642 C  CA  . ALA A 1 83 ? -3.588  -4.867  -10.275 1.00 37.81 ? 100 ALA A CA  1 
ATOM   643 C  C   . ALA A 1 83 ? -3.675  -6.400  -10.377 1.00 38.94 ? 100 ALA A C   1 
ATOM   644 O  O   . ALA A 1 83 ? -3.875  -6.919  -11.459 1.00 44.64 ? 100 ALA A O   1 
ATOM   645 C  CB  . ALA A 1 83 ? -2.298  -4.376  -10.933 1.00 40.88 ? 100 ALA A CB  1 
ATOM   646 N  N   . SER A 1 84 ? -3.526  -7.141  -9.289  1.00 40.35 ? 101 SER A N   1 
ATOM   647 C  CA  . SER A 1 84 ? -3.608  -8.599  -9.366  1.00 42.33 ? 101 SER A CA  1 
ATOM   648 C  C   . SER A 1 84 ? -5.003  -9.092  -8.930  1.00 47.65 ? 101 SER A C   1 
ATOM   649 O  O   . SER A 1 84 ? -5.858  -8.295  -8.568  1.00 46.58 ? 101 SER A O   1 
ATOM   650 C  CB  . SER A 1 84 ? -2.504  -9.207  -8.517  1.00 44.88 ? 101 SER A CB  1 
ATOM   651 O  OG  . SER A 1 84 ? -2.805  -9.130  -7.142  1.00 47.36 ? 101 SER A OG  1 
ATOM   652 N  N   . ASN A 1 85 ? -5.269  -10.394 -8.968  1.00 54.90 ? 102 ASN A N   1 
ATOM   653 C  CA  . ASN A 1 85 ? -6.535  -10.873 -8.350  1.00 59.42 ? 102 ASN A CA  1 
ATOM   654 C  C   . ASN A 1 85 ? -6.341  -11.449 -6.942  1.00 59.23 ? 102 ASN A C   1 
ATOM   655 O  O   . ASN A 1 85 ? -7.033  -12.388 -6.542  1.00 60.81 ? 102 ASN A O   1 
ATOM   656 C  CB  . ASN A 1 85 ? -7.355  -11.802 -9.269  1.00 64.53 ? 102 ASN A CB  1 
ATOM   657 C  CG  . ASN A 1 85 ? -6.554  -12.942 -9.801  1.00 66.63 ? 102 ASN A CG  1 
ATOM   658 O  OD1 . ASN A 1 85 ? -5.368  -13.060 -9.501  1.00 66.74 ? 102 ASN A OD1 1 
ATOM   659 N  ND2 . ASN A 1 85 ? -7.178  -13.778 -10.618 1.00 76.41 ? 102 ASN A ND2 1 
ATOM   660 N  N   . ILE A 1 86 ? -5.410  -10.856 -6.193  1.00 55.74 ? 103 ILE A N   1 
ATOM   661 C  CA  . ILE A 1 86 ? -5.329  -11.032 -4.745  1.00 57.83 ? 103 ILE A CA  1 
ATOM   662 C  C   . ILE A 1 86 ? -6.412  -10.117 -4.155  1.00 57.39 ? 103 ILE A C   1 
ATOM   663 O  O   . ILE A 1 86 ? -6.597  -8.999  -4.632  1.00 61.79 ? 103 ILE A O   1 
ATOM   664 C  CB  . ILE A 1 86 ? -3.941  -10.601 -4.187  1.00 59.92 ? 103 ILE A CB  1 
ATOM   665 C  CG1 . ILE A 1 86 ? -2.790  -11.368 -4.851  1.00 64.48 ? 103 ILE A CG1 1 
ATOM   666 C  CG2 . ILE A 1 86 ? -3.857  -10.824 -2.686  1.00 61.89 ? 103 ILE A CG2 1 
ATOM   667 C  CD1 . ILE A 1 86 ? -1.441  -10.691 -4.688  1.00 61.60 ? 103 ILE A CD1 1 
ATOM   668 N  N   . LYS A 1 87 ? -7.126  -10.584 -3.128  1.00 61.42 ? 104 LYS A N   1 
ATOM   669 C  CA  . LYS A 1 87 ? -8.089  -9.735  -2.401  1.00 57.69 ? 104 LYS A CA  1 
ATOM   670 C  C   . LYS A 1 87 ? -7.313  -8.678  -1.613  1.00 55.13 ? 104 LYS A C   1 
ATOM   671 O  O   . LYS A 1 87 ? -6.399  -9.019  -0.867  1.00 56.24 ? 104 LYS A O   1 
ATOM   672 C  CB  . LYS A 1 87 ? -8.948  -10.558 -1.441  1.00 61.81 ? 104 LYS A CB  1 
ATOM   673 C  CG  . LYS A 1 87 ? -9.836  -11.595 -2.108  1.00 69.05 ? 104 LYS A CG  1 
ATOM   674 C  CD  . LYS A 1 87 ? -10.598 -12.416 -1.073  1.00 72.77 ? 104 LYS A CD  1 
ATOM   675 C  CE  . LYS A 1 87 ? -11.235 -13.658 -1.689  1.00 76.78 ? 104 LYS A CE  1 
ATOM   676 N  NZ  . LYS A 1 87 ? -12.364 -13.329 -2.605  1.00 76.34 ? 104 LYS A NZ  1 
ATOM   677 N  N   . TYR A 1 88 ? -7.672  -7.406  -1.776  1.00 55.85 ? 105 TYR A N   1 
ATOM   678 C  CA  . TYR A 1 88 ? -6.871  -6.301  -1.228  1.00 50.06 ? 105 TYR A CA  1 
ATOM   679 C  C   . TYR A 1 88 ? -6.815  -6.319  0.299   1.00 55.59 ? 105 TYR A C   1 
ATOM   680 O  O   . TYR A 1 88 ? -7.779  -6.685  0.956   1.00 60.54 ? 105 TYR A O   1 
ATOM   681 C  CB  . TYR A 1 88 ? -7.399  -4.941  -1.701  1.00 43.66 ? 105 TYR A CB  1 
ATOM   682 C  CG  . TYR A 1 88 ? -6.513  -3.758  -1.315  1.00 45.96 ? 105 TYR A CG  1 
ATOM   683 C  CD1 . TYR A 1 88 ? -5.320  -3.500  -2.010  1.00 49.20 ? 105 TYR A CD1 1 
ATOM   684 C  CD2 . TYR A 1 88 ? -6.846  -2.904  -0.263  1.00 45.32 ? 105 TYR A CD2 1 
ATOM   685 C  CE1 . TYR A 1 88 ? -4.506  -2.423  -1.672  1.00 49.54 ? 105 TYR A CE1 1 
ATOM   686 C  CE2 . TYR A 1 88 ? -6.021  -1.836  0.090   1.00 46.04 ? 105 TYR A CE2 1 
ATOM   687 C  CZ  . TYR A 1 88 ? -4.855  -1.598  -0.626  1.00 47.50 ? 105 TYR A CZ  1 
ATOM   688 O  OH  . TYR A 1 88 ? -4.025  -0.542  -0.317  1.00 48.59 ? 105 TYR A OH  1 
HETATM 689 O  O   . HOH B 2 .  ? -10.420 -8.744  16.716  1.00 30.82 ? 201 HOH A O   1 
HETATM 690 O  O   . HOH B 2 .  ? 0.933   -12.979 2.197   1.00 37.12 ? 202 HOH A O   1 
HETATM 691 O  O   . HOH B 2 .  ? 8.808   7.113   0.253   1.00 49.88 ? 203 HOH A O   1 
HETATM 692 O  O   . HOH B 2 .  ? 9.865   -4.816  9.694   1.00 39.75 ? 204 HOH A O   1 
HETATM 693 O  O   . HOH B 2 .  ? -7.492  3.481   -13.381 1.00 29.99 ? 205 HOH A O   1 
HETATM 694 O  O   . HOH B 2 .  ? -8.741  11.370  -14.205 1.00 50.75 ? 206 HOH A O   1 
HETATM 695 O  O   . HOH B 2 .  ? 3.486   11.231  5.978   1.00 38.00 ? 207 HOH A O   1 
HETATM 696 O  O   . HOH B 2 .  ? -11.557 0.775   3.848   1.00 51.01 ? 208 HOH A O   1 
HETATM 697 O  O   . HOH B 2 .  ? 8.592   12.612  -6.830  1.00 56.38 ? 209 HOH A O   1 
HETATM 698 O  O   . HOH B 2 .  ? -0.596  -3.980  15.381  1.00 54.46 ? 210 HOH A O   1 
HETATM 699 O  O   . HOH B 2 .  ? 1.093   -19.522 4.412   1.00 48.92 ? 211 HOH A O   1 
HETATM 700 O  O   . HOH B 2 .  ? -1.704  5.148   -15.570 1.00 51.46 ? 212 HOH A O   1 
HETATM 701 O  O   . HOH B 2 .  ? 3.381   4.226   4.157   1.00 24.51 ? 213 HOH A O   1 
HETATM 702 O  O   . HOH B 2 .  ? -4.663  -4.484  1.476   1.00 35.35 ? 214 HOH A O   1 
HETATM 703 O  O   . HOH B 2 .  ? 1.631   8.254   -14.693 1.00 33.74 ? 215 HOH A O   1 
HETATM 704 O  O   . HOH B 2 .  ? 6.852   -8.826  4.791   1.00 41.64 ? 216 HOH A O   1 
HETATM 705 O  O   . HOH B 2 .  ? 0.265   5.440   7.757   1.00 30.87 ? 217 HOH A O   1 
# 
loop_
_atom_site_anisotrop.id 
_atom_site_anisotrop.type_symbol 
_atom_site_anisotrop.pdbx_label_atom_id 
_atom_site_anisotrop.pdbx_label_alt_id 
_atom_site_anisotrop.pdbx_label_comp_id 
_atom_site_anisotrop.pdbx_label_asym_id 
_atom_site_anisotrop.pdbx_label_seq_id 
_atom_site_anisotrop.pdbx_PDB_ins_code 
_atom_site_anisotrop.U[1][1] 
_atom_site_anisotrop.U[2][2] 
_atom_site_anisotrop.U[3][3] 
_atom_site_anisotrop.U[1][2] 
_atom_site_anisotrop.U[1][3] 
_atom_site_anisotrop.U[2][3] 
_atom_site_anisotrop.pdbx_auth_seq_id 
_atom_site_anisotrop.pdbx_auth_comp_id 
_atom_site_anisotrop.pdbx_auth_asym_id 
_atom_site_anisotrop.pdbx_auth_atom_id 
9   N  N   . ASP A 2  ? 0.5071 0.5284 0.5470 -0.0846 0.0501  0.0900  19  ASP A N   
10  C  CA  . ASP A 2  ? 0.4816 0.5081 0.5284 -0.0851 0.0338  0.0769  19  ASP A CA  
11  C  C   . ASP A 2  ? 0.4168 0.4648 0.4663 -0.0622 0.0310  0.0713  19  ASP A C   
12  O  O   . ASP A 2  ? 0.3520 0.4018 0.3906 -0.0449 0.0397  0.0742  19  ASP A O   
13  C  CB  . ASP A 2  ? 0.5343 0.5139 0.5554 -0.0887 0.0259  0.0679  19  ASP A CB  
14  C  CG  . ASP A 2  ? 0.5385 0.4924 0.5337 -0.0656 0.0284  0.0657  19  ASP A CG  
15  O  OD1 . ASP A 2  ? 0.5002 0.4710 0.4968 -0.0489 0.0253  0.0615  19  ASP A OD1 
16  O  OD2 . ASP A 2  ? 0.6449 0.5612 0.6184 -0.0645 0.0325  0.0687  19  ASP A OD2 
17  N  N   . CYS A 3  ? 0.4039 0.4630 0.4631 -0.0629 0.0183  0.0631  20  CYS A N   
18  C  CA  A CYS A 3  ? 0.4172 0.4920 0.4787 -0.0443 0.0152  0.0585  20  CYS A CA  
19  C  CA  B CYS A 3  ? 0.4110 0.4860 0.4726 -0.0443 0.0152  0.0585  20  CYS A CA  
20  C  C   . CYS A 3  ? 0.3927 0.4408 0.4286 -0.0288 0.0148  0.0517  20  CYS A C   
21  O  O   . CYS A 3  ? 0.3605 0.4141 0.3920 -0.0140 0.0165  0.0494  20  CYS A O   
22  C  CB  A CYS A 3  ? 0.4720 0.5614 0.5461 -0.0496 0.0014  0.0536  20  CYS A CB  
23  C  CB  B CYS A 3  ? 0.4515 0.5419 0.5263 -0.0497 0.0015  0.0539  20  CYS A CB  
24  S  SG  A CYS A 3  ? 0.6037 0.7390 0.7151 -0.0681 -0.0010 0.0635  20  CYS A SG  
25  S  SG  B CYS A 3  ? 0.5290 0.6662 0.6416 -0.0676 -0.0009 0.0638  20  CYS A SG  
26  N  N   . PHE A 4  ? 0.3407 0.3597 0.3596 -0.0321 0.0126  0.0488  21  PHE A N   
27  C  CA  . PHE A 4  ? 0.3504 0.3536 0.3510 -0.0183 0.0114  0.0449  21  PHE A CA  
28  C  C   . PHE A 4  ? 0.3420 0.3452 0.3307 -0.0088 0.0194  0.0509  21  PHE A C   
29  O  O   . PHE A 4  ? 0.3269 0.3310 0.3049 0.0024  0.0171  0.0469  21  PHE A O   
30  C  CB  . PHE A 4  ? 0.3665 0.3437 0.3544 -0.0192 0.0090  0.0427  21  PHE A CB  
31  C  CG  . PHE A 4  ? 0.3377 0.3093 0.3277 -0.0253 0.0025  0.0352  21  PHE A CG  
32  C  CD1 . PHE A 4  ? 0.3098 0.2870 0.3000 -0.0183 -0.0024 0.0293  21  PHE A CD1 
33  C  CD2 . PHE A 4  ? 0.4088 0.3652 0.3959 -0.0395 0.0017  0.0340  21  PHE A CD2 
34  C  CE1 . PHE A 4  ? 0.3623 0.3325 0.3491 -0.0227 -0.0062 0.0236  21  PHE A CE1 
35  C  CE2 . PHE A 4  ? 0.3705 0.3178 0.3512 -0.0444 -0.0045 0.0259  21  PHE A CE2 
36  C  CZ  . PHE A 4  ? 0.3344 0.2893 0.3143 -0.0345 -0.0074 0.0213  21  PHE A CZ  
37  N  N   . GLU A 5  ? 0.3889 0.3886 0.3763 -0.0150 0.0288  0.0606  22  GLU A N   
38  C  CA  . GLU A 5  ? 0.4525 0.4510 0.4233 -0.0057 0.0387  0.0683  22  GLU A CA  
39  C  C   . GLU A 5  ? 0.4016 0.4229 0.3763 0.0033  0.0451  0.0673  22  GLU A C   
40  O  O   . GLU A 5  ? 0.4106 0.4261 0.3623 0.0165  0.0471  0.0653  22  GLU A O   
41  C  CB  . GLU A 5  ? 0.5189 0.5076 0.4874 -0.0164 0.0504  0.0816  22  GLU A CB  
42  C  CG  . GLU A 5  ? 0.6330 0.5901 0.5940 -0.0250 0.0466  0.0827  22  GLU A CG  
43  C  CD  . GLU A 5  ? 0.7658 0.6943 0.6981 -0.0135 0.0501  0.0909  22  GLU A CD  
44  O  OE1 . GLU A 5  ? 0.9046 0.8386 0.8217 0.0034  0.0465  0.0902  22  GLU A OE1 
45  O  OE2 . GLU A 5  ? 0.9021 0.8000 0.8251 -0.0217 0.0549  0.0980  22  GLU A OE2 
46  N  N   . ILE A 6  ? 0.3784 0.4247 0.3799 -0.0029 0.0479  0.0687  23  ILE A N   
47  C  CA  . ILE A 6  ? 0.3679 0.4372 0.3762 0.0097  0.0565  0.0692  23  ILE A CA  
48  C  C   . ILE A 6  ? 0.3355 0.3910 0.3274 0.0235  0.0476  0.0565  23  ILE A C   
49  O  O   . ILE A 6  ? 0.3153 0.3645 0.2869 0.0385  0.0542  0.0531  23  ILE A O   
50  C  CB  . ILE A 6  ? 0.3710 0.4768 0.4177 0.0014  0.0580  0.0750  23  ILE A CB  
51  C  CG1 . ILE A 6  ? 0.4118 0.5353 0.4768 -0.0156 0.0690  0.0887  23  ILE A CG1 
52  C  CG2 . ILE A 6  ? 0.4134 0.5425 0.4682 0.0206  0.0664  0.0754  23  ILE A CG2 
53  C  CD1 . ILE A 6  ? 0.4266 0.5897 0.5334 -0.0315 0.0647  0.0943  23  ILE A CD1 
54  N  N   . THR A 7  ? 0.2802 0.3273 0.2775 0.0171  0.0334  0.0492  24  THR A N   
55  C  CA  . THR A 7  ? 0.2926 0.3274 0.2794 0.0249  0.0253  0.0391  24  THR A CA  
56  C  C   . THR A 7  ? 0.3284 0.3414 0.2865 0.0290  0.0214  0.0333  24  THR A C   
57  O  O   . THR A 7  ? 0.3400 0.3400 0.2783 0.0376  0.0208  0.0259  24  THR A O   
58  C  CB  . THR A 7  ? 0.2809 0.3133 0.2795 0.0158  0.0132  0.0349  24  THR A CB  
59  O  OG1 . THR A 7  ? 0.2671 0.3209 0.2890 0.0113  0.0130  0.0400  24  THR A OG1 
60  C  CG2 . THR A 7  ? 0.2858 0.3028 0.2726 0.0215  0.0069  0.0266  24  THR A CG2 
61  N  N   . GLY A 8  ? 0.3133 0.3211 0.2674 0.0230  0.0182  0.0368  25  GLY A N   
62  C  CA  . GLY A 8  ? 0.3724 0.3675 0.3024 0.0273  0.0116  0.0336  25  GLY A CA  
63  C  C   . GLY A 8  ? 0.3730 0.3616 0.2751 0.0375  0.0189  0.0341  25  GLY A C   
64  O  O   . GLY A 8  ? 0.3862 0.3629 0.2635 0.0415  0.0110  0.0260  25  GLY A O   
65  N  N   . LYS A 9  ? 0.3887 0.3857 0.2938 0.0402  0.0343  0.0435  26  LYS A N   
66  C  CA  . LYS A 9  ? 0.4021 0.3943 0.2790 0.0517  0.0464  0.0458  26  LYS A CA  
67  C  C   . LYS A 9  ? 0.4289 0.4130 0.2914 0.0626  0.0488  0.0346  26  LYS A C   
68  O  O   . LYS A 9  ? 0.4532 0.4187 0.2775 0.0718  0.0496  0.0281  26  LYS A O   
69  C  CB  . LYS A 9  ? 0.4151 0.4243 0.3065 0.0501  0.0657  0.0608  26  LYS A CB  
70  C  CG  . LYS A 9  ? 0.4726 0.4793 0.3343 0.0630  0.0834  0.0665  26  LYS A CG  
71  C  CD  . LYS A 9  ? 0.5098 0.5389 0.3934 0.0567  0.1035  0.0839  26  LYS A CD  
72  C  CE  . LYS A 9  ? 0.5850 0.6182 0.4433 0.0718  0.1265  0.0907  26  LYS A CE  
73  N  NZ  . LYS A 9  ? 0.6261 0.6286 0.4283 0.0823  0.1241  0.0881  26  LYS A NZ  
74  N  N   . ALA A 10 ? 0.4035 0.3975 0.2922 0.0623  0.0493  0.0321  27  ALA A N   
75  C  CA  . ALA A 10 ? 0.4308 0.4134 0.3070 0.0757  0.0545  0.0238  27  ALA A CA  
76  C  C   . ALA A 10 ? 0.4539 0.4038 0.3014 0.0733  0.0394  0.0086  27  ALA A C   
77  O  O   . ALA A 10 ? 0.4763 0.4002 0.2890 0.0843  0.0435  -0.0007 27  ALA A O   
78  C  CB  . ALA A 10 ? 0.4018 0.4054 0.3149 0.0769  0.0569  0.0283  27  ALA A CB  
79  N  N   . TYR A 11 ? 0.4289 0.3796 0.2905 0.0582  0.0228  0.0063  28  TYR A N   
80  C  CA  . TYR A 11 ? 0.4776 0.4054 0.3242 0.0503  0.0079  -0.0058 28  TYR A CA  
81  C  C   . TYR A 11 ? 0.5073 0.4339 0.3384 0.0410  -0.0066 -0.0091 28  TYR A C   
82  O  O   . TYR A 11 ? 0.5463 0.4643 0.3745 0.0292  -0.0215 -0.0170 28  TYR A O   
83  C  CB  . TYR A 11 ? 0.4790 0.4145 0.3566 0.0407  0.0015  -0.0043 28  TYR A CB  
84  C  CG  . TYR A 11 ? 0.4481 0.3833 0.3368 0.0513  0.0115  -0.0015 28  TYR A CG  
85  C  CD1 . TYR A 11 ? 0.5759 0.4822 0.4388 0.0638  0.0175  -0.0086 28  TYR A CD1 
86  C  CD2 . TYR A 11 ? 0.4534 0.4160 0.3757 0.0500  0.0145  0.0086  28  TYR A CD2 
87  C  CE1 . TYR A 11 ? 0.6048 0.5129 0.4786 0.0787  0.0270  -0.0038 28  TYR A CE1 
88  C  CE2 . TYR A 11 ? 0.4769 0.4467 0.4119 0.0612  0.0210  0.0131  28  TYR A CE2 
89  C  CZ  . TYR A 11 ? 0.5875 0.5321 0.5002 0.0772  0.0277  0.0082  28  TYR A CZ  
90  O  OH  . TYR A 11 ? 0.6756 0.6296 0.6020 0.0927  0.0343  0.0149  28  TYR A OH  
91  N  N   . ASN A 12 ? 0.4721 0.4090 0.2942 0.0461  -0.0024 -0.0011 29  ASN A N   
92  C  CA  . ASN A 12 ? 0.4727 0.4123 0.2788 0.0420  -0.0163 -0.0008 29  ASN A CA  
93  C  C   . ASN A 12 ? 0.4270 0.3847 0.2639 0.0305  -0.0302 0.0016  29  ASN A C   
94  O  O   . ASN A 12 ? 0.4251 0.3856 0.2562 0.0228  -0.0469 -0.0041 29  ASN A O   
95  C  CB  . ASN A 12 ? 0.5591 0.4734 0.3205 0.0418  -0.0264 -0.0150 29  ASN A CB  
96  C  CG  . ASN A 12 ? 0.6504 0.5446 0.3722 0.0577  -0.0098 -0.0169 29  ASN A CG  
97  O  OD1 . ASN A 12 ? 0.7502 0.6159 0.4453 0.0628  -0.0052 -0.0292 29  ASN A OD1 
98  N  ND2 . ASN A 12 ? 0.6696 0.5758 0.3858 0.0666  0.0014  -0.0038 29  ASN A ND2 
99  N  N   . ILE A 13 ? 0.4253 0.3965 0.2951 0.0288  -0.0234 0.0096  30  ILE A N   
100 C  CA  . ILE A 13 ? 0.4412 0.4283 0.3377 0.0218  -0.0321 0.0127  30  ILE A CA  
101 C  C   . ILE A 13 ? 0.4451 0.4386 0.3479 0.0282  -0.0255 0.0252  30  ILE A C   
102 O  O   . ILE A 13 ? 0.4082 0.3970 0.3128 0.0303  -0.0124 0.0308  30  ILE A O   
103 C  CB  . ILE A 13 ? 0.4173 0.4054 0.3381 0.0147  -0.0289 0.0099  30  ILE A CB  
104 C  CG1 . ILE A 13 ? 0.4660 0.4396 0.3767 0.0078  -0.0349 -0.0011 30  ILE A CG1 
105 C  CG2 . ILE A 13 ? 0.4576 0.4611 0.4030 0.0106  -0.0325 0.0145  30  ILE A CG2 
106 C  CD1 . ILE A 13 ? 0.4674 0.4370 0.3950 0.0035  -0.0305 -0.0016 30  ILE A CD1 
107 N  N   . ASP A 14 ? 0.4833 0.4874 0.3897 0.0311  -0.0344 0.0305  31  ASP A N   
108 C  CA  . ASP A 14 ? 0.4512 0.4530 0.3609 0.0390  -0.0278 0.0429  31  ASP A CA  
109 C  C   . ASP A 14 ? 0.4306 0.4263 0.3612 0.0329  -0.0171 0.0434  31  ASP A C   
110 O  O   . ASP A 14 ? 0.4020 0.4048 0.3509 0.0272  -0.0200 0.0375  31  ASP A O   
111 C  CB  . ASP A 14 ? 0.5514 0.5697 0.4690 0.0459  -0.0396 0.0478  31  ASP A CB  
112 C  CG  . ASP A 14 ? 0.5873 0.5955 0.5009 0.0587  -0.0328 0.0616  31  ASP A CG  
113 O  OD1 . ASP A 14 ? 0.5473 0.5334 0.4576 0.0569  -0.0188 0.0660  31  ASP A OD1 
114 O  OD2 . ASP A 14 ? 0.6338 0.6566 0.5481 0.0705  -0.0425 0.0687  31  ASP A OD2 
115 N  N   . PRO A 15 ? 0.3967 0.3793 0.3228 0.0321  -0.0050 0.0503  32  PRO A N   
116 C  CA  . PRO A 15 ? 0.4315 0.4086 0.3748 0.0230  0.0014  0.0492  32  PRO A CA  
117 C  C   . PRO A 15 ? 0.4218 0.3936 0.3739 0.0248  -0.0012 0.0486  32  PRO A C   
118 O  O   . PRO A 15 ? 0.4081 0.3791 0.3716 0.0174  -0.0005 0.0429  32  PRO A O   
119 C  CB  . PRO A 15 ? 0.4125 0.3770 0.3490 0.0192  0.0132  0.0589  32  PRO A CB  
120 C  CG  . PRO A 15 ? 0.4708 0.4377 0.3873 0.0268  0.0164  0.0638  32  PRO A CG  
121 C  CD  . PRO A 15 ? 0.4752 0.4483 0.3801 0.0366  0.0033  0.0595  32  PRO A CD  
122 N  N   . LEU A 16 ? 0.4328 0.4020 0.3777 0.0371  -0.0037 0.0550  33  LEU A N   
123 C  CA  . LEU A 16 ? 0.4662 0.4323 0.4186 0.0450  -0.0034 0.0556  33  LEU A CA  
124 C  C   . LEU A 16 ? 0.4347 0.4250 0.4062 0.0420  -0.0093 0.0475  33  LEU A C   
125 O  O   . LEU A 16 ? 0.4460 0.4330 0.4250 0.0442  -0.0047 0.0453  33  LEU A O   
126 C  CB  . LEU A 16 ? 0.5342 0.5003 0.4774 0.0635  -0.0058 0.0666  33  LEU A CB  
127 C  CG  . LEU A 16 ? 0.5851 0.5499 0.5353 0.0792  -0.0029 0.0705  33  LEU A CG  
128 C  CD1 . LEU A 16 ? 0.6199 0.5494 0.5629 0.0752  0.0094  0.0664  33  LEU A CD1 
129 C  CD2 . LEU A 16 ? 0.6436 0.6042 0.5809 0.1005  -0.0047 0.0848  33  LEU A CD2 
130 N  N   . ILE A 17 ? 0.3917 0.4020 0.3674 0.0365  -0.0184 0.0431  34  ILE A N   
131 C  CA  . ILE A 17 ? 0.3352 0.3648 0.3275 0.0293  -0.0237 0.0364  34  ILE A CA  
132 C  C   . ILE A 17 ? 0.3520 0.3697 0.3474 0.0194  -0.0172 0.0305  34  ILE A C   
133 O  O   . ILE A 17 ? 0.3101 0.3335 0.3157 0.0176  -0.0146 0.0286  34  ILE A O   
134 C  CB  . ILE A 17 ? 0.3544 0.3966 0.3431 0.0224  -0.0351 0.0317  34  ILE A CB  
135 C  CG1 . ILE A 17 ? 0.4435 0.5048 0.4301 0.0306  -0.0463 0.0372  34  ILE A CG1 
136 C  CG2 . ILE A 17 ? 0.3427 0.3934 0.3443 0.0095  -0.0382 0.0245  34  ILE A CG2 
137 C  CD1 . ILE A 17 ? 0.4383 0.5334 0.4504 0.0316  -0.0538 0.0400  34  ILE A CD1 
138 N  N   . LEU A 18 ? 0.3185 0.3236 0.3050 0.0141  -0.0146 0.0289  35  LEU A N   
139 C  CA  . LEU A 18 ? 0.3231 0.3213 0.3126 0.0060  -0.0112 0.0251  35  LEU A CA  
140 C  C   . LEU A 18 ? 0.3221 0.3070 0.3099 0.0052  -0.0059 0.0254  35  LEU A C   
141 O  O   . LEU A 18 ? 0.2925 0.2755 0.2813 0.0008  -0.0054 0.0214  35  LEU A O   
142 C  CB  . LEU A 18 ? 0.3115 0.3075 0.2972 0.0032  -0.0094 0.0256  35  LEU A CB  
143 C  CG  . LEU A 18 ? 0.3078 0.3077 0.2863 0.0062  -0.0119 0.0232  35  LEU A CG  
144 C  CD1 . LEU A 18 ? 0.3563 0.3575 0.3343 0.0071  -0.0054 0.0255  35  LEU A CD1 
145 C  CD2 . LEU A 18 ? 0.3302 0.3306 0.3107 0.0026  -0.0174 0.0170  35  LEU A CD2 
146 N  N   . LYS A 19 ? 0.3437 0.3146 0.3233 0.0101  -0.0018 0.0300  36  LYS A N   
147 C  CA  . LYS A 19 ? 0.3369 0.2849 0.3071 0.0102  0.0038  0.0290  36  LYS A CA  
148 C  C   . LYS A 19 ? 0.3433 0.2961 0.3162 0.0205  0.0066  0.0274  36  LYS A C   
149 O  O   . LYS A 19 ? 0.3258 0.2649 0.2904 0.0186  0.0107  0.0223  36  LYS A O   
150 C  CB  . LYS A 19 ? 0.4012 0.3243 0.3579 0.0136  0.0092  0.0356  36  LYS A CB  
151 C  CG  . LYS A 19 ? 0.4025 0.3185 0.3573 -0.0005 0.0104  0.0386  36  LYS A CG  
152 C  CD  . LYS A 19 ? 0.4511 0.3440 0.3915 0.0034  0.0171  0.0487  36  LYS A CD  
153 C  CE  . LYS A 19 ? 0.5424 0.4378 0.4865 -0.0124 0.0206  0.0539  36  LYS A CE  
154 N  NZ  . LYS A 19 ? 0.6083 0.4802 0.5365 -0.0110 0.0293  0.0663  36  LYS A NZ  
155 N  N   . ALA A 20 ? 0.3253 0.2989 0.3087 0.0316  0.0046  0.0322  37  ALA A N   
156 C  CA  . ALA A 20 ? 0.3176 0.3049 0.3105 0.0421  0.0093  0.0329  37  ALA A CA  
157 C  C   . ALA A 20 ? 0.3016 0.3018 0.3024 0.0314  0.0095  0.0274  37  ALA A C   
158 O  O   . ALA A 20 ? 0.3503 0.3487 0.3491 0.0367  0.0185  0.0261  37  ALA A O   
159 C  CB  . ALA A 20 ? 0.2973 0.3142 0.3061 0.0544  0.0044  0.0407  37  ALA A CB  
160 N  N   . ILE A 21 ? 0.2895 0.2976 0.2945 0.0184  0.0016  0.0247  38  ILE A N   
161 C  CA  . ILE A 21 ? 0.2860 0.2982 0.2932 0.0086  0.0021  0.0214  38  ILE A CA  
162 C  C   . ILE A 21 ? 0.3180 0.3073 0.3073 0.0055  0.0062  0.0174  38  ILE A C   
163 O  O   . ILE A 21 ? 0.3533 0.3410 0.3369 0.0062  0.0128  0.0163  38  ILE A O   
164 C  CB  . ILE A 21 ? 0.2822 0.3006 0.2935 -0.0015 -0.0064 0.0200  38  ILE A CB  
165 C  CG1 . ILE A 21 ? 0.2882 0.3284 0.3134 -0.0023 -0.0123 0.0220  38  ILE A CG1 
166 C  CG2 . ILE A 21 ? 0.2843 0.2978 0.2919 -0.0095 -0.0049 0.0188  38  ILE A CG2 
167 C  CD1 . ILE A 21 ? 0.3280 0.3647 0.3483 -0.0097 -0.0211 0.0186  38  ILE A CD1 
168 N  N   . ALA A 22 ? 0.3080 0.2813 0.2878 0.0015  0.0027  0.0155  39  ALA A N   
169 C  CA  . ALA A 22 ? 0.3377 0.2908 0.2998 -0.0051 0.0024  0.0108  39  ALA A CA  
170 C  C   . ALA A 22 ? 0.3697 0.3013 0.3136 0.0023  0.0118  0.0072  39  ALA A C   
171 O  O   . ALA A 22 ? 0.3451 0.2647 0.2711 -0.0002 0.0138  0.0025  39  ALA A O   
172 C  CB  . ALA A 22 ? 0.3330 0.2783 0.2940 -0.0134 -0.0026 0.0109  39  ALA A CB  
173 N  N   . TRP A 23 ? 0.3458 0.2712 0.2909 0.0143  0.0180  0.0101  40  TRP A N   
174 C  CA  . TRP A 23 ? 0.3956 0.2977 0.3221 0.0269  0.0297  0.0074  40  TRP A CA  
175 C  C   . TRP A 23 ? 0.4023 0.3237 0.3343 0.0359  0.0389  0.0085  40  TRP A C   
176 O  O   . TRP A 23 ? 0.4156 0.3157 0.3234 0.0400  0.0479  0.0028  40  TRP A O   
177 C  CB  . TRP A 23 ? 0.4103 0.3019 0.3376 0.0419  0.0348  0.0131  40  TRP A CB  
178 C  CG  . TRP A 23 ? 0.4581 0.3201 0.3635 0.0597  0.0487  0.0108  40  TRP A CG  
179 C  CD1 . TRP A 23 ? 0.4701 0.3489 0.3869 0.0834  0.0595  0.0174  40  TRP A CD1 
180 C  CD2 . TRP A 23 ? 0.5076 0.3164 0.3741 0.0566  0.0541  0.0010  40  TRP A CD2 
181 N  NE1 . TRP A 23 ? 0.5477 0.3852 0.4340 0.0991  0.0740  0.0127  40  TRP A NE1 
182 C  CE2 . TRP A 23 ? 0.5394 0.3287 0.3908 0.0821  0.0705  0.0014  40  TRP A CE2 
183 C  CE3 . TRP A 23 ? 0.5326 0.3097 0.3759 0.0341  0.0456  -0.0081 40  TRP A CE3 
184 C  CZ2 . TRP A 23 ? 0.6022 0.3303 0.4081 0.0870  0.0803  -0.0089 40  TRP A CZ2 
185 C  CZ3 . TRP A 23 ? 0.6026 0.3238 0.4034 0.0342  0.0520  -0.0187 40  TRP A CZ3 
186 C  CH2 . TRP A 23 ? 0.6061 0.2980 0.3847 0.0609  0.0700  -0.0200 40  TRP A CH2 
187 N  N   . ASN A 24 ? 0.4063 0.3667 0.3679 0.0372  0.0372  0.0154  41  ASN A N   
188 C  CA  . ASN A 24 ? 0.4629 0.4483 0.4363 0.0420  0.0472  0.0190  41  ASN A CA  
189 C  C   . ASN A 24 ? 0.4846 0.4621 0.4422 0.0304  0.0483  0.0156  41  ASN A C   
190 O  O   . ASN A 24 ? 0.5420 0.5183 0.4885 0.0367  0.0616  0.0159  41  ASN A O   
191 C  CB  . ASN A 24 ? 0.4841 0.5128 0.4937 0.0387  0.0412  0.0268  41  ASN A CB  
192 C  CG  . ASN A 24 ? 0.5359 0.5831 0.5629 0.0548  0.0414  0.0332  41  ASN A CG  
193 O  OD1 . ASN A 24 ? 0.5667 0.5996 0.5833 0.0738  0.0522  0.0343  41  ASN A OD1 
194 N  ND2 . ASN A 24 ? 0.5833 0.6585 0.6328 0.0487  0.0287  0.0374  41  ASN A ND2 
195 N  N   . GLU A 25 ? 0.4891 0.4606 0.4435 0.0159  0.0351  0.0134  42  GLU A N   
196 C  CA  . GLU A 25 ? 0.4904 0.4590 0.4331 0.0059  0.0331  0.0136  42  GLU A CA  
197 C  C   . GLU A 25 ? 0.4901 0.4282 0.3966 0.0041  0.0321  0.0064  42  GLU A C   
198 O  O   . GLU A 25 ? 0.4612 0.3936 0.3487 0.0034  0.0372  0.0070  42  GLU A O   
199 C  CB  . GLU A 25 ? 0.4326 0.4089 0.3882 -0.0050 0.0193  0.0156  42  GLU A CB  
200 C  CG  . GLU A 25 ? 0.4653 0.4656 0.4474 -0.0081 0.0185  0.0209  42  GLU A CG  
201 C  CD  . GLU A 25 ? 0.5697 0.5809 0.5558 -0.0124 0.0279  0.0267  42  GLU A CD  
202 O  OE1 . GLU A 25 ? 0.6116 0.6084 0.5761 -0.0134 0.0330  0.0277  42  GLU A OE1 
203 O  OE2 . GLU A 25 ? 0.7257 0.7610 0.7360 -0.0159 0.0298  0.0311  42  GLU A OE2 
204 N  N   . SER A 26 ? 0.4823 0.4010 0.3783 0.0011  0.0243  0.0002  43  SER A N   
205 C  CA  . SER A 26 ? 0.5044 0.3954 0.3668 -0.0065 0.0177  -0.0080 43  SER A CA  
206 C  C   . SER A 26 ? 0.5395 0.3964 0.3799 -0.0044 0.0210  -0.0166 43  SER A C   
207 O  O   . SER A 26 ? 0.5622 0.3921 0.3725 -0.0143 0.0137  -0.0252 43  SER A O   
208 C  CB  . SER A 26 ? 0.4965 0.3990 0.3700 -0.0200 0.0000  -0.0064 43  SER A CB  
209 O  OG  . SER A 26 ? 0.4804 0.3889 0.3757 -0.0225 -0.0036 -0.0049 43  SER A OG  
210 N  N   . LYS A 27 ? 0.5289 0.3849 0.3823 0.0081  0.0308  -0.0138 44  LYS A N   
211 C  CA  . LYS A 27 ? 0.5493 0.3687 0.3846 0.0097  0.0329  -0.0192 44  LYS A CA  
212 C  C   . LYS A 27 ? 0.5039 0.3146 0.3395 -0.0119 0.0168  -0.0218 44  LYS A C   
213 O  O   . LYS A 27 ? 0.5187 0.2907 0.3252 -0.0220 0.0139  -0.0305 44  LYS A O   
214 C  CB  . LYS A 27 ? 0.6467 0.4236 0.4382 0.0190  0.0450  -0.0293 44  LYS A CB  
215 C  CG  . LYS A 27 ? 0.7156 0.5071 0.5088 0.0414  0.0642  -0.0253 44  LYS A CG  
216 C  CD  . LYS A 27 ? 0.7923 0.5778 0.5939 0.0652  0.0791  -0.0205 44  LYS A CD  
217 C  CE  . LYS A 27 ? 0.8394 0.6664 0.6664 0.0853  0.0954  -0.0109 44  LYS A CE  
218 N  NZ  . LYS A 27 ? 0.7481 0.6322 0.6267 0.0790  0.0862  0.0012  44  LYS A NZ  
219 N  N   . ASN A 28 ? 0.4536 0.3004 0.3221 -0.0192 0.0075  -0.0141 45  ASN A N   
220 C  CA  . ASN A 28 ? 0.4578 0.3101 0.3374 -0.0370 -0.0047 -0.0128 45  ASN A CA  
221 C  C   . ASN A 28 ? 0.5057 0.3468 0.3653 -0.0547 -0.0168 -0.0205 45  ASN A C   
222 O  O   . ASN A 28 ? 0.5008 0.3213 0.3507 -0.0714 -0.0231 -0.0247 45  ASN A O   
223 C  CB  . ASN A 28 ? 0.5091 0.3376 0.3870 -0.0389 -0.0001 -0.0107 45  ASN A CB  
224 C  CG  . ASN A 28 ? 0.5550 0.4083 0.4599 -0.0291 0.0035  -0.0001 45  ASN A CG  
225 O  OD1 . ASN A 28 ? 0.7130 0.5820 0.6347 -0.0385 -0.0009 0.0056  45  ASN A OD1 
226 N  ND2 . ASN A 28 ? 0.5202 0.3814 0.4297 -0.0104 0.0114  0.0030  45  ASN A ND2 
227 N  N   . LYS A 29 ? 0.5159 0.3672 0.3658 -0.0516 -0.0200 -0.0221 46  LYS A N   
228 C  CA  . LYS A 29 ? 0.5924 0.4360 0.4183 -0.0659 -0.0338 -0.0290 46  LYS A CA  
229 C  C   . LYS A 29 ? 0.5332 0.4191 0.3834 -0.0673 -0.0453 -0.0201 46  LYS A C   
230 O  O   . LYS A 29 ? 0.5113 0.4124 0.3694 -0.0544 -0.0392 -0.0137 46  LYS A O   
231 C  CB  . LYS A 29 ? 0.6694 0.4800 0.4510 -0.0575 -0.0256 -0.0380 46  LYS A CB  
232 C  CG  . LYS A 29 ? 0.7140 0.5109 0.4589 -0.0708 -0.0406 -0.0465 46  LYS A CG  
233 C  CD  . LYS A 29 ? 0.8148 0.5947 0.5498 -0.0957 -0.0574 -0.0551 46  LYS A CD  
234 C  CE  . LYS A 29 ? 0.9181 0.6865 0.6132 -0.1103 -0.0761 -0.0644 46  LYS A CE  
235 N  NZ  . LYS A 29 ? 0.9631 0.6799 0.5975 -0.1009 -0.0648 -0.0777 46  LYS A NZ  
236 N  N   . ASN A 30 ? 0.5649 0.4695 0.4283 -0.0832 -0.0614 -0.0187 47  ASN A N   
237 C  CA  . ASN A 30 ? 0.5916 0.5354 0.4758 -0.0830 -0.0742 -0.0099 47  ASN A CA  
238 C  C   . ASN A 30 ? 0.6304 0.5686 0.4817 -0.0874 -0.0882 -0.0138 47  ASN A C   
239 O  O   . ASN A 30 ? 0.6091 0.5118 0.4206 -0.0944 -0.0888 -0.0254 47  ASN A O   
240 C  CB  . ASN A 30 ? 0.5954 0.5677 0.5129 -0.0974 -0.0835 -0.0053 47  ASN A CB  
241 C  CG  . ASN A 30 ? 0.5726 0.5912 0.5228 -0.0898 -0.0905 0.0069  47  ASN A CG  
242 O  OD1 . ASN A 30 ? 0.7308 0.7551 0.6784 -0.0735 -0.0883 0.0121  47  ASN A OD1 
243 N  ND2 . ASN A 30 ? 0.7760 0.8276 0.7575 -0.1014 -0.0979 0.0124  47  ASN A ND2 
244 N  N   . GLY A 31 ? 0.6803 0.6492 0.5430 -0.0804 -0.0979 -0.0038 48  GLY A N   
245 C  CA  . GLY A 31 ? 0.7119 0.6822 0.5451 -0.0840 -0.1150 -0.0042 48  GLY A CA  
246 C  C   . GLY A 31 ? 0.7559 0.6984 0.5476 -0.0714 -0.1056 -0.0050 48  GLY A C   
247 O  O   . GLY A 31 ? 0.8304 0.7687 0.5889 -0.0740 -0.1193 -0.0057 48  GLY A O   
248 N  N   . ILE A 32 ? 0.7643 0.6907 0.5574 -0.0586 -0.0829 -0.0037 49  ILE A N   
249 C  CA  . ILE A 32 ? 0.8314 0.7332 0.5875 -0.0483 -0.0693 -0.0034 49  ILE A CA  
250 C  C   . ILE A 32 ? 0.8254 0.7393 0.5987 -0.0349 -0.0581 0.0109  49  ILE A C   
251 O  O   . ILE A 32 ? 0.7291 0.6578 0.5399 -0.0312 -0.0516 0.0157  49  ILE A O   
252 C  CB  . ILE A 32 ? 0.9170 0.7861 0.6520 -0.0465 -0.0507 -0.0153 49  ILE A CB  
253 C  CG1 . ILE A 32 ? 0.9362 0.7740 0.6244 -0.0579 -0.0609 -0.0302 49  ILE A CG1 
254 C  CG2 . ILE A 32 ? 0.9614 0.8208 0.6820 -0.0323 -0.0282 -0.0102 49  ILE A CG2 
255 C  CD1 . ILE A 32 ? 1.0105 0.8094 0.6758 -0.0546 -0.0435 -0.0431 49  ILE A CD1 
256 N  N   . LYS A 33 ? 0.8413 0.7448 0.5823 -0.0289 -0.0563 0.0176  50  LYS A N   
257 C  CA  . LYS A 33 ? 0.8187 0.7214 0.5657 -0.0195 -0.0419 0.0306  50  LYS A CA  
258 C  C   . LYS A 33 ? 0.7552 0.6390 0.4807 -0.0168 -0.0188 0.0280  50  LYS A C   
259 O  O   . LYS A 33 ? 0.8004 0.6649 0.4853 -0.0170 -0.0162 0.0201  50  LYS A O   
260 C  CB  . LYS A 33 ? 0.8834 0.7856 0.6081 -0.0133 -0.0528 0.0440  50  LYS A CB  
261 C  CG  . LYS A 33 ? 0.8934 0.8203 0.6469 -0.0093 -0.0713 0.0516  50  LYS A CG  
262 C  CD  . LYS A 33 ? 0.9324 0.8554 0.6615 0.0018  -0.0798 0.0678  50  LYS A CD  
263 C  CE  . LYS A 33 ? 1.0385 0.9597 0.7241 -0.0009 -0.0974 0.0658  50  LYS A CE  
264 N  NZ  . LYS A 33 ? 1.1072 0.9994 0.7421 0.0055  -0.0873 0.0752  50  LYS A NZ  
265 N  N   . SER A 34 ? 0.6685 0.5588 0.4209 -0.0145 -0.0019 0.0344  51  SER A N   
266 C  CA  . SER A 34 ? 0.6451 0.5296 0.3891 -0.0114 0.0220  0.0354  51  SER A CA  
267 C  C   . SER A 34 ? 0.6700 0.5392 0.3733 -0.0087 0.0296  0.0458  51  SER A C   
268 O  O   . SER A 34 ? 0.6295 0.4935 0.3179 -0.0084 0.0157  0.0538  51  SER A O   
269 C  CB  . SER A 34 ? 0.6124 0.5149 0.3998 -0.0138 0.0332  0.0422  51  SER A CB  
270 O  OG  . SER A 34 ? 0.6257 0.5248 0.4149 -0.0172 0.0331  0.0560  51  SER A OG  
271 N  N   . LYS A 35 ? 0.7080 0.5719 0.3947 -0.0048 0.0530  0.0477  52  LYS A N   
272 C  CA  . LYS A 35 ? 0.7570 0.6091 0.4114 -0.0034 0.0662  0.0620  52  LYS A CA  
273 C  C   . LYS A 35 ? 0.6994 0.5611 0.3882 -0.0108 0.0688  0.0772  52  LYS A C   
274 O  O   . LYS A 35 ? 0.6250 0.5036 0.3596 -0.0160 0.0647  0.0745  52  LYS A O   
275 C  CB  . LYS A 35 ? 0.8349 0.6853 0.4710 0.0029  0.0954  0.0622  52  LYS A CB  
276 C  CG  . LYS A 35 ? 0.8874 0.7678 0.5765 0.0004  0.1148  0.0666  52  LYS A CG  
277 C  CD  . LYS A 35 ? 1.0160 0.9026 0.6951 0.0124  0.1419  0.0628  52  LYS A CD  
278 C  CE  . LYS A 35 ? 1.0244 0.9492 0.7644 0.0123  0.1531  0.0644  52  LYS A CE  
279 N  NZ  . LYS A 35 ? 1.0939 1.0387 0.8365 0.0226  0.1864  0.0716  52  LYS A NZ  
280 N  N   . ILE A 36 ? 0.6878 0.5335 0.3493 -0.0115 0.0757  0.0930  53  ILE A N   
281 C  CA  . ILE A 36 ? 0.6628 0.5036 0.3452 -0.0188 0.0745  0.1070  53  ILE A CA  
282 C  C   . ILE A 36 ? 0.6342 0.4923 0.3527 -0.0305 0.0969  0.1118  53  ILE A C   
283 O  O   . ILE A 36 ? 0.6334 0.4992 0.3420 -0.0309 0.1197  0.1166  53  ILE A O   
284 C  CB  . ILE A 36 ? 0.7169 0.5288 0.3526 -0.0147 0.0742  0.1243  53  ILE A CB  
285 C  CG1 . ILE A 36 ? 0.7390 0.5437 0.3398 -0.0028 0.0494  0.1190  53  ILE A CG1 
286 C  CG2 . ILE A 36 ? 0.6994 0.4938 0.3488 -0.0211 0.0746  0.1396  53  ILE A CG2 
287 C  CD1 . ILE A 36 ? 0.7584 0.5813 0.3887 -0.0006 0.0244  0.1046  53  ILE A CD1 
288 N  N   . ASN A 37 ? 0.5739 0.4402 0.3339 -0.0400 0.0898  0.1107  54  ASN A N   
289 C  CA  . ASN A 37 ? 0.5908 0.4755 0.3881 -0.0560 0.1057  0.1165  54  ASN A CA  
290 C  C   . ASN A 37 ? 0.6431 0.5128 0.4237 -0.0677 0.1260  0.1362  54  ASN A C   
291 O  O   . ASN A 37 ? 0.6759 0.5114 0.4137 -0.0633 0.1255  0.1479  54  ASN A O   
292 C  CB  . ASN A 37 ? 0.5697 0.4555 0.4016 -0.0652 0.0906  0.1109  54  ASN A CB  
293 C  CG  . ASN A 37 ? 0.5577 0.4635 0.4112 -0.0560 0.0755  0.0938  54  ASN A CG  
294 O  OD1 . ASN A 37 ? 0.5155 0.4429 0.3749 -0.0487 0.0813  0.0864  54  ASN A OD1 
295 N  ND2 . ASN A 37 ? 0.5440 0.4389 0.4054 -0.0545 0.0578  0.0881  54  ASN A ND2 
296 N  N   . LYS A 38 ? 0.6521 0.5500 0.4674 -0.0830 0.1440  0.1419  55  LYS A N   
297 C  CA  . LYS A 38 ? 0.7108 0.5993 0.5174 -0.0991 0.1659  0.1622  55  LYS A CA  
298 C  C   . LYS A 38 ? 0.7201 0.5612 0.5092 -0.1112 0.1569  0.1728  55  LYS A C   
299 O  O   . LYS A 38 ? 0.7596 0.5698 0.5129 -0.1149 0.1702  0.1909  55  LYS A O   
300 C  CB  . LYS A 38 ? 0.7459 0.6832 0.6047 -0.1169 0.1843  0.1667  55  LYS A CB  
301 C  CG  . LYS A 38 ? 0.7709 0.7484 0.6355 -0.1002 0.2036  0.1635  55  LYS A CG  
302 C  CD  . LYS A 38 ? 0.8154 0.8402 0.7204 -0.1156 0.2316  0.1782  55  LYS A CD  
303 C  CE  . LYS A 38 ? 0.8330 0.8936 0.7374 -0.0929 0.2557  0.1768  55  LYS A CE  
304 N  NZ  . LYS A 38 ? 0.8917 0.9717 0.7939 -0.1005 0.2922  0.1985  55  LYS A NZ  
305 N  N   . ASN A 39 ? 0.6607 0.4917 0.4695 -0.1147 0.1357  0.1620  56  ASN A N   
306 C  CA  . ASN A 39 ? 0.6935 0.4726 0.4819 -0.1212 0.1270  0.1694  56  ASN A CA  
307 C  C   . ASN A 39 ? 0.6980 0.4409 0.4398 -0.0955 0.1135  0.1723  56  ASN A C   
308 O  O   . ASN A 39 ? 0.7038 0.4015 0.4256 -0.0935 0.1063  0.1792  56  ASN A O   
309 C  CB  . ASN A 39 ? 0.6543 0.4335 0.4769 -0.1335 0.1115  0.1559  56  ASN A CB  
310 C  CG  . ASN A 39 ? 0.6284 0.4204 0.4594 -0.1125 0.0901  0.1373  56  ASN A CG  
311 O  OD1 . ASN A 39 ? 0.6040 0.4117 0.4235 -0.0922 0.0856  0.1324  56  ASN A OD1 
312 N  ND2 . ASN A 39 ? 0.6285 0.4124 0.4777 -0.1196 0.0773  0.1264  56  ASN A ND2 
313 N  N   . GLY A 40 ? 0.6586 0.4217 0.3839 -0.0756 0.1091  0.1662  57  GLY A N   
314 C  CA  . GLY A 40 ? 0.6865 0.4262 0.3687 -0.0533 0.0952  0.1705  57  GLY A CA  
315 C  C   . GLY A 40 ? 0.6407 0.3899 0.3382 -0.0385 0.0698  0.1554  57  GLY A C   
316 O  O   . GLY A 40 ? 0.6454 0.3878 0.3168 -0.0204 0.0549  0.1576  57  GLY A O   
317 N  N   . THR A 41 ? 0.6058 0.3741 0.3458 -0.0466 0.0648  0.1411  58  THR A N   
318 C  CA  . THR A 41 ? 0.5691 0.3524 0.3268 -0.0341 0.0449  0.1270  58  THR A CA  
319 C  C   . THR A 41 ? 0.5566 0.3752 0.3212 -0.0293 0.0413  0.1142  58  THR A C   
320 O  O   . THR A 41 ? 0.5708 0.3990 0.3248 -0.0332 0.0550  0.1155  58  THR A O   
321 C  CB  . THR A 41 ? 0.5649 0.3497 0.3577 -0.0439 0.0416  0.1171  58  THR A CB  
322 O  OG1 . THR A 41 ? 0.5131 0.3303 0.3371 -0.0589 0.0501  0.1085  58  THR A OG1 
323 C  CG2 . THR A 41 ? 0.6095 0.3482 0.3889 -0.0524 0.0471  0.1281  58  THR A CG2 
324 N  N   . TYR A 42 ? 0.5176 0.3523 0.2977 -0.0203 0.0245  0.1025  59  TYR A N   
325 C  CA  . TYR A 42 ? 0.5306 0.3904 0.3142 -0.0172 0.0191  0.0897  59  TYR A CA  
326 C  C   . TYR A 42 ? 0.4947 0.3742 0.3123 -0.0159 0.0073  0.0769  59  TYR A C   
327 O  O   . TYR A 42 ? 0.4907 0.3653 0.3209 -0.0118 -0.0003 0.0784  59  TYR A O   
328 C  CB  . TYR A 42 ? 0.5698 0.4244 0.3155 -0.0073 0.0085  0.0927  59  TYR A CB  
329 C  CG  . TYR A 42 ? 0.5662 0.4194 0.3083 0.0043  -0.0111 0.0985  59  TYR A CG  
330 C  CD1 . TYR A 42 ? 0.5960 0.4241 0.3173 0.0126  -0.0111 0.1154  59  TYR A CD1 
331 C  CD2 . TYR A 42 ? 0.5483 0.4257 0.3097 0.0080  -0.0286 0.0887  59  TYR A CD2 
332 C  CE1 . TYR A 42 ? 0.5996 0.4302 0.3210 0.0283  -0.0282 0.1225  59  TYR A CE1 
333 C  CE2 . TYR A 42 ? 0.5442 0.4299 0.3096 0.0204  -0.0454 0.0958  59  TYR A CE2 
334 C  CZ  . TYR A 42 ? 0.5691 0.4329 0.3144 0.0326  -0.0454 0.1128  59  TYR A CZ  
335 O  OH  . TYR A 42 ? 0.5521 0.4285 0.3043 0.0494  -0.0613 0.1212  59  TYR A OH  
336 N  N   . ASN A 43 ? 0.4940 0.3918 0.3218 -0.0178 0.0080  0.0651  60  ASN A N   
337 C  CA  . ASN A 43 ? 0.4723 0.3876 0.3302 -0.0183 0.0008  0.0542  60  ASN A CA  
338 C  C   . ASN A 43 ? 0.4580 0.3816 0.3100 -0.0143 -0.0138 0.0477  60  ASN A C   
339 O  O   . ASN A 43 ? 0.4620 0.3804 0.2878 -0.0146 -0.0155 0.0447  60  ASN A O   
340 C  CB  . ASN A 43 ? 0.4636 0.3911 0.3383 -0.0233 0.0133  0.0480  60  ASN A CB  
341 C  CG  . ASN A 43 ? 0.4734 0.4024 0.3633 -0.0318 0.0250  0.0548  60  ASN A CG  
342 O  OD1 . ASN A 43 ? 0.5540 0.4724 0.4498 -0.0358 0.0211  0.0589  60  ASN A OD1 
343 N  ND2 . ASN A 43 ? 0.5957 0.5375 0.4915 -0.0348 0.0398  0.0561  60  ASN A ND2 
344 N  N   . ILE A 44 ? 0.4154 0.3514 0.2905 -0.0121 -0.0237 0.0452  61  ILE A N   
345 C  CA  . ILE A 44 ? 0.3988 0.3492 0.2758 -0.0101 -0.0395 0.0433  61  ILE A CA  
346 C  C   . ILE A 44 ? 0.4016 0.3667 0.3023 -0.0152 -0.0417 0.0342  61  ILE A C   
347 O  O   . ILE A 44 ? 0.3784 0.3487 0.3012 -0.0134 -0.0368 0.0335  61  ILE A O   
348 C  CB  . ILE A 44 ? 0.4433 0.4003 0.3280 0.0006  -0.0483 0.0534  61  ILE A CB  
349 C  CG1 . ILE A 44 ? 0.4434 0.3791 0.2999 0.0072  -0.0461 0.0652  61  ILE A CG1 
350 C  CG2 . ILE A 44 ? 0.4141 0.3980 0.3082 0.0014  -0.0655 0.0533  61  ILE A CG2 
351 C  CD1 . ILE A 44 ? 0.4699 0.3989 0.3317 0.0212  -0.0482 0.0759  61  ILE A CD1 
352 N  N   . GLY A 45 ? 0.4078 0.3744 0.2982 -0.0227 -0.0485 0.0271  62  GLY A N   
353 C  CA  . GLY A 45 ? 0.4020 0.3793 0.3109 -0.0301 -0.0527 0.0206  62  GLY A CA  
354 C  C   . GLY A 45 ? 0.3506 0.3175 0.2661 -0.0313 -0.0401 0.0144  62  GLY A C   
355 O  O   . GLY A 45 ? 0.3593 0.3135 0.2648 -0.0274 -0.0284 0.0132  62  GLY A O   
356 N  N   . ILE A 46 ? 0.3560 0.3316 0.2903 -0.0359 -0.0418 0.0125  63  ILE A N   
357 C  CA  . ILE A 46 ? 0.3557 0.3181 0.2910 -0.0366 -0.0324 0.0075  63  ILE A CA  
358 C  C   . ILE A 46 ? 0.3111 0.2751 0.2562 -0.0267 -0.0213 0.0101  63  ILE A C   
359 O  O   . ILE A 46 ? 0.3746 0.3284 0.3134 -0.0227 -0.0122 0.0075  63  ILE A O   
360 C  CB  . ILE A 46 ? 0.3653 0.3330 0.3141 -0.0458 -0.0365 0.0069  63  ILE A CB  
361 C  CG1 . ILE A 46 ? 0.3951 0.3372 0.3327 -0.0471 -0.0281 0.0018  63  ILE A CG1 
362 C  CG2 . ILE A 46 ? 0.3512 0.3433 0.3273 -0.0411 -0.0356 0.0140  63  ILE A CG2 
363 C  CD1 . ILE A 46 ? 0.3932 0.3358 0.3424 -0.0574 -0.0295 0.0038  63  ILE A CD1 
364 N  N   . MSE A 47 ? 0.3252 0.3022 0.2850 -0.0228 -0.0224 0.0152  64  MSE A N   
365 C  CA  . MSE A 47 ? 0.2964 0.2756 0.2648 -0.0184 -0.0155 0.0167  64  MSE A CA  
366 C  C   . MSE A 47 ? 0.3080 0.2826 0.2685 -0.0186 -0.0122 0.0199  64  MSE A C   
367 O  O   . MSE A 47 ? 0.3296 0.3069 0.2983 -0.0196 -0.0080 0.0216  64  MSE A O   
368 C  CB  . MSE A 47 ? 0.2913 0.2784 0.2723 -0.0156 -0.0185 0.0187  64  MSE A CB  
369 C  CG  . MSE A 47 ? 0.3343 0.3284 0.3236 -0.0158 -0.0196 0.0184  64  MSE A CG  
370 SE SE  . MSE A 47 ? 0.4072 0.3962 0.3968 -0.0138 -0.0134 0.0165  64  MSE A SE  
371 C  CE  . MSE A 47 ? 0.3303 0.3266 0.3254 -0.0094 -0.0145 0.0169  64  MSE A CE  
372 N  N   . GLN A 48 ? 0.3447 0.3120 0.2878 -0.0194 -0.0146 0.0215  65  GLN A N   
373 C  CA  . GLN A 48 ? 0.3422 0.3011 0.2719 -0.0197 -0.0091 0.0269  65  GLN A CA  
374 C  C   . GLN A 48 ? 0.3537 0.3091 0.2912 -0.0202 -0.0091 0.0323  65  GLN A C   
375 O  O   . GLN A 48 ? 0.4126 0.3665 0.3555 -0.0254 -0.0016 0.0345  65  GLN A O   
376 C  CB  . GLN A 48 ? 0.3849 0.3442 0.3114 -0.0202 0.0040  0.0257  65  GLN A CB  
377 C  CG  . GLN A 48 ? 0.4186 0.3681 0.3242 -0.0176 0.0063  0.0198  65  GLN A CG  
378 C  CD  . GLN A 48 ? 0.4314 0.3675 0.3056 -0.0183 0.0035  0.0215  65  GLN A CD  
379 O  OE1 . GLN A 48 ? 0.5435 0.4740 0.4023 -0.0166 0.0148  0.0258  65  GLN A OE1 
380 N  NE2 . GLN A 48 ? 0.4231 0.3566 0.2877 -0.0210 -0.0115 0.0192  65  GLN A NE2 
381 N  N   . ILE A 49 ? 0.3570 0.3107 0.2951 -0.0149 -0.0171 0.0345  66  ILE A N   
382 C  CA  . ILE A 49 ? 0.3818 0.3216 0.3189 -0.0119 -0.0169 0.0388  66  ILE A CA  
383 C  C   . ILE A 49 ? 0.4110 0.3317 0.3269 -0.0119 -0.0139 0.0481  66  ILE A C   
384 O  O   . ILE A 49 ? 0.3846 0.3064 0.2851 -0.0073 -0.0183 0.0526  66  ILE A O   
385 C  CB  . ILE A 49 ? 0.4147 0.3610 0.3585 -0.0010 -0.0238 0.0396  66  ILE A CB  
386 C  CG1 . ILE A 49 ? 0.4163 0.3789 0.3778 -0.0022 -0.0238 0.0324  66  ILE A CG1 
387 C  CG2 . ILE A 49 ? 0.4585 0.3813 0.3934 0.0070  -0.0219 0.0440  66  ILE A CG2 
388 C  CD1 . ILE A 49 ? 0.4429 0.4236 0.4154 0.0063  -0.0287 0.0346  66  ILE A CD1 
389 N  N   . ASN A 50 ? 0.4131 0.3148 0.3255 -0.0186 -0.0072 0.0511  67  ASN A N   
390 C  CA  . ASN A 50 ? 0.4401 0.3191 0.3313 -0.0212 -0.0013 0.0618  67  ASN A CA  
391 C  C   . ASN A 50 ? 0.4566 0.3162 0.3302 -0.0062 -0.0077 0.0701  67  ASN A C   
392 O  O   . ASN A 50 ? 0.4556 0.3088 0.3351 0.0036  -0.0120 0.0679  67  ASN A O   
393 C  CB  . ASN A 50 ? 0.4457 0.3087 0.3408 -0.0365 0.0069  0.0631  67  ASN A CB  
394 C  CG  . ASN A 50 ? 0.4630 0.3015 0.3368 -0.0433 0.0165  0.0760  67  ASN A CG  
395 O  OD1 . ASN A 50 ? 0.5178 0.3204 0.3733 -0.0414 0.0168  0.0831  67  ASN A OD1 
396 N  ND2 . ASN A 50 ? 0.4645 0.3188 0.3376 -0.0501 0.0263  0.0800  67  ASN A ND2 
397 N  N   . SER A 51 ? 0.4635 0.3126 0.3131 -0.0025 -0.0069 0.0809  68  SER A N   
398 C  CA  . SER A 51 ? 0.4727 0.3037 0.3025 0.0146  -0.0135 0.0927  68  SER A CA  
399 C  C   . SER A 51 ? 0.5142 0.3047 0.3340 0.0195  -0.0083 0.0986  68  SER A C   
400 O  O   . SER A 51 ? 0.5275 0.3055 0.3368 0.0397  -0.0137 0.1070  68  SER A O   
401 C  CB  . SER A 51 ? 0.4910 0.3155 0.2906 0.0167  -0.0135 0.1043  68  SER A CB  
402 O  OG  . SER A 51 ? 0.5087 0.3127 0.2949 0.0020  0.0019  0.1093  68  SER A OG  
403 N  N   . SER A 52 ? 0.5470 0.3165 0.3689 0.0016  0.0017  0.0947  69  SER A N   
404 C  CA  . SER A 52 ? 0.5950 0.3176 0.4033 0.0020  0.0060  0.0967  69  SER A CA  
405 C  C   . SER A 52 ? 0.6093 0.3288 0.4249 0.0192  0.0005  0.0883  69  SER A C   
406 O  O   . SER A 52 ? 0.6152 0.2882 0.4096 0.0295  0.0039  0.0916  69  SER A O   
407 C  CB  . SER A 52 ? 0.6245 0.3327 0.4384 -0.0265 0.0145  0.0917  69  SER A CB  
408 O  OG  . SER A 52 ? 0.6235 0.3655 0.4664 -0.0359 0.0104  0.0763  69  SER A OG  
409 N  N   . HIS A 53 ? 0.5776 0.3417 0.4197 0.0230  -0.0059 0.0781  70  HIS A N   
410 C  CA  . HIS A 53 ? 0.5707 0.3413 0.4225 0.0402  -0.0085 0.0711  70  HIS A CA  
411 C  C   . HIS A 53 ? 0.5916 0.3807 0.4466 0.0684  -0.0142 0.0810  70  HIS A C   
412 O  O   . HIS A 53 ? 0.5529 0.3441 0.4140 0.0864  -0.0126 0.0783  70  HIS A O   
413 C  CB  . HIS A 53 ? 0.5549 0.3652 0.4336 0.0300  -0.0113 0.0580  70  HIS A CB  
414 C  CG  . HIS A 53 ? 0.5422 0.3440 0.4235 0.0065  -0.0084 0.0487  70  HIS A CG  
415 N  ND1 . HIS A 53 ? 0.5266 0.3578 0.4242 -0.0096 -0.0086 0.0463  70  HIS A ND1 
416 C  CD2 . HIS A 53 ? 0.5996 0.3683 0.4691 -0.0034 -0.0060 0.0413  70  HIS A CD2 
417 C  CE1 . HIS A 53 ? 0.5018 0.3266 0.4035 -0.0273 -0.0071 0.0398  70  HIS A CE1 
418 N  NE2 . HIS A 53 ? 0.5904 0.3771 0.4746 -0.0264 -0.0069 0.0360  70  HIS A NE2 
419 N  N   . LEU A 54 ? 0.5741 0.3780 0.4241 0.0731  -0.0205 0.0929  71  LEU A N   
420 C  CA  . LEU A 54 ? 0.5679 0.3994 0.4253 0.0981  -0.0297 0.1037  71  LEU A CA  
421 C  C   . LEU A 54 ? 0.6365 0.4367 0.4807 0.1271  -0.0248 0.1128  71  LEU A C   
422 O  O   . LEU A 54 ? 0.6734 0.5051 0.5376 0.1495  -0.0279 0.1163  71  LEU A O   
423 C  CB  . LEU A 54 ? 0.5820 0.4268 0.4263 0.0969  -0.0395 0.1152  71  LEU A CB  
424 C  CG  . LEU A 54 ? 0.5053 0.3852 0.3606 0.0751  -0.0457 0.1061  71  LEU A CG  
425 C  CD1 . LEU A 54 ? 0.5236 0.4016 0.3521 0.0712  -0.0521 0.1148  71  LEU A CD1 
426 C  CD2 . LEU A 54 ? 0.4903 0.4213 0.3788 0.0778  -0.0560 0.1003  71  LEU A CD2 
427 N  N   . ASP A 55 ? 0.6818 0.4195 0.4929 0.1270  -0.0156 0.1168  72  ASP A N   
428 C  CA  . ASP A 55 ? 0.7645 0.4580 0.5546 0.1562  -0.0087 0.1246  72  ASP A CA  
429 C  C   . ASP A 55 ? 0.7789 0.4759 0.5823 0.1681  -0.0016 0.1116  72  ASP A C   
430 O  O   . ASP A 55 ? 0.7796 0.4976 0.5948 0.2000  -0.0006 0.1183  72  ASP A O   
431 C  CB  . ASP A 55 ? 0.8386 0.4551 0.5874 0.1455  0.0011  0.1285  72  ASP A CB  
432 C  CG  . ASP A 55 ? 0.9349 0.4902 0.6530 0.1760  0.0099  0.1361  72  ASP A CG  
433 O  OD1 . ASP A 55 ? 1.0046 0.5679 0.7189 0.2099  0.0064  0.1537  72  ASP A OD1 
434 O  OD2 . ASP A 55 ? 0.9533 0.4501 0.6484 0.1664  0.0198  0.1247  72  ASP A OD2 
435 N  N   . LEU A 56 ? 0.7915 0.4718 0.5930 0.1435  0.0034  0.0939  73  LEU A N   
436 C  CA  . LEU A 56 ? 0.8252 0.5106 0.6346 0.1518  0.0097  0.0802  73  LEU A CA  
437 C  C   . LEU A 56 ? 0.7665 0.5254 0.6159 0.1679  0.0054  0.0840  73  LEU A C   
438 O  O   . LEU A 56 ? 0.8379 0.6039 0.6921 0.1967  0.0130  0.0864  73  LEU A O   
439 C  CB  . LEU A 56 ? 0.9094 0.5850 0.7172 0.1189  0.0100  0.0619  73  LEU A CB  
440 C  CG  . LEU A 56 ? 1.0283 0.7142 0.8414 0.1224  0.0146  0.0468  73  LEU A CG  
441 C  CD1 . LEU A 56 ? 1.1172 0.7510 0.9011 0.1003  0.0164  0.0306  73  LEU A CD1 
442 C  CD2 . LEU A 56 ? 0.9432 0.6986 0.7951 0.1123  0.0088  0.0439  73  LEU A CD2 
443 N  N   . LEU A 57 ? 0.6574 0.4687 0.5340 0.1499  -0.0055 0.0857  74  LEU A N   
444 C  CA  . LEU A 57 ? 0.6405 0.5201 0.5560 0.1545  -0.0104 0.0870  74  LEU A CA  
445 C  C   . LEU A 57 ? 0.6622 0.5776 0.5956 0.1852  -0.0141 0.1034  74  LEU A C   
446 O  O   . LEU A 57 ? 0.6228 0.5865 0.5877 0.1960  -0.0117 0.1048  74  LEU A O   
447 C  CB  . LEU A 57 ? 0.5954 0.5112 0.5283 0.1261  -0.0216 0.0836  74  LEU A CB  
448 C  CG  . LEU A 57 ? 0.5857 0.4870 0.5144 0.0994  -0.0179 0.0684  74  LEU A CG  
449 C  CD1 . LEU A 57 ? 0.5391 0.4590 0.4733 0.0763  -0.0261 0.0670  74  LEU A CD1 
450 C  CD2 . LEU A 57 ? 0.5470 0.4705 0.4933 0.1000  -0.0121 0.0595  74  LEU A CD2 
451 N  N   . SER A 58 ? 0.6760 0.5709 0.5909 0.1991  -0.0196 0.1175  75  SER A N   
452 C  CA  . SER A 58 ? 0.7509 0.6804 0.6815 0.2324  -0.0252 0.1361  75  SER A CA  
453 C  C   . SER A 58 ? 0.7965 0.7217 0.7325 0.2684  -0.0096 0.1389  75  SER A C   
454 O  O   . SER A 58 ? 0.7253 0.7116 0.6974 0.2909  -0.0122 0.1506  75  SER A O   
455 C  CB  . SER A 58 ? 0.8051 0.6996 0.7040 0.2438  -0.0322 0.1519  75  SER A CB  
456 O  OG  . SER A 58 ? 0.8600 0.6738 0.7169 0.2556  -0.0176 0.1514  75  SER A OG  
457 N  N   . LYS A 59 ? 0.8842 0.7391 0.7841 0.2729  0.0066  0.1280  76  LYS A N   
458 C  CA  . LYS A 59 ? 0.9785 0.8191 0.8742 0.3050  0.0251  0.1253  76  LYS A CA  
459 C  C   . LYS A 59 ? 0.9269 0.8393 0.8670 0.3043  0.0293  0.1214  76  LYS A C   
460 O  O   . LYS A 59 ? 0.9508 0.8895 0.9074 0.3384  0.0417  0.1289  76  LYS A O   
461 C  CB  . LYS A 59 ? 1.1052 0.8608 0.9529 0.2955  0.0385  0.1069  76  LYS A CB  
462 C  CG  . LYS A 59 ? 1.2599 0.9296 1.0577 0.2958  0.0397  0.1098  76  LYS A CG  
463 C  CD  . LYS A 59 ? 1.3464 0.9356 1.0989 0.2833  0.0515  0.0896  76  LYS A CD  
464 C  CE  . LYS A 59 ? 1.3280 0.9341 1.0906 0.2389  0.0446  0.0713  76  LYS A CE  
465 N  NZ  . LYS A 59 ? 1.3901 0.9178 1.1080 0.2146  0.0476  0.0547  76  LYS A NZ  
466 N  N   . PHE A 60 ? 0.8102 0.7520 0.7680 0.2666  0.0210  0.1106  77  PHE A N   
467 C  CA  . PHE A 60 ? 0.7383 0.7430 0.7353 0.2595  0.0248  0.1078  77  PHE A CA  
468 C  C   . PHE A 60 ? 0.6360 0.7221 0.6821 0.2498  0.0086  0.1203  77  PHE A C   
469 O  O   . PHE A 60 ? 0.6055 0.7395 0.6830 0.2330  0.0088  0.1174  77  PHE A O   
470 C  CB  . PHE A 60 ? 0.7972 0.7796 0.7804 0.2257  0.0262  0.0890  77  PHE A CB  
471 C  CG  . PHE A 60 ? 0.9119 0.8180 0.8469 0.2284  0.0379  0.0746  77  PHE A CG  
472 C  CD1 . PHE A 60 ? 1.0291 0.9122 0.9461 0.2584  0.0565  0.0717  77  PHE A CD1 
473 C  CD2 . PHE A 60 ? 0.9354 0.7932 0.8419 0.2003  0.0304  0.0638  77  PHE A CD2 
474 C  CE1 . PHE A 60 ? 1.1219 0.9286 0.9879 0.2583  0.0653  0.0561  77  PHE A CE1 
475 C  CE2 . PHE A 60 ? 1.0724 0.8622 0.9357 0.1979  0.0381  0.0498  77  PHE A CE2 
476 C  CZ  . PHE A 60 ? 1.1267 0.8877 0.9669 0.2257  0.0544  0.0449  77  PHE A CZ  
477 N  N   . ASN A 61 ? 0.6444 0.7441 0.6945 0.2588  -0.0064 0.1343  78  ASN A N   
478 C  CA  . ASN A 61 ? 0.6632 0.8412 0.7573 0.2502  -0.0252 0.1462  78  ASN A CA  
479 C  C   . ASN A 61 ? 0.5769 0.7667 0.6757 0.2056  -0.0386 0.1345  78  ASN A C   
480 O  O   . ASN A 61 ? 0.5572 0.8082 0.6939 0.1890  -0.0486 0.1371  78  ASN A O   
481 C  CB  . ASN A 61 ? 0.7194 0.9688 0.8630 0.2705  -0.0161 0.1565  78  ASN A CB  
482 C  CG  . ASN A 61 ? 0.7998 1.1328 0.9907 0.2715  -0.0368 0.1740  78  ASN A CG  
483 O  OD1 . ASN A 61 ? 0.8406 1.2356 1.0730 0.2473  -0.0435 0.1741  78  ASN A OD1 
484 N  ND2 . ASN A 61 ? 0.8736 1.2079 1.0575 0.2986  -0.0478 0.1896  78  ASN A ND2 
485 N  N   . ILE A 62 ? 0.5549 0.6842 0.6147 0.1863  -0.0381 0.1220  79  ILE A N   
486 C  CA  . ILE A 62 ? 0.5091 0.6411 0.5663 0.1495  -0.0495 0.1119  79  ILE A CA  
487 C  C   . ILE A 62 ? 0.5323 0.6378 0.5600 0.1445  -0.0626 0.1160  79  ILE A C   
488 O  O   . ILE A 62 ? 0.5789 0.6291 0.5722 0.1517  -0.0556 0.1159  79  ILE A O   
489 C  CB  . ILE A 62 ? 0.4691 0.5648 0.5111 0.1304  -0.0372 0.0951  79  ILE A CB  
490 C  CG1 . ILE A 62 ? 0.4681 0.5913 0.5349 0.1350  -0.0244 0.0924  79  ILE A CG1 
491 C  CG2 . ILE A 62 ? 0.4628 0.5572 0.4994 0.0985  -0.0473 0.0863  79  ILE A CG2 
492 C  CD1 . ILE A 62 ? 0.4706 0.5471 0.5118 0.1339  -0.0090 0.0794  79  ILE A CD1 
493 N  N   . SER A 63 ? 0.5225 0.6670 0.5618 0.1314  -0.0816 0.1202  80  SER A N   
494 C  CA  . SER A 63 ? 0.5224 0.6486 0.5316 0.1282  -0.0950 0.1257  80  SER A CA  
495 C  C   . SER A 63 ? 0.4892 0.5880 0.4749 0.0975  -0.0955 0.1114  80  SER A C   
496 O  O   . SER A 63 ? 0.4196 0.5189 0.4162 0.0791  -0.0884 0.0983  80  SER A O   
497 C  CB  . SER A 63 ? 0.5208 0.7055 0.5510 0.1320  -0.1177 0.1377  80  SER A CB  
498 O  OG  . SER A 63 ? 0.5261 0.7502 0.5810 0.1037  -0.1275 0.1282  80  SER A OG  
499 N  N   . GLU A 64 ? 0.5115 0.5877 0.4633 0.0944  -0.1033 0.1154  81  GLU A N   
500 C  CA  . GLU A 64 ? 0.5280 0.5826 0.4563 0.0694  -0.1029 0.1034  81  GLU A CA  
501 C  C   . GLU A 64 ? 0.5316 0.6236 0.4763 0.0484  -0.1169 0.0943  81  GLU A C   
502 O  O   . GLU A 64 ? 0.4927 0.5716 0.4342 0.0294  -0.1102 0.0806  81  GLU A O   
503 C  CB  . GLU A 64 ? 0.5782 0.6025 0.4636 0.0726  -0.1065 0.1116  81  GLU A CB  
504 C  CG  . GLU A 64 ? 0.6185 0.6138 0.4777 0.0517  -0.0977 0.1000  81  GLU A CG  
505 C  CD  . GLU A 64 ? 0.6775 0.6435 0.4914 0.0541  -0.0978 0.1089  81  GLU A CD  
506 O  OE1 . GLU A 64 ? 0.7682 0.7169 0.5666 0.0723  -0.0976 0.1249  81  GLU A OE1 
507 O  OE2 . GLU A 64 ? 0.7250 0.6819 0.5156 0.0388  -0.0965 0.1002  81  GLU A OE2 
508 N  N   . ASP A 65 ? 0.5142 0.6516 0.4760 0.0518  -0.1367 0.1025  82  ASP A N   
509 C  CA  . ASP A 65 ? 0.5388 0.7092 0.5154 0.0275  -0.1520 0.0937  82  ASP A CA  
510 C  C   . ASP A 65 ? 0.5187 0.6999 0.5282 0.0149  -0.1397 0.0843  82  ASP A C   
511 O  O   . ASP A 65 ? 0.4710 0.6409 0.4734 -0.0090 -0.1401 0.0711  82  ASP A O   
512 C  CB  . ASP A 65 ? 0.6029 0.8313 0.6031 0.0320  -0.1767 0.1059  82  ASP A CB  
513 C  CG  . ASP A 65 ? 0.6604 0.9140 0.6653 0.0007  -0.1962 0.0956  82  ASP A CG  
514 O  OD1 . ASP A 65 ? 0.7540 0.9812 0.7153 -0.0127 -0.2076 0.0877  82  ASP A OD1 
515 O  OD2 . ASP A 65 ? 0.7435 1.0390 0.7921 -0.0118 -0.1988 0.0949  82  ASP A OD2 
516 N  N   . ASP A 66 ? 0.4856 0.6842 0.5259 0.0328  -0.1278 0.0917  83  ASP A N   
517 C  CA  . ASP A 66 ? 0.4918 0.6962 0.5578 0.0253  -0.1127 0.0850  83  ASP A CA  
518 C  C   . ASP A 66 ? 0.4611 0.6164 0.5017 0.0125  -0.0987 0.0708  83  ASP A C   
519 O  O   . ASP A 66 ? 0.4489 0.6045 0.4960 -0.0068 -0.0967 0.0621  83  ASP A O   
520 C  CB  . ASP A 66 ? 0.4890 0.7023 0.5753 0.0522  -0.0976 0.0938  83  ASP A CB  
521 C  CG  . ASP A 66 ? 0.5216 0.7940 0.6446 0.0679  -0.1064 0.1090  83  ASP A CG  
522 O  OD1 . ASP A 66 ? 0.6216 0.9415 0.7717 0.0494  -0.1212 0.1109  83  ASP A OD1 
523 O  OD2 . ASP A 66 ? 0.5826 0.8544 0.7081 0.0989  -0.0985 0.1196  83  ASP A OD2 
524 N  N   . LEU A 67 ? 0.4278 0.5424 0.4418 0.0236  -0.0888 0.0700  84  LEU A N   
525 C  CA  . LEU A 67 ? 0.4192 0.4951 0.4132 0.0131  -0.0765 0.0587  84  LEU A CA  
526 C  C   . LEU A 67 ? 0.4313 0.4955 0.4054 -0.0064 -0.0825 0.0496  84  LEU A C   
527 O  O   . LEU A 67 ? 0.3971 0.4438 0.3668 -0.0162 -0.0734 0.0403  84  LEU A O   
528 C  CB  . LEU A 67 ? 0.4434 0.4828 0.4133 0.0239  -0.0676 0.0615  84  LEU A CB  
529 C  CG  . LEU A 67 ? 0.4867 0.5097 0.4604 0.0389  -0.0557 0.0640  84  LEU A CG  
530 C  CD1 . LEU A 67 ? 0.4989 0.4804 0.4461 0.0357  -0.0474 0.0625  84  LEU A CD1 
531 C  CD2 . LEU A 67 ? 0.4499 0.4813 0.4426 0.0354  -0.0471 0.0565  84  LEU A CD2 
532 N  N   . LEU A 68 ? 0.4400 0.5103 0.3971 -0.0092 -0.0974 0.0524  85  LEU A N   
533 C  CA  . LEU A 68 ? 0.4675 0.5175 0.3941 -0.0246 -0.1019 0.0426  85  LEU A CA  
534 C  C   . LEU A 68 ? 0.4812 0.5452 0.4200 -0.0445 -0.1106 0.0340  85  LEU A C   
535 O  O   . LEU A 68 ? 0.5319 0.5686 0.4528 -0.0563 -0.1046 0.0224  85  LEU A O   
536 C  CB  . LEU A 68 ? 0.4802 0.5271 0.3756 -0.0203 -0.1154 0.0486  85  LEU A CB  
537 C  CG  . LEU A 68 ? 0.5321 0.5530 0.3850 -0.0336 -0.1197 0.0378  85  LEU A CG  
538 C  CD1 . LEU A 68 ? 0.5268 0.5109 0.3594 -0.0302 -0.0971 0.0329  85  LEU A CD1 
539 C  CD2 . LEU A 68 ? 0.5335 0.5586 0.3543 -0.0300 -0.1380 0.0448  85  LEU A CD2 
540 N  N   . ASN A 69 ? 0.4529 0.5589 0.4219 -0.0480 -0.1242 0.0406  86  ASN A N   
541 C  CA  . ASN A 69 ? 0.4829 0.6053 0.4630 -0.0722 -0.1365 0.0345  86  ASN A CA  
542 C  C   . ASN A 69 ? 0.4749 0.6230 0.4971 -0.0775 -0.1281 0.0377  86  ASN A C   
543 O  O   . ASN A 69 ? 0.5090 0.6679 0.5425 -0.1008 -0.1357 0.0338  86  ASN A O   
544 C  CB  . ASN A 69 ? 0.4995 0.6596 0.4834 -0.0785 -0.1630 0.0405  86  ASN A CB  
545 C  CG  . ASN A 69 ? 0.5299 0.6617 0.4632 -0.0771 -0.1734 0.0363  86  ASN A CG  
546 O  OD1 . ASN A 69 ? 0.6306 0.7177 0.5241 -0.0873 -0.1682 0.0226  86  ASN A OD1 
547 N  ND2 . ASN A 69 ? 0.5661 0.7221 0.4980 -0.0620 -0.1866 0.0490  86  ASN A ND2 
548 N  N   . ASP A 70 ? 0.4223 0.5775 0.4646 -0.0578 -0.1122 0.0451  87  ASP A N   
549 C  CA  . ASP A 70 ? 0.4003 0.5759 0.4756 -0.0610 -0.1012 0.0485  87  ASP A CA  
550 C  C   . ASP A 70 ? 0.4028 0.5414 0.4656 -0.0542 -0.0812 0.0427  87  ASP A C   
551 O  O   . ASP A 70 ? 0.3927 0.5224 0.4534 -0.0346 -0.0704 0.0454  87  ASP A O   
552 C  CB  . ASP A 70 ? 0.3941 0.6197 0.5072 -0.0440 -0.1009 0.0628  87  ASP A CB  
553 C  CG  . ASP A 70 ? 0.3682 0.6241 0.5166 -0.0515 -0.0907 0.0677  87  ASP A CG  
554 O  OD1 . ASP A 70 ? 0.3333 0.5605 0.4727 -0.0550 -0.0752 0.0624  87  ASP A OD1 
555 O  OD2 . ASP A 70 ? 0.3952 0.7063 0.5813 -0.0530 -0.0975 0.0787  87  ASP A OD2 
556 N  N   . ALA A 71 ? 0.4628 0.5787 0.5162 -0.0716 -0.0775 0.0351  88  ALA A N   
557 C  CA  . ALA A 71 ? 0.3983 0.4775 0.4346 -0.0661 -0.0623 0.0294  88  ALA A CA  
558 C  C   . ALA A 71 ? 0.3996 0.4911 0.4543 -0.0523 -0.0488 0.0357  88  ALA A C   
559 O  O   . ALA A 71 ? 0.3752 0.4459 0.4172 -0.0397 -0.0397 0.0332  88  ALA A O   
560 C  CB  . ALA A 71 ? 0.4256 0.4776 0.4482 -0.0848 -0.0609 0.0223  88  ALA A CB  
561 N  N   . CYS A 72 ? 0.3496 0.4753 0.4327 -0.0558 -0.0469 0.0439  89  CYS A N   
562 C  CA  . CYS A 72 ? 0.3784 0.5135 0.4731 -0.0416 -0.0319 0.0496  89  CYS A CA  
563 C  C   . CYS A 72 ? 0.3166 0.4554 0.4094 -0.0177 -0.0289 0.0517  89  CYS A C   
564 O  O   . CYS A 72 ? 0.3517 0.4729 0.4329 -0.0049 -0.0180 0.0497  89  CYS A O   
565 C  CB  . CYS A 72 ? 0.4673 0.6407 0.5935 -0.0507 -0.0271 0.0594  89  CYS A CB  
566 S  SG  . CYS A 72 ? 0.6404 0.7894 0.7583 -0.0790 -0.0255 0.0568  89  CYS A SG  
567 N  N   . ILE A 73 ? 0.2850 0.4413 0.3844 -0.0121 -0.0395 0.0554  90  ILE A N   
568 C  CA  . ILE A 73 ? 0.3483 0.4967 0.4392 0.0110  -0.0368 0.0578  90  ILE A CA  
569 C  C   . ILE A 73 ? 0.3170 0.4201 0.3761 0.0112  -0.0353 0.0490  90  ILE A C   
570 O  O   . ILE A 73 ? 0.3131 0.3939 0.3594 0.0224  -0.0264 0.0462  90  ILE A O   
571 C  CB  . ILE A 73 ? 0.3565 0.5346 0.4607 0.0189  -0.0494 0.0668  90  ILE A CB  
572 C  CG1 . ILE A 73 ? 0.3631 0.5956 0.5071 0.0233  -0.0471 0.0779  90  ILE A CG1 
573 C  CG2 . ILE A 73 ? 0.3945 0.5497 0.4803 0.0422  -0.0469 0.0695  90  ILE A CG2 
574 C  CD1 . ILE A 73 ? 0.4042 0.6818 0.5710 0.0248  -0.0646 0.0882  90  ILE A CD1 
575 N  N   . ASN A 74 ? 0.3193 0.4089 0.3650 -0.0029 -0.0434 0.0440  91  ASN A N   
576 C  CA  . ASN A 74 ? 0.3078 0.3630 0.3292 -0.0032 -0.0402 0.0376  91  ASN A CA  
577 C  C   . ASN A 74 ? 0.3318 0.3720 0.3502 -0.0021 -0.0296 0.0328  91  ASN A C   
578 O  O   . ASN A 74 ? 0.3067 0.3292 0.3147 0.0052  -0.0251 0.0309  91  ASN A O   
579 C  CB  . ASN A 74 ? 0.3108 0.3548 0.3173 -0.0169 -0.0466 0.0325  91  ASN A CB  
580 C  CG  . ASN A 74 ? 0.3476 0.3653 0.3329 -0.0150 -0.0420 0.0291  91  ASN A CG  
581 O  OD1 . ASN A 74 ? 0.3218 0.3267 0.3040 -0.0168 -0.0341 0.0246  91  ASN A OD1 
582 N  ND2 . ASN A 74 ? 0.3586 0.3705 0.3294 -0.0113 -0.0466 0.0330  91  ASN A ND2 
583 N  N   . ILE A 75 ? 0.3023 0.3489 0.3284 -0.0101 -0.0267 0.0317  92  ILE A N   
584 C  CA  . ILE A 75 ? 0.2717 0.3066 0.2926 -0.0085 -0.0187 0.0289  92  ILE A CA  
585 C  C   . ILE A 75 ? 0.2549 0.2906 0.2748 0.0047  -0.0125 0.0301  92  ILE A C   
586 O  O   . ILE A 75 ? 0.2963 0.3149 0.3030 0.0079  -0.0105 0.0255  92  ILE A O   
587 C  CB  . ILE A 75 ? 0.2971 0.3350 0.3232 -0.0184 -0.0159 0.0304  92  ILE A CB  
588 C  CG1 . ILE A 75 ? 0.3499 0.3721 0.3660 -0.0293 -0.0204 0.0260  92  ILE A CG1 
589 C  CG2 . ILE A 75 ? 0.3423 0.3706 0.3610 -0.0131 -0.0081 0.0306  92  ILE A CG2 
590 C  CD1 . ILE A 75 ? 0.3656 0.3864 0.3856 -0.0434 -0.0201 0.0278  92  ILE A CD1 
591 N  N   . SER A 76 ? 0.3139 0.3696 0.3468 0.0126  -0.0095 0.0358  93  SER A N   
592 C  CA  . SER A 76 ? 0.3272 0.3781 0.3531 0.0285  -0.0008 0.0359  93  SER A CA  
593 C  C   . SER A 76 ? 0.3374 0.3622 0.3454 0.0376  -0.0029 0.0318  93  SER A C   
594 O  O   . SER A 76 ? 0.3185 0.3200 0.3068 0.0442  0.0018  0.0260  93  SER A O   
595 C  CB  . SER A 76 ? 0.3729 0.4567 0.4201 0.0382  0.0066  0.0449  93  SER A CB  
596 O  OG  . SER A 76 ? 0.5100 0.6164 0.5753 0.0401  -0.0010 0.0511  93  SER A OG  
597 N  N   . VAL A 77 ? 0.3245 0.3486 0.3346 0.0363  -0.0103 0.0345  94  VAL A N   
598 C  CA  . VAL A 77 ? 0.3300 0.3235 0.3208 0.0420  -0.0113 0.0325  94  VAL A CA  
599 C  C   . VAL A 77 ? 0.3447 0.3142 0.3208 0.0284  -0.0128 0.0245  94  VAL A C   
600 O  O   . VAL A 77 ? 0.3314 0.2723 0.2893 0.0296  -0.0111 0.0197  94  VAL A O   
601 C  CB  . VAL A 77 ? 0.3590 0.3577 0.3524 0.0443  -0.0186 0.0401  94  VAL A CB  
602 C  CG1 . VAL A 77 ? 0.3955 0.3564 0.3655 0.0471  -0.0180 0.0399  94  VAL A CG1 
603 C  CG2 . VAL A 77 ? 0.3763 0.4043 0.3875 0.0606  -0.0187 0.0494  94  VAL A CG2 
604 N  N   . ALA A 78 ? 0.3434 0.3243 0.3271 0.0155  -0.0160 0.0232  95  ALA A N   
605 C  CA  . ALA A 78 ? 0.3502 0.3206 0.3280 0.0048  -0.0172 0.0180  95  ALA A CA  
606 C  C   . ALA A 78 ? 0.3666 0.3302 0.3366 0.0060  -0.0160 0.0125  95  ALA A C   
607 O  O   . ALA A 78 ? 0.4202 0.3693 0.3806 -0.0007 -0.0188 0.0077  95  ALA A O   
608 C  CB  . ALA A 78 ? 0.3712 0.3556 0.3580 -0.0030 -0.0182 0.0186  95  ALA A CB  
609 N  N   . GLY A 79 ? 0.3801 0.3554 0.3531 0.0128  -0.0123 0.0136  96  GLY A N   
610 C  CA  . GLY A 79 ? 0.3540 0.3218 0.3126 0.0164  -0.0103 0.0090  96  GLY A CA  
611 C  C   . GLY A 79 ? 0.3647 0.3053 0.3015 0.0222  -0.0095 0.0027  96  GLY A C   
612 O  O   . GLY A 79 ? 0.4336 0.3577 0.3531 0.0161  -0.0145 -0.0048 96  GLY A O   
613 N  N   . TYR A 80 ? 0.4176 0.3514 0.3536 0.0341  -0.0039 0.0059  97  TYR A N   
614 C  CA  . TYR A 80 ? 0.4321 0.3301 0.3423 0.0432  -0.0009 0.0002  97  TYR A CA  
615 C  C   . TYR A 80 ? 0.4584 0.3276 0.3561 0.0279  -0.0086 -0.0050 97  TYR A C   
616 O  O   . TYR A 80 ? 0.4948 0.3293 0.3653 0.0242  -0.0104 -0.0144 97  TYR A O   
617 C  CB  . TYR A 80 ? 0.4858 0.3869 0.4026 0.0627  0.0067  0.0083  97  TYR A CB  
618 C  CG  . TYR A 80 ? 0.5577 0.4135 0.4448 0.0767  0.0119  0.0042  97  TYR A CG  
619 C  CD1 . TYR A 80 ? 0.6634 0.4996 0.5268 0.0950  0.0227  -0.0015 97  TYR A CD1 
620 C  CD2 . TYR A 80 ? 0.6500 0.4776 0.5284 0.0731  0.0079  0.0065  97  TYR A CD2 
621 C  CE1 . TYR A 80 ? 0.7589 0.5441 0.5890 0.1101  0.0290  -0.0064 97  TYR A CE1 
622 C  CE2 . TYR A 80 ? 0.7540 0.5305 0.6004 0.0861  0.0136  0.0034  97  TYR A CE2 
623 C  CZ  . TYR A 80 ? 0.8064 0.5600 0.6283 0.1052  0.0239  -0.0038 97  TYR A CZ  
624 O  OH  . TYR A 80 ? 0.9245 0.6190 0.7093 0.1204  0.0310  -0.0079 97  TYR A OH  
625 N  N   . ILE A 81 ? 0.4160 0.2983 0.3316 0.0176  -0.0127 0.0012  98  ILE A N   
626 C  CA  . ILE A 81 ? 0.4605 0.3205 0.3687 0.0018  -0.0171 -0.0005 98  ILE A CA  
627 C  C   . ILE A 81 ? 0.4358 0.3026 0.3451 -0.0163 -0.0248 -0.0078 98  ILE A C   
628 O  O   . ILE A 81 ? 0.4960 0.3354 0.3883 -0.0286 -0.0294 -0.0147 98  ILE A O   
629 C  CB  . ILE A 81 ? 0.4744 0.3489 0.3984 -0.0031 -0.0170 0.0090  98  ILE A CB  
630 C  CG1 . ILE A 81 ? 0.5176 0.3848 0.4374 0.0142  -0.0132 0.0172  98  ILE A CG1 
631 C  CG2 . ILE A 81 ? 0.5114 0.3675 0.4302 -0.0220 -0.0186 0.0091  98  ILE A CG2 
632 C  CD1 . ILE A 81 ? 0.5242 0.4122 0.4564 0.0123  -0.0150 0.0261  98  ILE A CD1 
633 N  N   . LEU A 82 ? 0.3875 0.2896 0.3161 -0.0176 -0.0270 -0.0057 99  LEU A N   
634 C  CA  . LEU A 82 ? 0.4287 0.3469 0.3628 -0.0301 -0.0356 -0.0098 99  LEU A CA  
635 C  C   . LEU A 82 ? 0.4584 0.3576 0.3665 -0.0301 -0.0413 -0.0196 99  LEU A C   
636 O  O   . LEU A 82 ? 0.5300 0.4275 0.4332 -0.0458 -0.0521 -0.0256 99  LEU A O   
637 C  CB  . LEU A 82 ? 0.4186 0.3713 0.3721 -0.0243 -0.0348 -0.0042 99  LEU A CB  
638 C  CG  . LEU A 82 ? 0.4556 0.4258 0.4298 -0.0250 -0.0301 0.0032  99  LEU A CG  
639 C  CD1 . LEU A 82 ? 0.4835 0.4699 0.4652 -0.0155 -0.0266 0.0072  99  LEU A CD1 
640 C  CD2 . LEU A 82 ? 0.4810 0.4677 0.4707 -0.0377 -0.0332 0.0050  99  LEU A CD2 
641 N  N   . ALA A 83 ? 0.5042 0.3915 0.3952 -0.0130 -0.0341 -0.0213 100 ALA A N   
642 C  CA  . ALA A 83 ? 0.5732 0.4344 0.4291 -0.0092 -0.0364 -0.0320 100 ALA A CA  
643 C  C   . ALA A 83 ? 0.6146 0.4259 0.4390 -0.0148 -0.0378 -0.0424 100 ALA A C   
644 O  O   . ALA A 83 ? 0.7075 0.4913 0.4972 -0.0172 -0.0430 -0.0542 100 ALA A O   
645 C  CB  . ALA A 83 ? 0.6135 0.4790 0.4607 0.0127  -0.0239 -0.0290 100 ALA A CB  
646 N  N   . SER A 84 ? 0.6366 0.4299 0.4665 -0.0167 -0.0334 -0.0384 101 SER A N   
647 C  CA  . SER A 84 ? 0.6921 0.4283 0.4879 -0.0220 -0.0334 -0.0472 101 SER A CA  
648 C  C   . SER A 84 ? 0.7593 0.4894 0.5619 -0.0538 -0.0453 -0.0493 101 SER A C   
649 O  O   . SER A 84 ? 0.7195 0.4948 0.5557 -0.0675 -0.0520 -0.0433 101 SER A O   
650 C  CB  . SER A 84 ? 0.7324 0.4474 0.5254 -0.0016 -0.0200 -0.0392 101 SER A CB  
651 O  OG  . SER A 84 ? 0.7496 0.4805 0.5692 -0.0104 -0.0203 -0.0276 101 SER A OG  
652 N  N   . ASN A 85 ? 0.8801 0.5544 0.6516 -0.0663 -0.0472 -0.0573 102 ASN A N   
653 C  CA  . ASN A 85 ? 0.9328 0.6063 0.7184 -0.0998 -0.0559 -0.0555 102 ASN A CA  
654 C  C   . ASN A 85 ? 0.9340 0.5891 0.7273 -0.0994 -0.0447 -0.0425 102 ASN A C   
655 O  O   . ASN A 85 ? 0.9686 0.5899 0.7521 -0.1235 -0.0466 -0.0424 102 ASN A O   
656 C  CB  . ASN A 85 ? 1.0227 0.6542 0.7749 -0.1272 -0.0700 -0.0719 102 ASN A CB  
657 C  CG  . ASN A 85 ? 1.0949 0.6468 0.7899 -0.1148 -0.0633 -0.0841 102 ASN A CG  
658 O  OD1 . ASN A 85 ? 1.1060 0.6394 0.7904 -0.0828 -0.0472 -0.0786 102 ASN A OD1 
659 N  ND2 . ASN A 85 ? 1.2473 0.7519 0.9040 -0.1390 -0.0758 -0.1010 102 ASN A ND2 
660 N  N   . ILE A 86 ? 0.8766 0.5550 0.6863 -0.0739 -0.0340 -0.0307 103 ILE A N   
661 C  CA  . ILE A 86 ? 0.8979 0.5781 0.7213 -0.0729 -0.0259 -0.0157 103 ILE A CA  
662 C  C   . ILE A 86 ? 0.8603 0.5967 0.7235 -0.0918 -0.0296 -0.0087 103 ILE A C   
663 O  O   . ILE A 86 ? 0.8934 0.6758 0.7785 -0.0884 -0.0344 -0.0111 103 ILE A O   
664 C  CB  . ILE A 86 ? 0.9183 0.6117 0.7465 -0.0400 -0.0170 -0.0063 103 ILE A CB  
665 C  CG1 . ILE A 86 ? 1.0015 0.6513 0.7969 -0.0146 -0.0108 -0.0113 103 ILE A CG1 
666 C  CG2 . ILE A 86 ? 0.9415 0.6338 0.7762 -0.0387 -0.0111 0.0091  103 ILE A CG2 
667 C  CD1 . ILE A 86 ? 0.9488 0.6322 0.7595 0.0162  -0.0047 -0.0036 103 ILE A CD1 
668 N  N   . LYS A 87 ? 0.9106 0.6418 0.7813 -0.1097 -0.0254 0.0008  104 LYS A N   
669 C  CA  . LYS A 87 ? 0.8329 0.6183 0.7408 -0.1223 -0.0239 0.0095  104 LYS A CA  
670 C  C   . LYS A 87 ? 0.7861 0.6022 0.7062 -0.0978 -0.0172 0.0173  104 LYS A C   
671 O  O   . LYS A 87 ? 0.8134 0.6065 0.7169 -0.0823 -0.0111 0.0242  104 LYS A O   
672 C  CB  . LYS A 87 ? 0.8894 0.6598 0.7992 -0.1462 -0.0170 0.0197  104 LYS A CB  
673 C  CG  . LYS A 87 ? 0.9938 0.7351 0.8948 -0.1786 -0.0246 0.0126  104 LYS A CG  
674 C  CD  . LYS A 87 ? 1.0458 0.7702 0.9490 -0.2038 -0.0148 0.0258  104 LYS A CD  
675 C  CE  . LYS A 87 ? 1.1190 0.7950 1.0032 -0.2380 -0.0222 0.0183  104 LYS A CE  
676 N  NZ  . LYS A 87 ? 1.0878 0.8103 1.0024 -0.2657 -0.0380 0.0092  104 LYS A NZ  
677 N  N   . TYR A 88 ? 0.7701 0.6355 0.7166 -0.0944 -0.0194 0.0166  105 TYR A N   
678 C  CA  . TYR A 88 ? 0.6867 0.5751 0.6401 -0.0735 -0.0154 0.0206  105 TYR A CA  
679 C  C   . TYR A 88 ? 0.7580 0.6454 0.7088 -0.0715 -0.0061 0.0318  105 TYR A C   
680 O  O   . TYR A 88 ? 0.8180 0.7080 0.7744 -0.0867 0.0001  0.0382  105 TYR A O   
681 C  CB  . TYR A 88 ? 0.5831 0.5151 0.5606 -0.0712 -0.0184 0.0179  105 TYR A CB  
682 C  CG  . TYR A 88 ? 0.6066 0.5534 0.5864 -0.0530 -0.0154 0.0195  105 TYR A CG  
683 C  CD1 . TYR A 88 ? 0.6527 0.5926 0.6240 -0.0393 -0.0187 0.0155  105 TYR A CD1 
684 C  CD2 . TYR A 88 ? 0.5892 0.5549 0.5778 -0.0504 -0.0087 0.0249  105 TYR A CD2 
685 C  CE1 . TYR A 88 ? 0.6509 0.6049 0.6264 -0.0280 -0.0172 0.0173  105 TYR A CE1 
686 C  CE2 . TYR A 88 ? 0.5971 0.5691 0.5831 -0.0378 -0.0079 0.0245  105 TYR A CE2 
687 C  CZ  . TYR A 88 ? 0.6187 0.5859 0.6000 -0.0287 -0.0131 0.0209  105 TYR A CZ  
688 O  OH  . TYR A 88 ? 0.6302 0.6045 0.6112 -0.0213 -0.0135 0.0208  105 TYR A OH  
# 
